data_8VH8
#
_entry.id   8VH8
#
_cell.length_a   118.570
_cell.length_b   118.570
_cell.length_c   262.356
_cell.angle_alpha   90.000
_cell.angle_beta   90.000
_cell.angle_gamma   90.000
#
_symmetry.space_group_name_H-M   'P 43'
#
loop_
_entity.id
_entity.type
_entity.pdbx_description
1 polymer 'Heparosan synthase B'
2 non-polymer 'MANGANESE (II) ION'
3 non-polymer "URIDINE-5'-DIPHOSPHATE"
4 non-polymer 'SODIUM ION'
5 non-polymer 'CHLORIDE ION'
6 non-polymer 1,2-ETHANEDIOL
7 non-polymer 'CALCIUM ION'
8 water water
#
_entity_poly.entity_id   1
_entity_poly.type   'polypeptide(L)'
_entity_poly.pdbx_seq_one_letter_code
;GSAAADKQTTSITDLYNEVAKSDLGLVKETNSANPLVSIIMTSHNTAQFIEASINSLLLQTYKNIEIIIVDDDSSDNTFE
IASRIANTTSKVRVFRLNSNLGTYFAKNTGILKSKGDIIFFQDSDDVCHHERIERCVNILLANKETIAVRCAYSRLAPET
QHIIKVNNMDYRLGFITLGMHRKVFQEIGFFNCTTKGSDDEFFHRIAKYYGKEKIKNLLLPLYYNTMRENSLFTDMVEWI
DNHNIIQKMSDTRQHYATLFQAMHNETASHDFKNLFQFPRIYDALPVPQEMSKLSNPKIPVYINICSIPSRIAQLRRIIG
ILKNQCDHFHIYLDGYVEIPDFIKNLGNKATVVHCKDKDNSIRDNGKFILLEELIEKNQDGYYITCDDDIIYPSDYINTM
IKKLNEYDDKAVIGLHGILFPSRMTKYFSADRLVYSFYKPLEKDKAVNVLGTGTVSFRVSLFNQFSLSDFTHSGMADIYF
SLLCKKNNILQICISRPANWLTEDNRDSETLYHQYRDNDEQQTQLIMENGPWGYSSIYPLVKNHPKFTDLIP
;
_entity_poly.pdbx_strand_id   A,B,C,D
#
loop_
_chem_comp.id
_chem_comp.type
_chem_comp.name
_chem_comp.formula
CA non-polymer 'CALCIUM ION' 'Ca 2'
CL non-polymer 'CHLORIDE ION' 'Cl -1'
EDO non-polymer 1,2-ETHANEDIOL 'C2 H6 O2'
MN non-polymer 'MANGANESE (II) ION' 'Mn 2'
NA non-polymer 'SODIUM ION' 'Na 1'
UDP RNA linking URIDINE-5'-DIPHOSPHATE 'C9 H14 N2 O12 P2'
#
# COMPACT_ATOMS: atom_id res chain seq x y z
CA THR A 9 -25.69 -13.56 32.01
C THR A 9 -24.73 -14.75 32.12
N THR A 10 -23.43 -14.47 32.06
CA THR A 10 -22.36 -15.46 32.21
C THR A 10 -21.50 -15.07 33.42
N SER A 11 -20.91 -16.05 34.09
CA SER A 11 -20.26 -15.83 35.38
C SER A 11 -18.85 -16.41 35.39
N ILE A 12 -18.08 -15.99 36.40
CA ILE A 12 -16.73 -16.51 36.60
C ILE A 12 -16.77 -18.01 36.85
N THR A 13 -17.85 -18.52 37.43
CA THR A 13 -17.96 -19.96 37.65
C THR A 13 -17.98 -20.72 36.33
N ASP A 14 -18.60 -20.14 35.30
CA ASP A 14 -18.61 -20.78 33.99
C ASP A 14 -17.21 -20.87 33.39
N LEU A 15 -16.39 -19.83 33.58
CA LEU A 15 -15.01 -19.88 33.10
C LEU A 15 -14.22 -20.96 33.82
N TYR A 16 -14.33 -21.01 35.14
CA TYR A 16 -13.63 -22.03 35.94
C TYR A 16 -14.00 -23.44 35.48
N ASN A 17 -15.26 -23.64 35.06
CA ASN A 17 -15.69 -24.96 34.58
C ASN A 17 -15.05 -25.30 33.25
N GLU A 18 -15.00 -24.32 32.34
CA GLU A 18 -14.37 -24.55 31.04
C GLU A 18 -12.88 -24.87 31.18
N VAL A 19 -12.21 -24.24 32.15
CA VAL A 19 -10.78 -24.51 32.36
C VAL A 19 -10.57 -25.94 32.86
N ALA A 20 -11.42 -26.40 33.78
CA ALA A 20 -11.23 -27.75 34.31
C ALA A 20 -11.60 -28.79 33.26
N LYS A 21 -12.50 -28.44 32.35
CA LYS A 21 -12.84 -29.32 31.23
C LYS A 21 -11.63 -29.56 30.32
N SER A 22 -10.71 -28.60 30.25
CA SER A 22 -9.57 -28.65 29.34
C SER A 22 -8.34 -29.21 30.03
N ASP A 23 -7.49 -29.88 29.24
CA ASP A 23 -6.19 -30.37 29.70
C ASP A 23 -5.02 -29.60 29.12
N LEU A 24 -5.27 -28.53 28.34
CA LEU A 24 -4.21 -27.81 27.65
C LEU A 24 -3.22 -27.25 28.64
N GLY A 25 -1.95 -27.60 28.48
CA GLY A 25 -0.91 -27.10 29.36
C GLY A 25 -0.71 -27.86 30.65
N LEU A 26 -1.28 -29.06 30.82
CA LEU A 26 -1.12 -29.81 32.06
C LEU A 26 -0.02 -30.87 32.04
N VAL A 27 0.76 -30.98 30.97
CA VAL A 27 1.96 -31.84 30.98
C VAL A 27 3.17 -31.09 30.41
N ALA A 33 12.04 -30.33 35.77
CA ALA A 33 12.77 -29.09 36.03
C ALA A 33 11.82 -27.88 36.01
N ASN A 34 11.83 -27.11 37.10
CA ASN A 34 10.82 -26.08 37.38
C ASN A 34 11.51 -24.73 37.59
N PRO A 35 11.67 -23.93 36.54
CA PRO A 35 12.39 -22.66 36.71
C PRO A 35 11.61 -21.68 37.57
N LEU A 36 12.34 -20.66 38.04
CA LEU A 36 11.71 -19.59 38.81
C LEU A 36 10.89 -18.70 37.88
N VAL A 37 9.64 -18.45 38.25
CA VAL A 37 8.75 -17.59 37.49
C VAL A 37 8.58 -16.31 38.30
N SER A 38 8.89 -15.18 37.67
CA SER A 38 8.67 -13.87 38.27
C SER A 38 7.37 -13.29 37.71
N ILE A 39 6.50 -12.83 38.61
CA ILE A 39 5.29 -12.11 38.26
C ILE A 39 5.48 -10.66 38.67
N ILE A 40 5.39 -9.74 37.71
CA ILE A 40 5.61 -8.32 37.93
C ILE A 40 4.25 -7.66 38.10
N MET A 41 4.03 -7.03 39.25
CA MET A 41 2.78 -6.34 39.56
C MET A 41 3.09 -4.87 39.71
N THR A 42 2.32 -4.04 39.01
CA THR A 42 2.33 -2.60 39.20
C THR A 42 1.09 -2.20 39.97
N SER A 43 1.18 -1.09 40.69
CA SER A 43 0.05 -0.66 41.50
C SER A 43 0.04 0.86 41.56
N HIS A 44 -1.16 1.41 41.46
CA HIS A 44 -1.38 2.85 41.63
C HIS A 44 -2.78 3.03 42.18
N ASN A 45 -2.87 3.31 43.46
CA ASN A 45 -4.15 3.54 44.17
C ASN A 45 -5.11 2.37 43.96
N THR A 46 -4.69 1.20 44.47
CA THR A 46 -5.45 -0.03 44.31
C THR A 46 -5.50 -0.79 45.65
N ALA A 47 -5.53 -0.04 46.76
CA ALA A 47 -5.48 -0.65 48.08
C ALA A 47 -6.67 -1.55 48.35
N GLN A 48 -7.80 -1.27 47.71
CA GLN A 48 -8.98 -2.11 47.89
C GLN A 48 -8.82 -3.46 47.20
N PHE A 49 -7.98 -3.54 46.15
CA PHE A 49 -7.91 -4.71 45.28
C PHE A 49 -6.61 -5.49 45.38
N ILE A 50 -5.55 -4.92 45.94
CA ILE A 50 -4.22 -5.47 45.73
C ILE A 50 -4.02 -6.77 46.50
N GLU A 51 -4.59 -6.89 47.69
CA GLU A 51 -4.39 -8.11 48.45
C GLU A 51 -5.08 -9.29 47.77
N ALA A 52 -6.23 -9.07 47.12
CA ALA A 52 -6.82 -10.12 46.30
C ALA A 52 -5.92 -10.47 45.12
N SER A 53 -5.28 -9.46 44.53
CA SER A 53 -4.37 -9.72 43.42
C SER A 53 -3.18 -10.56 43.87
N ILE A 54 -2.59 -10.20 45.02
CA ILE A 54 -1.45 -10.96 45.53
C ILE A 54 -1.87 -12.38 45.93
N ASN A 55 -2.99 -12.51 46.63
CA ASN A 55 -3.41 -13.83 47.10
C ASN A 55 -3.66 -14.79 45.95
N SER A 56 -4.17 -14.28 44.82
CA SER A 56 -4.40 -15.14 43.67
C SER A 56 -3.10 -15.65 43.06
N LEU A 57 -1.96 -14.99 43.32
CA LEU A 57 -0.65 -15.48 42.90
C LEU A 57 -0.02 -16.41 43.93
N LEU A 58 -0.17 -16.11 45.23
CA LEU A 58 0.35 -17.00 46.25
C LEU A 58 -0.35 -18.35 46.22
N LEU A 59 -1.60 -18.40 45.76
CA LEU A 59 -2.36 -19.64 45.64
C LEU A 59 -2.17 -20.32 44.29
N GLN A 60 -1.11 -19.96 43.57
CA GLN A 60 -0.86 -20.59 42.27
C GLN A 60 -0.40 -22.03 42.43
N THR A 61 -0.85 -22.85 41.49
CA THR A 61 -0.38 -24.21 41.40
C THR A 61 1.13 -24.26 41.22
N TYR A 62 1.66 -23.45 40.31
CA TYR A 62 3.09 -23.37 40.10
C TYR A 62 3.74 -22.70 41.30
N LYS A 63 4.58 -23.45 42.02
CA LYS A 63 5.00 -23.04 43.36
C LYS A 63 6.30 -22.25 43.39
N ASN A 64 7.18 -22.42 42.40
CA ASN A 64 8.48 -21.74 42.38
C ASN A 64 8.33 -20.38 41.73
N ILE A 65 7.80 -19.43 42.51
CA ILE A 65 7.50 -18.09 42.02
C ILE A 65 8.11 -17.06 42.96
N GLU A 66 8.29 -15.86 42.42
CA GLU A 66 8.40 -14.64 43.21
C GLU A 66 7.42 -13.63 42.61
N ILE A 67 6.88 -12.78 43.47
CA ILE A 67 5.94 -11.74 43.07
C ILE A 67 6.64 -10.43 43.31
N ILE A 68 6.92 -9.71 42.23
CA ILE A 68 7.60 -8.40 42.28
C ILE A 68 6.53 -7.33 42.17
N ILE A 69 6.43 -6.49 43.20
CA ILE A 69 5.41 -5.44 43.25
C ILE A 69 6.13 -4.10 43.21
N VAL A 70 5.73 -3.25 42.27
CA VAL A 70 6.25 -1.90 42.14
C VAL A 70 5.06 -0.94 42.23
N ASP A 71 5.05 -0.13 43.28
CA ASP A 71 4.00 0.87 43.47
C ASP A 71 4.42 2.18 42.83
N ASP A 72 3.57 2.71 41.96
CA ASP A 72 3.89 3.93 41.22
C ASP A 72 3.37 5.14 41.99
N ASP A 73 4.01 5.38 43.14
CA ASP A 73 3.82 6.58 43.95
C ASP A 73 2.35 6.75 44.34
N SER A 74 1.79 5.72 44.95
CA SER A 74 0.39 5.76 45.36
C SER A 74 0.20 6.76 46.49
N SER A 75 -0.92 7.48 46.42
CA SER A 75 -1.28 8.42 47.45
C SER A 75 -2.15 7.79 48.54
N ASP A 76 -2.81 6.68 48.25
CA ASP A 76 -3.51 5.94 49.29
C ASP A 76 -2.51 5.02 49.99
N ASN A 77 -2.98 3.96 50.65
CA ASN A 77 -2.15 3.11 51.48
C ASN A 77 -1.82 1.80 50.77
N THR A 78 -1.78 1.81 49.44
CA THR A 78 -1.49 0.60 48.67
C THR A 78 -0.13 0.01 49.05
N PHE A 79 0.90 0.85 49.14
CA PHE A 79 2.24 0.35 49.44
C PHE A 79 2.35 -0.13 50.88
N GLU A 80 1.63 0.50 51.81
CA GLU A 80 1.61 0.03 53.19
C GLU A 80 1.11 -1.41 53.25
N ILE A 81 0.07 -1.72 52.48
CA ILE A 81 -0.46 -3.08 52.48
C ILE A 81 0.57 -4.06 51.91
N ALA A 82 1.09 -3.75 50.72
CA ALA A 82 2.04 -4.65 50.08
C ALA A 82 3.31 -4.82 50.92
N SER A 83 3.75 -3.75 51.59
CA SER A 83 4.88 -3.90 52.50
C SER A 83 4.55 -4.87 53.62
N ARG A 84 3.33 -4.77 54.18
CA ARG A 84 2.91 -5.70 55.23
C ARG A 84 2.98 -7.14 54.75
N ILE A 85 2.50 -7.41 53.53
CA ILE A 85 2.47 -8.78 53.03
C ILE A 85 3.88 -9.24 52.68
N ALA A 86 4.70 -8.35 52.11
CA ALA A 86 6.04 -8.75 51.67
C ALA A 86 6.90 -9.21 52.84
N ASN A 87 6.66 -8.68 54.03
CA ASN A 87 7.39 -9.12 55.20
C ASN A 87 6.90 -10.46 55.74
N THR A 88 5.77 -10.98 55.27
CA THR A 88 5.30 -12.29 55.69
C THR A 88 5.89 -13.43 54.87
N THR A 89 6.54 -13.15 53.73
CA THR A 89 6.96 -14.22 52.84
C THR A 89 8.11 -13.77 51.95
N SER A 90 9.00 -14.72 51.64
CA SER A 90 10.09 -14.48 50.71
C SER A 90 9.65 -14.50 49.25
N LYS A 91 8.42 -14.97 48.97
CA LYS A 91 7.90 -14.97 47.61
C LYS A 91 7.44 -13.60 47.13
N VAL A 92 7.33 -12.60 48.02
CA VAL A 92 6.86 -11.27 47.67
C VAL A 92 7.92 -10.26 48.05
N ARG A 93 8.28 -9.40 47.09
CA ARG A 93 9.20 -8.30 47.32
C ARG A 93 8.60 -7.03 46.72
N VAL A 94 8.73 -5.93 47.45
CA VAL A 94 8.01 -4.69 47.16
C VAL A 94 8.98 -3.54 46.96
N PHE A 95 8.61 -2.65 46.06
CA PHE A 95 9.40 -1.48 45.73
C PHE A 95 8.46 -0.33 45.44
N ARG A 96 8.94 0.90 45.60
CA ARG A 96 8.12 2.09 45.45
C ARG A 96 8.86 3.11 44.62
N LEU A 97 8.25 3.51 43.51
CA LEU A 97 8.70 4.68 42.78
C LEU A 97 8.20 5.92 43.53
N ASN A 98 9.07 6.93 43.62
CA ASN A 98 8.76 8.12 44.37
C ASN A 98 8.20 9.25 43.49
N SER A 99 7.70 8.91 42.30
CA SER A 99 6.90 9.82 41.51
C SER A 99 6.08 8.97 40.56
N ASN A 100 4.96 9.52 40.11
CA ASN A 100 4.04 8.78 39.26
C ASN A 100 4.52 8.82 37.82
N LEU A 101 5.05 7.68 37.35
CA LEU A 101 5.74 7.56 36.06
C LEU A 101 5.06 6.60 35.09
N GLY A 102 4.01 5.90 35.49
CA GLY A 102 3.27 5.04 34.59
C GLY A 102 3.54 3.57 34.86
N THR A 103 2.58 2.73 34.44
CA THR A 103 2.67 1.31 34.73
C THR A 103 3.88 0.68 34.04
N TYR A 104 4.21 1.13 32.83
CA TYR A 104 5.31 0.49 32.12
C TYR A 104 6.66 0.84 32.74
N PHE A 105 6.83 2.06 33.25
CA PHE A 105 8.04 2.36 34.01
C PHE A 105 8.11 1.50 35.26
N ALA A 106 6.97 1.18 35.85
CA ALA A 106 6.93 0.37 37.06
C ALA A 106 7.21 -1.10 36.75
N LYS A 107 6.70 -1.60 35.62
CA LYS A 107 7.05 -2.95 35.17
C LYS A 107 8.56 -3.09 34.98
N ASN A 108 9.15 -2.16 34.22
CA ASN A 108 10.59 -2.23 33.95
C ASN A 108 11.41 -2.19 35.24
N THR A 109 10.97 -1.41 36.24
CA THR A 109 11.64 -1.43 37.52
C THR A 109 11.56 -2.80 38.17
N GLY A 110 10.41 -3.45 38.06
CA GLY A 110 10.26 -4.78 38.64
C GLY A 110 11.07 -5.83 37.91
N ILE A 111 11.21 -5.70 36.58
CA ILE A 111 12.04 -6.63 35.82
C ILE A 111 13.48 -6.60 36.33
N LEU A 112 14.04 -5.40 36.51
CA LEU A 112 15.41 -5.30 36.99
C LEU A 112 15.56 -5.89 38.38
N LYS A 113 14.50 -5.86 39.18
CA LYS A 113 14.50 -6.46 40.50
C LYS A 113 14.20 -7.95 40.46
N SER A 114 13.63 -8.45 39.37
CA SER A 114 13.25 -9.85 39.33
C SER A 114 14.46 -10.73 39.11
N LYS A 115 14.27 -12.01 39.43
CA LYS A 115 15.31 -13.04 39.37
C LYS A 115 14.91 -14.27 38.58
N GLY A 116 13.68 -14.38 38.11
CA GLY A 116 13.26 -15.59 37.44
C GLY A 116 13.76 -15.66 36.01
N ASP A 117 13.79 -16.89 35.51
CA ASP A 117 14.11 -17.12 34.10
C ASP A 117 12.92 -16.85 33.20
N ILE A 118 11.71 -16.86 33.75
CA ILE A 118 10.48 -16.57 33.02
C ILE A 118 9.80 -15.41 33.74
N ILE A 119 9.16 -14.54 32.96
CA ILE A 119 8.63 -13.28 33.46
C ILE A 119 7.16 -13.24 33.07
N PHE A 120 6.28 -13.16 34.06
CA PHE A 120 4.86 -12.91 33.86
C PHE A 120 4.47 -11.56 34.47
N PHE A 121 3.21 -11.17 34.24
CA PHE A 121 2.70 -9.90 34.71
C PHE A 121 1.31 -10.08 35.28
N GLN A 122 0.95 -9.23 36.24
CA GLN A 122 -0.42 -9.18 36.74
C GLN A 122 -0.66 -7.84 37.40
N ASP A 123 -1.65 -7.10 36.88
CA ASP A 123 -1.97 -5.80 37.43
C ASP A 123 -2.58 -5.94 38.82
N SER A 124 -2.45 -4.90 39.63
CA SER A 124 -2.88 -4.99 41.02
C SER A 124 -4.39 -4.95 41.17
N ASP A 125 -5.15 -4.47 40.18
CA ASP A 125 -6.60 -4.41 40.30
C ASP A 125 -7.29 -5.69 39.85
N ASP A 126 -6.54 -6.76 39.57
CA ASP A 126 -7.07 -7.98 38.95
C ASP A 126 -6.78 -9.20 39.83
N VAL A 127 -7.35 -10.35 39.41
CA VAL A 127 -7.06 -11.66 39.99
C VAL A 127 -6.93 -12.64 38.83
N CYS A 128 -6.45 -13.85 39.12
CA CYS A 128 -6.28 -14.84 38.06
C CYS A 128 -6.57 -16.24 38.58
N HIS A 129 -6.74 -17.15 37.63
CA HIS A 129 -7.01 -18.56 37.92
C HIS A 129 -5.80 -19.20 38.59
N HIS A 130 -6.07 -20.09 39.54
CA HIS A 130 -4.98 -20.70 40.32
C HIS A 130 -4.07 -21.59 39.50
N GLU A 131 -4.40 -21.90 38.26
CA GLU A 131 -3.58 -22.72 37.38
C GLU A 131 -2.94 -21.94 36.24
N ARG A 132 -2.97 -20.60 36.28
CA ARG A 132 -2.53 -19.80 35.14
C ARG A 132 -1.06 -20.02 34.82
N ILE A 133 -0.20 -19.91 35.82
CA ILE A 133 1.23 -19.97 35.54
C ILE A 133 1.64 -21.40 35.17
N GLU A 134 1.07 -22.41 35.83
CA GLU A 134 1.35 -23.79 35.46
C GLU A 134 1.02 -24.04 33.99
N ARG A 135 -0.23 -23.78 33.61
CA ARG A 135 -0.67 -24.10 32.25
C ARG A 135 0.13 -23.31 31.21
N CYS A 136 0.42 -22.04 31.51
CA CYS A 136 1.15 -21.21 30.55
C CYS A 136 2.62 -21.61 30.48
N VAL A 137 3.21 -21.96 31.62
CA VAL A 137 4.61 -22.40 31.61
C VAL A 137 4.76 -23.67 30.78
N ASN A 138 3.84 -24.63 30.93
CA ASN A 138 3.96 -25.87 30.17
C ASN A 138 3.85 -25.62 28.68
N ILE A 139 2.94 -24.73 28.26
CA ILE A 139 2.84 -24.39 26.85
C ILE A 139 4.11 -23.69 26.37
N LEU A 140 4.70 -22.83 27.22
CA LEU A 140 5.88 -22.07 26.82
C LEU A 140 7.06 -23.00 26.53
N LEU A 141 7.32 -23.92 27.45
CA LEU A 141 8.49 -24.81 27.37
C LEU A 141 8.25 -26.05 26.53
N ALA A 142 7.06 -26.20 25.94
CA ALA A 142 6.78 -27.37 25.12
C ALA A 142 7.74 -27.46 23.94
N ASN A 143 8.02 -26.33 23.30
CA ASN A 143 8.86 -26.25 22.11
C ASN A 143 9.97 -25.27 22.39
N LYS A 144 11.21 -25.76 22.45
CA LYS A 144 12.34 -24.95 22.90
C LYS A 144 12.54 -23.68 22.07
N GLU A 145 12.08 -23.65 20.81
CA GLU A 145 12.17 -22.45 20.00
C GLU A 145 11.08 -21.42 20.34
N THR A 146 10.16 -21.75 21.25
CA THR A 146 9.12 -20.79 21.65
C THR A 146 9.69 -19.75 22.61
N ILE A 147 9.36 -18.48 22.35
CA ILE A 147 9.91 -17.36 23.10
C ILE A 147 8.95 -16.85 24.17
N ALA A 148 7.65 -16.85 23.89
CA ALA A 148 6.68 -16.27 24.81
C ALA A 148 5.32 -16.91 24.62
N VAL A 149 4.48 -16.77 25.65
CA VAL A 149 3.15 -17.36 25.70
C VAL A 149 2.17 -16.32 26.23
N ARG A 150 0.92 -16.43 25.80
CA ARG A 150 -0.16 -15.62 26.36
C ARG A 150 -1.43 -16.44 26.42
N CYS A 151 -2.33 -16.04 27.32
CA CYS A 151 -3.65 -16.66 27.44
C CYS A 151 -4.75 -15.59 27.34
N ALA A 152 -6.00 -15.98 27.57
CA ALA A 152 -7.14 -15.09 27.40
C ALA A 152 -7.58 -14.51 28.73
N TYR A 153 -8.33 -13.41 28.64
CA TYR A 153 -8.81 -12.68 29.81
C TYR A 153 -10.30 -12.39 29.65
N SER A 154 -10.94 -12.09 30.78
CA SER A 154 -12.33 -11.65 30.80
C SER A 154 -12.45 -10.44 31.71
N ARG A 155 -13.33 -9.52 31.33
CA ARG A 155 -13.68 -8.37 32.16
C ARG A 155 -14.81 -8.76 33.09
N LEU A 156 -14.73 -8.34 34.34
CA LEU A 156 -15.69 -8.69 35.38
C LEU A 156 -16.25 -7.46 36.05
N ALA A 157 -17.54 -7.54 36.40
CA ALA A 157 -18.13 -6.59 37.33
C ALA A 157 -17.75 -6.99 38.75
N PRO A 158 -17.10 -6.11 39.54
CA PRO A 158 -16.63 -6.58 40.86
C PRO A 158 -17.75 -6.99 41.80
N GLU A 159 -18.95 -6.39 41.67
CA GLU A 159 -20.04 -6.71 42.58
C GLU A 159 -20.62 -8.09 42.28
N THR A 160 -21.03 -8.32 41.02
CA THR A 160 -21.86 -9.47 40.66
C THR A 160 -21.07 -10.68 40.18
N GLN A 161 -19.76 -10.54 39.91
CA GLN A 161 -18.93 -11.61 39.37
C GLN A 161 -19.47 -12.15 38.04
N HIS A 162 -20.14 -11.30 37.27
CA HIS A 162 -20.59 -11.63 35.93
C HIS A 162 -19.57 -11.17 34.89
N ILE A 163 -19.63 -11.80 33.72
CA ILE A 163 -18.76 -11.45 32.61
C ILE A 163 -19.31 -10.21 31.94
N ILE A 164 -18.46 -9.20 31.78
CA ILE A 164 -18.71 -8.11 30.84
C ILE A 164 -18.14 -8.59 29.51
N LYS A 165 -19.02 -8.82 28.54
CA LYS A 165 -18.54 -9.22 27.22
C LYS A 165 -17.83 -8.05 26.55
N VAL A 166 -16.72 -8.36 25.88
CA VAL A 166 -15.93 -7.38 25.14
C VAL A 166 -16.09 -7.75 23.67
N ASN A 167 -16.76 -6.85 22.91
CA ASN A 167 -17.07 -7.09 21.51
C ASN A 167 -17.79 -8.43 21.33
N ASN A 168 -18.70 -8.72 22.25
CA ASN A 168 -19.55 -9.91 22.23
C ASN A 168 -18.82 -11.27 22.30
N MET A 169 -17.81 -11.34 23.16
CA MET A 169 -17.10 -12.58 23.47
C MET A 169 -16.87 -12.68 24.97
N ASP A 170 -17.04 -13.88 25.53
CA ASP A 170 -16.73 -14.09 26.94
C ASP A 170 -15.28 -13.82 27.30
N TYR A 171 -14.35 -14.37 26.53
CA TYR A 171 -12.92 -14.18 26.77
C TYR A 171 -12.20 -13.95 25.44
N ARG A 172 -11.05 -13.29 25.53
CA ARG A 172 -10.24 -12.99 24.36
C ARG A 172 -8.78 -12.88 24.80
N LEU A 173 -7.88 -13.04 23.84
CA LEU A 173 -6.45 -12.96 24.13
C LEU A 173 -6.06 -11.54 24.50
N GLY A 174 -5.22 -11.41 25.52
CA GLY A 174 -4.77 -10.12 26.02
C GLY A 174 -3.26 -10.01 25.96
N PHE A 175 -2.76 -8.88 26.45
CA PHE A 175 -1.33 -8.61 26.56
C PHE A 175 -0.81 -8.73 27.99
N ILE A 176 -1.66 -8.49 29.00
CA ILE A 176 -1.22 -8.62 30.39
C ILE A 176 -0.95 -10.08 30.73
N THR A 177 -1.56 -11.00 30.00
CA THR A 177 -1.37 -12.44 30.18
C THR A 177 -0.04 -12.94 29.63
N LEU A 178 0.79 -12.08 29.05
CA LEU A 178 2.04 -12.52 28.44
C LEU A 178 2.99 -13.13 29.46
N GLY A 179 3.64 -14.20 29.04
CA GLY A 179 4.79 -14.73 29.74
C GLY A 179 5.89 -15.01 28.72
N MET A 180 7.13 -14.84 29.17
CA MET A 180 8.24 -14.89 28.23
C MET A 180 9.52 -15.21 28.96
N HIS A 181 10.52 -15.64 28.20
CA HIS A 181 11.84 -15.86 28.76
C HIS A 181 12.49 -14.53 29.07
N ARG A 182 13.29 -14.51 30.14
CA ARG A 182 13.95 -13.28 30.55
C ARG A 182 14.83 -12.72 29.46
N LYS A 183 15.37 -13.57 28.57
CA LYS A 183 16.32 -13.11 27.57
C LYS A 183 15.70 -12.12 26.59
N VAL A 184 14.36 -12.03 26.54
CA VAL A 184 13.71 -11.08 25.63
C VAL A 184 14.15 -9.66 25.94
N PHE A 185 14.26 -9.32 27.23
CA PHE A 185 14.46 -7.91 27.57
C PHE A 185 15.87 -7.44 27.24
N GLN A 186 16.87 -8.31 27.39
CA GLN A 186 18.24 -7.93 27.03
C GLN A 186 18.54 -8.11 25.55
N GLU A 187 17.63 -8.70 24.76
CA GLU A 187 17.83 -8.82 23.32
C GLU A 187 17.12 -7.73 22.52
N ILE A 188 15.93 -7.29 22.96
CA ILE A 188 15.17 -6.25 22.25
C ILE A 188 14.80 -5.08 23.13
N GLY A 189 15.26 -5.06 24.38
CA GLY A 189 14.99 -3.96 25.28
C GLY A 189 13.75 -4.15 26.14
N PHE A 190 13.33 -3.05 26.76
CA PHE A 190 12.31 -3.02 27.78
C PHE A 190 11.03 -2.40 27.23
N PHE A 191 9.99 -2.39 28.06
CA PHE A 191 8.75 -1.74 27.67
C PHE A 191 8.99 -0.25 27.46
N ASN A 192 8.29 0.32 26.48
CA ASN A 192 8.32 1.76 26.29
C ASN A 192 7.58 2.43 27.43
N CYS A 193 8.19 3.46 28.00
CA CYS A 193 7.71 4.11 29.22
C CYS A 193 6.62 5.15 28.90
N THR A 194 5.52 4.67 28.31
CA THR A 194 4.32 5.46 28.18
C THR A 194 3.37 5.12 29.34
N THR A 195 2.18 5.73 29.27
CA THR A 195 1.11 5.48 30.23
C THR A 195 0.14 4.40 29.75
N LYS A 196 -0.07 4.28 28.44
CA LYS A 196 -0.91 3.23 27.89
C LYS A 196 -0.38 2.84 26.53
N GLY A 197 -0.77 1.63 26.09
CA GLY A 197 -0.49 1.16 24.75
C GLY A 197 0.78 0.36 24.58
N SER A 198 1.75 0.48 25.48
CA SER A 198 3.07 -0.09 25.22
C SER A 198 3.11 -1.60 25.38
N ASP A 199 2.04 -2.23 25.86
CA ASP A 199 1.97 -3.69 25.83
C ASP A 199 1.61 -4.19 24.43
N ASP A 200 0.75 -3.47 23.72
CA ASP A 200 0.54 -3.75 22.29
C ASP A 200 1.84 -3.58 21.52
N GLU A 201 2.61 -2.53 21.84
CA GLU A 201 3.85 -2.28 21.13
C GLU A 201 4.85 -3.39 21.39
N PHE A 202 5.09 -3.71 22.67
CA PHE A 202 6.09 -4.69 23.02
C PHE A 202 5.71 -6.07 22.51
N PHE A 203 4.42 -6.38 22.44
CA PHE A 203 4.00 -7.65 21.86
C PHE A 203 4.44 -7.73 20.41
N HIS A 204 4.12 -6.70 19.62
CA HIS A 204 4.51 -6.67 18.22
C HIS A 204 6.00 -6.43 18.03
N ARG A 205 6.71 -5.97 19.07
CA ARG A 205 8.16 -5.93 18.98
C ARG A 205 8.75 -7.34 19.03
N ILE A 206 8.24 -8.18 19.93
CA ILE A 206 8.67 -9.58 19.98
C ILE A 206 8.37 -10.28 18.66
N ALA A 207 7.19 -10.07 18.10
CA ALA A 207 6.80 -10.76 16.88
C ALA A 207 7.72 -10.40 15.72
N LYS A 208 8.11 -9.12 15.62
CA LYS A 208 9.06 -8.72 14.59
C LYS A 208 10.38 -9.47 14.77
N TYR A 209 10.96 -9.38 15.96
CA TYR A 209 12.32 -9.90 16.14
C TYR A 209 12.35 -11.43 16.08
N TYR A 210 11.41 -12.11 16.75
CA TYR A 210 11.46 -13.56 16.88
C TYR A 210 10.56 -14.30 15.90
N GLY A 211 9.52 -13.64 15.38
CA GLY A 211 8.57 -14.27 14.49
C GLY A 211 7.33 -14.69 15.26
N LYS A 212 6.16 -14.30 14.79
CA LYS A 212 4.94 -14.47 15.57
C LYS A 212 4.66 -15.93 15.88
N GLU A 213 5.14 -16.86 15.03
CA GLU A 213 4.90 -18.28 15.26
C GLU A 213 5.51 -18.74 16.59
N LYS A 214 6.55 -18.05 17.07
CA LYS A 214 7.15 -18.34 18.36
C LYS A 214 6.35 -17.74 19.53
N ILE A 215 5.22 -17.09 19.27
CA ILE A 215 4.28 -16.68 20.31
C ILE A 215 3.18 -17.74 20.38
N LYS A 216 3.17 -18.56 21.43
CA LYS A 216 2.12 -19.56 21.59
C LYS A 216 0.93 -18.96 22.33
N ASN A 217 -0.26 -19.29 21.85
CA ASN A 217 -1.53 -18.85 22.42
C ASN A 217 -2.22 -20.00 23.13
N LEU A 218 -2.54 -19.81 24.41
CA LEU A 218 -3.33 -20.74 25.21
C LEU A 218 -4.71 -20.12 25.37
N LEU A 219 -5.65 -20.52 24.51
CA LEU A 219 -6.95 -19.86 24.44
C LEU A 219 -7.86 -20.41 25.53
N LEU A 220 -7.62 -19.96 26.76
CA LEU A 220 -8.43 -20.31 27.92
C LEU A 220 -8.62 -19.08 28.81
N PRO A 221 -9.82 -18.91 29.42
CA PRO A 221 -10.03 -17.74 30.29
C PRO A 221 -9.41 -17.91 31.67
N LEU A 222 -8.16 -17.48 31.81
CA LEU A 222 -7.38 -17.66 33.02
C LEU A 222 -7.04 -16.36 33.75
N TYR A 223 -7.41 -15.21 33.19
CA TYR A 223 -7.15 -13.91 33.80
C TYR A 223 -8.46 -13.16 33.87
N TYR A 224 -8.68 -12.49 35.00
CA TYR A 224 -9.96 -11.87 35.31
C TYR A 224 -9.70 -10.41 35.61
N ASN A 225 -10.03 -9.57 34.64
CA ASN A 225 -9.81 -8.12 34.70
C ASN A 225 -10.99 -7.48 35.42
N THR A 226 -10.70 -6.79 36.51
CA THR A 226 -11.74 -6.05 37.21
C THR A 226 -12.10 -4.82 36.39
N MET A 227 -13.40 -4.57 36.30
CA MET A 227 -13.93 -3.42 35.59
C MET A 227 -14.12 -2.30 36.61
N ARG A 228 -13.37 -1.22 36.48
CA ARG A 228 -13.49 -0.09 37.39
C ARG A 228 -13.37 1.21 36.60
N GLU A 229 -14.17 2.20 36.98
CA GLU A 229 -14.32 3.40 36.18
C GLU A 229 -13.06 4.26 36.26
N ASN A 230 -12.83 5.03 35.20
CA ASN A 230 -11.66 5.92 35.08
C ASN A 230 -10.33 5.16 35.12
N SER A 231 -10.32 3.88 34.76
CA SER A 231 -9.08 3.13 34.65
C SER A 231 -8.39 3.47 33.32
N LEU A 232 -7.28 2.80 33.02
CA LEU A 232 -6.49 3.18 31.86
C LEU A 232 -7.20 2.85 30.56
N PHE A 233 -7.93 1.73 30.51
CA PHE A 233 -8.54 1.27 29.27
C PHE A 233 -9.94 1.85 29.05
N THR A 234 -10.46 2.61 30.02
CA THR A 234 -11.72 3.32 29.83
C THR A 234 -11.66 4.29 28.64
N ASP A 235 -10.44 4.71 28.27
CA ASP A 235 -10.17 5.46 27.05
C ASP A 235 -10.82 4.85 25.81
N MET A 236 -11.01 3.53 25.77
CA MET A 236 -11.44 2.80 24.59
C MET A 236 -12.86 2.25 24.70
N VAL A 237 -13.59 2.59 25.76
CA VAL A 237 -14.82 1.87 26.12
C VAL A 237 -16.03 2.59 25.55
N GLU A 238 -17.01 1.80 25.12
CA GLU A 238 -18.34 2.29 24.80
C GLU A 238 -19.35 1.30 25.37
N TRP A 239 -20.14 1.76 26.34
CA TRP A 239 -21.12 0.90 27.00
C TRP A 239 -22.35 0.71 26.14
N ILE A 240 -22.79 -0.54 26.02
CA ILE A 240 -24.05 -0.87 25.36
C ILE A 240 -25.09 -1.10 26.45
N ASP A 241 -24.96 -2.22 27.17
CA ASP A 241 -25.89 -2.57 28.24
C ASP A 241 -25.04 -2.90 29.45
N ASN A 242 -25.63 -3.57 30.44
CA ASN A 242 -24.92 -3.97 31.65
C ASN A 242 -24.10 -5.25 31.49
N HIS A 243 -24.00 -5.81 30.27
CA HIS A 243 -23.26 -7.04 30.03
C HIS A 243 -22.36 -6.97 28.80
N ASN A 244 -22.27 -5.83 28.14
CA ASN A 244 -21.50 -5.69 26.92
C ASN A 244 -20.88 -4.31 26.85
N ILE A 245 -19.70 -4.24 26.22
CA ILE A 245 -19.03 -3.00 25.89
C ILE A 245 -18.35 -3.19 24.52
N ILE A 246 -17.94 -2.08 23.93
CA ILE A 246 -17.16 -2.08 22.69
C ILE A 246 -15.80 -1.51 23.00
N GLN A 247 -14.76 -2.25 22.64
CA GLN A 247 -13.38 -1.79 22.76
C GLN A 247 -12.97 -1.27 21.38
N LYS A 248 -12.66 0.02 21.30
CA LYS A 248 -12.27 0.67 20.06
C LYS A 248 -11.19 1.69 20.39
N MET A 249 -10.10 1.66 19.66
CA MET A 249 -8.98 2.54 19.94
C MET A 249 -9.41 4.00 19.82
N SER A 250 -8.90 4.82 20.73
CA SER A 250 -9.12 6.26 20.70
C SER A 250 -8.20 6.89 19.67
N ASP A 251 -8.32 8.20 19.50
CA ASP A 251 -7.45 8.89 18.57
C ASP A 251 -6.01 8.86 19.04
N THR A 252 -5.77 9.23 20.31
CA THR A 252 -4.41 9.24 20.83
C THR A 252 -3.81 7.84 20.88
N ARG A 253 -4.64 6.81 21.03
CA ARG A 253 -4.13 5.44 21.00
C ARG A 253 -3.78 5.01 19.58
N GLN A 254 -4.58 5.44 18.59
CA GLN A 254 -4.33 5.05 17.21
C GLN A 254 -3.15 5.80 16.61
N HIS A 255 -2.92 7.05 17.05
CA HIS A 255 -1.70 7.74 16.67
C HIS A 255 -0.47 6.94 17.08
N TYR A 256 -0.54 6.28 18.23
CA TYR A 256 0.58 5.49 18.73
C TYR A 256 0.71 4.15 18.00
N ALA A 257 -0.42 3.51 17.69
CA ALA A 257 -0.38 2.23 16.97
C ALA A 257 0.23 2.39 15.59
N THR A 258 -0.23 3.39 14.83
CA THR A 258 0.40 3.70 13.55
C THR A 258 1.87 4.05 13.73
N LEU A 259 2.21 4.70 14.84
CA LEU A 259 3.58 5.16 15.03
C LEU A 259 4.54 3.99 15.21
N PHE A 260 4.24 3.06 16.13
CA PHE A 260 5.20 1.99 16.38
C PHE A 260 5.18 0.91 15.30
N GLN A 261 4.07 0.76 14.57
CA GLN A 261 4.07 -0.12 13.41
C GLN A 261 5.12 0.33 12.40
N ALA A 262 5.09 1.62 12.02
CA ALA A 262 6.11 2.17 11.15
C ALA A 262 7.49 2.02 11.75
N MET A 263 7.59 2.25 13.06
CA MET A 263 8.88 2.14 13.74
C MET A 263 9.40 0.70 13.70
N HIS A 264 8.50 -0.28 13.80
CA HIS A 264 8.91 -1.68 13.74
C HIS A 264 9.52 -2.02 12.38
N ASN A 265 8.98 -1.42 11.31
CA ASN A 265 9.51 -1.68 9.98
C ASN A 265 10.83 -0.96 9.74
N GLU A 266 10.97 0.27 10.27
CA GLU A 266 12.09 1.13 9.92
C GLU A 266 13.27 1.04 10.88
N THR A 267 13.11 0.40 12.03
CA THR A 267 14.17 0.37 13.03
C THR A 267 14.95 -0.93 12.89
N ALA A 268 16.27 -0.80 12.74
CA ALA A 268 17.13 -1.96 12.70
C ALA A 268 16.98 -2.74 14.00
N SER A 269 16.75 -4.04 13.86
CA SER A 269 16.35 -4.86 15.01
C SER A 269 17.45 -5.01 16.05
N HIS A 270 18.71 -4.78 15.70
CA HIS A 270 19.76 -4.72 16.71
C HIS A 270 19.66 -3.44 17.55
N ASP A 271 18.94 -2.42 17.08
CA ASP A 271 18.86 -1.16 17.81
C ASP A 271 17.74 -1.12 18.85
N PHE A 272 16.73 -2.00 18.75
CA PHE A 272 15.65 -2.06 19.74
C PHE A 272 16.21 -2.11 21.16
N LYS A 273 17.26 -2.92 21.34
CA LYS A 273 17.96 -3.01 22.62
C LYS A 273 18.38 -1.65 23.16
N ASN A 274 18.82 -0.75 22.28
CA ASN A 274 19.29 0.57 22.67
C ASN A 274 18.23 1.66 22.56
N LEU A 275 17.26 1.53 21.64
CA LEU A 275 16.16 2.50 21.58
C LEU A 275 15.32 2.47 22.84
N PHE A 276 15.03 1.28 23.36
CA PHE A 276 14.18 1.10 24.53
C PHE A 276 15.00 0.63 25.73
N GLN A 277 16.03 1.38 26.09
CA GLN A 277 16.75 1.08 27.31
C GLN A 277 15.92 1.49 28.54
N PHE A 278 16.38 1.03 29.71
CA PHE A 278 15.75 1.40 30.95
C PHE A 278 16.83 1.43 32.04
N PRO A 279 16.81 2.41 32.96
CA PRO A 279 15.94 3.59 33.10
C PRO A 279 16.10 4.60 31.97
N ARG A 280 15.33 5.67 31.98
CA ARG A 280 15.36 6.66 30.91
C ARG A 280 14.66 7.92 31.41
N ILE A 281 14.93 9.04 30.73
CA ILE A 281 14.34 10.33 31.11
C ILE A 281 13.73 11.06 29.92
N TYR A 282 13.96 10.55 28.70
CA TYR A 282 13.34 11.11 27.50
C TYR A 282 12.48 10.05 26.84
N ASP A 283 11.41 10.49 26.20
CA ASP A 283 10.54 9.56 25.49
C ASP A 283 11.33 8.86 24.40
N ALA A 284 11.15 7.54 24.31
CA ALA A 284 11.74 6.79 23.20
C ALA A 284 11.10 7.16 21.88
N LEU A 285 9.78 7.36 21.89
CA LEU A 285 9.00 7.73 20.72
C LEU A 285 8.29 9.06 20.97
N PRO A 286 8.10 9.89 19.95
CA PRO A 286 7.38 11.16 20.18
C PRO A 286 5.90 10.88 20.46
N VAL A 287 5.44 11.31 21.63
CA VAL A 287 4.06 11.09 22.05
C VAL A 287 3.54 12.34 22.75
N PRO A 288 2.22 12.57 22.70
CA PRO A 288 1.66 13.70 23.45
C PRO A 288 1.92 13.54 24.95
N GLN A 289 1.72 14.64 25.68
CA GLN A 289 1.90 14.60 27.13
C GLN A 289 0.90 13.66 27.80
N GLU A 290 -0.27 13.41 27.16
CA GLU A 290 -1.22 12.44 27.71
C GLU A 290 -0.61 11.05 27.80
N MET A 291 0.36 10.73 26.94
CA MET A 291 0.89 9.38 26.80
C MET A 291 2.20 9.18 27.55
N SER A 292 2.74 10.20 28.22
CA SER A 292 4.02 10.08 28.89
C SER A 292 4.01 10.88 30.18
N LYS A 293 4.55 10.27 31.24
CA LYS A 293 4.81 10.92 32.51
C LYS A 293 6.29 11.11 32.75
N LEU A 294 7.11 11.03 31.70
CA LEU A 294 8.54 11.19 31.86
C LEU A 294 8.90 12.66 32.05
N SER A 295 10.00 12.90 32.77
CA SER A 295 10.38 14.27 33.12
C SER A 295 10.55 15.13 31.89
N ASN A 296 11.07 14.55 30.81
CA ASN A 296 11.35 15.23 29.54
C ASN A 296 12.02 16.60 29.77
N PRO A 297 13.21 16.62 30.36
CA PRO A 297 13.87 17.91 30.60
C PRO A 297 14.08 18.66 29.30
N LYS A 298 13.65 19.91 29.28
CA LYS A 298 13.89 20.79 28.15
C LYS A 298 15.27 21.45 28.18
N ILE A 299 16.12 21.05 29.12
CA ILE A 299 17.54 21.42 29.13
C ILE A 299 18.35 20.16 29.42
N PRO A 300 19.66 20.18 29.16
CA PRO A 300 20.46 18.98 29.39
C PRO A 300 20.52 18.62 30.87
N VAL A 301 20.94 17.38 31.13
CA VAL A 301 21.05 16.84 32.48
C VAL A 301 22.51 16.45 32.69
N TYR A 302 23.14 17.05 33.70
CA TYR A 302 24.54 16.77 34.02
C TYR A 302 24.61 16.08 35.37
N ILE A 303 25.17 14.87 35.39
CA ILE A 303 25.42 14.13 36.63
C ILE A 303 26.90 14.27 36.97
N ASN A 304 27.19 14.71 38.20
CA ASN A 304 28.54 14.94 38.68
C ASN A 304 28.81 14.02 39.86
N ILE A 305 29.94 13.32 39.82
CA ILE A 305 30.28 12.37 40.88
C ILE A 305 31.78 12.34 41.06
N CYS A 306 32.20 12.21 42.32
CA CYS A 306 33.57 11.94 42.70
C CYS A 306 33.66 10.50 43.17
N SER A 307 34.82 9.88 42.97
CA SER A 307 34.98 8.47 43.33
C SER A 307 36.43 8.21 43.74
N ILE A 308 36.59 7.15 44.53
CA ILE A 308 37.90 6.68 44.99
C ILE A 308 38.01 5.19 44.65
N PRO A 309 39.22 4.65 44.49
CA PRO A 309 39.33 3.25 44.05
C PRO A 309 38.86 2.26 45.09
N SER A 310 38.79 2.67 46.37
CA SER A 310 38.28 1.78 47.40
C SER A 310 36.84 1.35 47.16
N ARG A 311 36.11 2.07 46.31
CA ARG A 311 34.69 1.87 46.05
C ARG A 311 34.42 1.68 44.57
N ILE A 312 35.28 0.93 43.87
CA ILE A 312 35.06 0.74 42.44
C ILE A 312 33.87 -0.17 42.18
N ALA A 313 33.65 -1.18 43.04
CA ALA A 313 32.48 -2.04 42.91
C ALA A 313 31.19 -1.26 43.04
N GLN A 314 31.18 -0.22 43.86
CA GLN A 314 30.01 0.66 43.97
C GLN A 314 29.89 1.59 42.76
N LEU A 315 31.00 2.16 42.28
CA LEU A 315 30.93 3.08 41.16
C LEU A 315 30.46 2.40 39.89
N ARG A 316 30.79 1.12 39.72
CA ARG A 316 30.31 0.38 38.55
C ARG A 316 28.79 0.30 38.55
N ARG A 317 28.20 -0.03 39.71
CA ARG A 317 26.75 -0.08 39.82
C ARG A 317 26.13 1.26 39.46
N ILE A 318 26.68 2.35 40.00
CA ILE A 318 26.04 3.65 39.89
C ILE A 318 26.06 4.15 38.46
N ILE A 319 27.14 3.88 37.73
CA ILE A 319 27.21 4.34 36.34
C ILE A 319 26.24 3.56 35.47
N GLY A 320 26.02 2.28 35.77
CA GLY A 320 25.08 1.48 35.00
C GLY A 320 23.66 1.97 35.13
N ILE A 321 23.22 2.28 36.37
CA ILE A 321 21.86 2.76 36.56
C ILE A 321 21.69 4.16 35.96
N LEU A 322 22.65 5.06 36.20
CA LEU A 322 22.48 6.45 35.82
C LEU A 322 22.88 6.76 34.39
N LYS A 323 23.40 5.76 33.66
CA LYS A 323 24.00 6.04 32.34
C LYS A 323 22.98 6.62 31.38
N ASN A 324 21.75 6.08 31.36
CA ASN A 324 20.67 6.60 30.54
C ASN A 324 19.79 7.61 31.28
N GLN A 325 20.08 7.89 32.55
CA GLN A 325 19.34 8.90 33.29
C GLN A 325 19.94 10.29 33.16
N CYS A 326 20.80 10.53 32.17
CA CYS A 326 21.39 11.84 31.99
C CYS A 326 21.93 11.98 30.57
N ASP A 327 22.27 13.22 30.23
CA ASP A 327 22.91 13.55 28.96
C ASP A 327 24.43 13.58 29.05
N HIS A 328 24.99 13.74 30.25
CA HIS A 328 26.44 13.90 30.38
C HIS A 328 26.87 13.62 31.81
N PHE A 329 28.07 13.05 31.94
CA PHE A 329 28.74 12.81 33.21
C PHE A 329 29.95 13.73 33.35
N HIS A 330 30.31 14.03 34.60
CA HIS A 330 31.62 14.58 34.92
C HIS A 330 32.17 13.75 36.09
N ILE A 331 33.19 12.97 35.82
CA ILE A 331 33.70 11.97 36.76
C ILE A 331 35.05 12.45 37.26
N TYR A 332 35.24 12.43 38.59
CA TYR A 332 36.50 12.83 39.23
C TYR A 332 37.05 11.65 40.03
N LEU A 333 38.06 11.01 39.45
CA LEU A 333 38.74 9.87 40.04
C LEU A 333 39.88 10.37 40.92
N ASP A 334 39.80 10.06 42.22
CA ASP A 334 40.80 10.49 43.21
C ASP A 334 41.60 9.25 43.66
N GLY A 335 42.73 9.02 42.99
CA GLY A 335 43.65 7.96 43.33
C GLY A 335 43.50 6.67 42.56
N TYR A 336 42.78 6.68 41.44
CA TYR A 336 42.71 5.50 40.59
C TYR A 336 44.03 5.28 39.87
N VAL A 337 44.38 4.01 39.70
CA VAL A 337 45.59 3.67 38.94
C VAL A 337 45.41 4.03 37.48
N GLU A 338 44.30 3.61 36.88
CA GLU A 338 43.93 4.03 35.53
C GLU A 338 42.42 4.18 35.49
N ILE A 339 41.93 4.79 34.42
CA ILE A 339 40.49 4.96 34.23
C ILE A 339 39.91 3.56 34.07
N PRO A 340 38.94 3.13 34.88
CA PRO A 340 38.36 1.80 34.66
C PRO A 340 37.77 1.67 33.26
N ASP A 341 37.63 0.42 32.84
CA ASP A 341 37.05 0.11 31.54
C ASP A 341 35.67 0.78 31.37
N PHE A 342 34.80 0.64 32.38
CA PHE A 342 33.42 1.06 32.22
C PHE A 342 33.25 2.57 32.17
N ILE A 343 34.26 3.35 32.57
CA ILE A 343 34.13 4.81 32.51
C ILE A 343 34.48 5.31 31.11
N LYS A 344 35.60 4.87 30.55
CA LYS A 344 35.94 5.29 29.20
C LYS A 344 35.04 4.64 28.16
N ASN A 345 34.36 3.54 28.51
CA ASN A 345 33.30 3.02 27.64
C ASN A 345 32.24 4.07 27.37
N LEU A 346 32.01 4.95 28.35
CA LEU A 346 31.03 6.02 28.17
C LEU A 346 31.43 6.96 27.04
N GLY A 347 32.72 7.15 26.83
CA GLY A 347 33.17 7.99 25.74
C GLY A 347 32.87 9.44 26.03
N ASN A 348 32.25 10.11 25.05
CA ASN A 348 31.98 11.54 25.17
C ASN A 348 30.90 11.86 26.20
N LYS A 349 30.14 10.86 26.67
CA LYS A 349 29.15 11.14 27.69
C LYS A 349 29.81 11.46 29.01
N ALA A 350 31.10 11.15 29.18
CA ALA A 350 31.84 11.42 30.40
C ALA A 350 32.96 12.41 30.11
N THR A 351 33.08 13.42 30.96
CA THR A 351 34.22 14.33 31.00
C THR A 351 34.98 13.93 32.26
N VAL A 352 35.94 13.03 32.10
CA VAL A 352 36.64 12.44 33.24
C VAL A 352 37.81 13.34 33.63
N VAL A 353 38.06 13.40 34.93
CA VAL A 353 39.20 14.14 35.51
C VAL A 353 39.95 13.18 36.40
N HIS A 354 41.13 12.75 35.96
CA HIS A 354 41.95 11.79 36.71
C HIS A 354 42.95 12.54 37.57
N CYS A 355 43.06 12.15 38.83
CA CYS A 355 43.98 12.76 39.79
C CYS A 355 44.68 11.62 40.53
N LYS A 356 45.94 11.37 40.17
CA LYS A 356 46.70 10.25 40.72
C LYS A 356 47.43 10.62 42.01
N ASP A 357 47.79 11.89 42.18
CA ASP A 357 48.46 12.35 43.39
C ASP A 357 47.41 12.79 44.40
N LYS A 358 47.36 12.10 45.54
CA LYS A 358 46.41 12.47 46.59
C LYS A 358 46.64 13.89 47.08
N ASP A 359 47.85 14.43 46.88
CA ASP A 359 48.17 15.79 47.31
C ASP A 359 47.55 16.86 46.42
N ASN A 360 47.24 16.53 45.17
CA ASN A 360 46.61 17.48 44.24
C ASN A 360 45.09 17.33 44.20
N SER A 361 44.50 16.85 45.29
CA SER A 361 43.09 16.44 45.32
C SER A 361 42.25 17.40 46.15
N ILE A 362 41.13 17.85 45.56
CA ILE A 362 40.13 18.62 46.31
C ILE A 362 38.98 17.74 46.80
N ARG A 363 38.99 16.45 46.45
CA ARG A 363 38.05 15.46 46.99
C ARG A 363 36.61 15.87 46.64
N ASP A 364 35.67 15.87 47.58
CA ASP A 364 34.24 15.98 47.25
C ASP A 364 33.86 17.30 46.61
N ASN A 365 34.74 18.31 46.62
CA ASN A 365 34.47 19.55 45.90
C ASN A 365 34.44 19.36 44.38
N GLY A 366 34.85 18.19 43.87
CA GLY A 366 34.79 17.91 42.45
C GLY A 366 33.39 17.80 41.88
N LYS A 367 32.38 17.69 42.74
CA LYS A 367 31.00 17.71 42.27
C LYS A 367 30.65 19.03 41.59
N PHE A 368 31.38 20.11 41.89
CA PHE A 368 31.04 21.45 41.42
C PHE A 368 32.07 22.02 40.45
N ILE A 369 32.96 21.19 39.92
CA ILE A 369 33.88 21.65 38.87
C ILE A 369 33.09 22.09 37.65
N LEU A 370 32.15 21.26 37.21
CA LEU A 370 31.42 21.56 35.99
C LEU A 370 30.47 22.73 36.16
N LEU A 371 30.15 23.08 37.41
CA LEU A 371 29.22 24.18 37.66
C LEU A 371 29.84 25.52 37.24
N GLU A 372 31.14 25.68 37.48
CA GLU A 372 31.83 26.90 37.03
C GLU A 372 31.83 26.99 35.51
N GLU A 373 32.19 25.89 34.82
CA GLU A 373 32.28 25.93 33.37
C GLU A 373 30.92 26.20 32.73
N LEU A 374 29.85 25.63 33.31
CA LEU A 374 28.53 25.81 32.71
C LEU A 374 28.03 27.24 32.89
N ILE A 375 28.35 27.87 34.02
CA ILE A 375 27.95 29.26 34.24
C ILE A 375 28.81 30.19 33.39
N GLU A 376 30.12 29.93 33.34
CA GLU A 376 31.02 30.75 32.53
C GLU A 376 30.61 30.71 31.06
N LYS A 377 30.26 29.54 30.55
CA LYS A 377 29.79 29.43 29.18
C LYS A 377 28.32 29.81 29.00
N ASN A 378 27.62 30.14 30.10
CA ASN A 378 26.19 30.45 30.06
C ASN A 378 25.37 29.30 29.48
N GLN A 379 25.80 28.06 29.75
CA GLN A 379 25.08 26.87 29.36
C GLN A 379 24.21 26.42 30.52
N ASP A 380 22.92 26.20 30.25
CA ASP A 380 21.99 25.79 31.29
C ASP A 380 21.97 24.26 31.41
N GLY A 381 21.30 23.78 32.44
CA GLY A 381 21.10 22.35 32.63
C GLY A 381 20.66 22.05 34.04
N TYR A 382 20.21 20.81 34.24
CA TYR A 382 19.93 20.29 35.57
C TYR A 382 21.21 19.68 36.15
N TYR A 383 21.71 20.29 37.21
CA TYR A 383 22.98 19.91 37.82
C TYR A 383 22.70 18.99 39.01
N ILE A 384 23.15 17.74 38.91
CA ILE A 384 22.92 16.72 39.93
C ILE A 384 24.29 16.31 40.47
N THR A 385 24.37 16.10 41.78
CA THR A 385 25.60 15.63 42.41
C THR A 385 25.34 14.35 43.17
N CYS A 386 26.24 13.38 42.99
CA CYS A 386 26.09 12.05 43.55
C CYS A 386 27.38 11.61 44.24
N ASP A 387 27.23 10.77 45.26
CA ASP A 387 28.34 10.10 45.92
C ASP A 387 28.47 8.69 45.37
N ASP A 388 29.55 8.00 45.78
CA ASP A 388 29.84 6.66 45.32
C ASP A 388 29.59 5.60 46.40
N ASP A 389 28.74 5.91 47.40
CA ASP A 389 28.32 4.94 48.40
C ASP A 389 26.80 4.95 48.58
N ILE A 390 26.08 5.27 47.50
CA ILE A 390 24.63 5.40 47.49
C ILE A 390 24.08 4.59 46.33
N ILE A 391 22.99 3.85 46.56
CA ILE A 391 22.36 3.04 45.54
C ILE A 391 21.15 3.82 45.02
N TYR A 392 21.25 4.34 43.82
CA TYR A 392 20.20 5.19 43.28
C TYR A 392 19.14 4.33 42.60
N PRO A 393 17.85 4.57 42.83
CA PRO A 393 16.83 3.73 42.17
C PRO A 393 16.66 4.13 40.71
N SER A 394 15.87 3.34 39.99
CA SER A 394 15.70 3.55 38.56
C SER A 394 14.87 4.78 38.25
N ASP A 395 14.10 5.29 39.22
CA ASP A 395 13.28 6.48 39.04
C ASP A 395 13.93 7.74 39.61
N TYR A 396 15.23 7.70 39.94
CA TYR A 396 15.85 8.78 40.69
C TYR A 396 15.79 10.09 39.92
N ILE A 397 16.38 10.14 38.73
CA ILE A 397 16.48 11.40 38.01
C ILE A 397 15.11 11.88 37.53
N ASN A 398 14.17 10.99 37.23
CA ASN A 398 12.83 11.47 36.90
C ASN A 398 12.16 12.10 38.11
N THR A 399 12.40 11.55 39.30
CA THR A 399 11.78 12.09 40.50
C THR A 399 12.35 13.45 40.85
N MET A 400 13.67 13.60 40.79
CA MET A 400 14.30 14.85 41.19
C MET A 400 13.90 16.00 40.26
N ILE A 401 13.92 15.78 38.95
CA ILE A 401 13.55 16.84 38.03
C ILE A 401 12.07 17.20 38.20
N LYS A 402 11.24 16.20 38.47
CA LYS A 402 9.81 16.46 38.63
C LYS A 402 9.53 17.22 39.92
N LYS A 403 10.28 16.94 40.99
CA LYS A 403 10.13 17.74 42.20
C LYS A 403 10.68 19.14 42.00
N LEU A 404 11.81 19.29 41.30
CA LEU A 404 12.30 20.61 40.96
C LEU A 404 11.27 21.39 40.15
N ASN A 405 10.61 20.72 39.20
CA ASN A 405 9.59 21.40 38.41
C ASN A 405 8.37 21.75 39.26
N GLU A 406 8.13 21.03 40.37
CA GLU A 406 6.98 21.33 41.23
C GLU A 406 7.10 22.74 41.81
N TYR A 407 8.33 23.13 42.20
CA TYR A 407 8.63 24.48 42.66
C TYR A 407 9.14 25.38 41.55
N ASP A 408 8.77 25.10 40.30
CA ASP A 408 9.08 25.93 39.14
C ASP A 408 10.58 26.22 39.02
N ASP A 409 11.41 25.24 39.40
CA ASP A 409 12.86 25.28 39.30
C ASP A 409 13.50 26.38 40.16
N LYS A 410 12.73 27.08 40.98
CA LYS A 410 13.24 28.21 41.74
C LYS A 410 14.01 27.78 42.99
N ALA A 411 14.05 26.48 43.31
CA ALA A 411 14.66 25.98 44.54
C ALA A 411 15.63 24.84 44.23
N VAL A 412 16.38 24.47 45.25
CA VAL A 412 17.25 23.30 45.23
C VAL A 412 16.58 22.22 46.05
N ILE A 413 16.56 21.00 45.53
CA ILE A 413 16.02 19.86 46.26
C ILE A 413 17.16 18.91 46.60
N GLY A 414 16.94 18.13 47.65
CA GLY A 414 17.87 17.11 48.07
C GLY A 414 17.14 16.09 48.90
N LEU A 415 17.90 15.15 49.46
CA LEU A 415 17.32 14.05 50.24
C LEU A 415 17.93 13.93 51.63
N HIS A 416 19.23 14.09 51.76
CA HIS A 416 19.88 14.11 53.08
C HIS A 416 19.84 15.54 53.62
N GLY A 417 18.87 15.82 54.50
CA GLY A 417 18.62 17.18 55.00
C GLY A 417 18.99 17.35 56.47
N ILE A 418 19.53 18.53 56.79
CA ILE A 418 19.90 18.89 58.15
C ILE A 418 19.26 20.23 58.48
N LEU A 419 18.62 20.30 59.65
CA LEU A 419 17.94 21.49 60.12
C LEU A 419 18.48 21.81 61.51
N PHE A 420 18.89 23.07 61.71
CA PHE A 420 19.58 23.48 62.91
C PHE A 420 18.67 24.24 63.85
N PRO A 421 19.07 24.41 65.11
CA PRO A 421 18.37 25.35 65.97
C PRO A 421 18.60 26.77 65.48
N SER A 422 17.67 27.66 65.81
CA SER A 422 17.79 29.05 65.39
C SER A 422 18.60 29.90 66.36
N ARG A 423 18.90 29.38 67.57
CA ARG A 423 19.77 30.08 68.52
C ARG A 423 20.72 29.07 69.14
CA SER A 429 26.16 19.66 68.00
C SER A 429 25.03 18.66 67.78
N ALA A 430 24.50 18.12 68.88
CA ALA A 430 23.43 17.13 68.83
C ALA A 430 22.03 17.74 68.71
N ASP A 431 21.90 19.07 68.73
CA ASP A 431 20.60 19.70 68.59
C ASP A 431 20.19 19.92 67.15
N ARG A 432 20.82 19.22 66.20
CA ARG A 432 20.42 19.25 64.80
C ARG A 432 19.43 18.12 64.54
N LEU A 433 18.43 18.39 63.71
CA LEU A 433 17.52 17.36 63.24
C LEU A 433 18.04 16.89 61.89
N VAL A 434 18.21 15.57 61.75
CA VAL A 434 18.82 14.97 60.57
C VAL A 434 17.80 14.09 59.88
N TYR A 435 17.36 14.51 58.70
CA TYR A 435 16.52 13.69 57.82
C TYR A 435 17.46 12.88 56.93
N SER A 436 17.80 11.67 57.36
CA SER A 436 18.72 10.83 56.59
C SER A 436 18.10 10.44 55.25
N PHE A 437 18.95 10.30 54.23
CA PHE A 437 18.43 10.07 52.87
C PHE A 437 17.77 8.70 52.74
N TYR A 438 18.23 7.72 53.51
CA TYR A 438 17.64 6.39 53.49
C TYR A 438 16.42 6.26 54.40
N LYS A 439 16.17 7.25 55.30
CA LYS A 439 15.01 7.29 56.18
C LYS A 439 13.84 7.97 55.49
N PRO A 440 12.60 7.74 55.97
CA PRO A 440 11.45 8.33 55.29
C PRO A 440 11.17 9.77 55.72
N LEU A 441 10.48 10.48 54.82
CA LEU A 441 9.99 11.84 55.09
C LEU A 441 8.68 12.02 54.32
N GLU A 442 7.61 12.31 55.06
CA GLU A 442 6.25 12.23 54.53
C GLU A 442 5.89 13.41 53.63
N LYS A 443 6.45 14.59 53.90
CA LYS A 443 6.12 15.80 53.16
C LYS A 443 7.39 16.62 52.98
N ASP A 444 7.43 17.42 51.91
CA ASP A 444 8.59 18.26 51.65
C ASP A 444 8.82 19.24 52.81
N LYS A 445 10.08 19.36 53.23
CA LYS A 445 10.45 20.16 54.38
C LYS A 445 11.71 20.94 54.04
N ALA A 446 11.63 22.27 54.11
CA ALA A 446 12.80 23.11 53.90
C ALA A 446 13.82 22.89 55.03
N VAL A 447 15.09 22.97 54.67
CA VAL A 447 16.20 22.69 55.57
C VAL A 447 17.33 23.68 55.29
N ASN A 448 18.39 23.58 56.10
CA ASN A 448 19.53 24.48 56.03
C ASN A 448 20.68 23.92 55.20
N VAL A 449 20.93 22.62 55.29
CA VAL A 449 22.02 21.95 54.60
C VAL A 449 21.50 20.67 53.94
N LEU A 450 21.87 20.46 52.67
CA LEU A 450 21.56 19.22 51.96
C LEU A 450 22.85 18.47 51.64
N GLY A 451 22.83 17.16 51.87
CA GLY A 451 23.99 16.33 51.57
C GLY A 451 24.21 16.27 50.07
N THR A 452 25.38 16.71 49.61
CA THR A 452 25.66 16.86 48.19
C THR A 452 25.76 15.55 47.44
N GLY A 453 25.64 14.40 48.09
CA GLY A 453 25.46 13.17 47.36
C GLY A 453 24.07 12.98 46.79
N THR A 454 23.14 13.94 47.02
CA THR A 454 21.75 13.72 46.68
C THR A 454 21.01 14.99 46.22
N VAL A 455 21.70 16.02 45.76
CA VAL A 455 21.07 17.30 45.46
C VAL A 455 20.81 17.41 43.97
N SER A 456 20.01 18.40 43.59
CA SER A 456 19.65 18.65 42.20
C SER A 456 19.15 20.08 42.09
N PHE A 457 19.49 20.76 41.00
CA PHE A 457 19.02 22.13 40.82
C PHE A 457 19.31 22.61 39.41
N ARG A 458 18.60 23.67 39.01
CA ARG A 458 18.83 24.31 37.73
C ARG A 458 19.97 25.30 37.81
N VAL A 459 20.85 25.29 36.79
CA VAL A 459 22.06 26.12 36.81
C VAL A 459 21.70 27.60 36.76
N SER A 460 20.64 27.98 36.04
CA SER A 460 20.30 29.39 35.88
C SER A 460 19.84 30.06 37.17
N LEU A 461 19.76 29.34 38.29
CA LEU A 461 19.58 30.02 39.58
C LEU A 461 20.75 30.93 39.90
N PHE A 462 21.93 30.64 39.35
CA PHE A 462 23.18 31.28 39.75
C PHE A 462 23.79 32.02 38.57
N ASN A 463 24.09 33.30 38.80
CA ASN A 463 24.66 34.18 37.79
C ASN A 463 26.17 34.13 37.72
N GLN A 464 26.82 33.76 38.82
CA GLN A 464 28.27 33.78 38.90
C GLN A 464 28.69 32.71 39.87
N PHE A 465 29.86 32.11 39.61
CA PHE A 465 30.35 31.04 40.46
C PHE A 465 31.84 30.82 40.18
N SER A 466 32.62 30.69 41.25
CA SER A 466 34.05 30.38 41.15
C SER A 466 34.37 29.32 42.19
N LEU A 467 34.94 28.21 41.74
CA LEU A 467 35.27 27.10 42.63
C LEU A 467 36.35 27.48 43.63
N SER A 468 37.07 28.59 43.40
CA SER A 468 38.05 29.06 44.37
C SER A 468 37.42 29.36 45.72
N ASP A 469 36.14 29.78 45.71
CA ASP A 469 35.43 30.06 46.96
C ASP A 469 35.36 28.84 47.88
N PHE A 470 35.23 27.64 47.30
CA PHE A 470 35.25 26.39 48.07
C PHE A 470 36.67 26.14 48.59
N THR A 471 37.01 26.80 49.70
CA THR A 471 38.38 26.74 50.21
C THR A 471 38.81 25.33 50.61
N HIS A 472 38.36 24.85 51.77
CA HIS A 472 38.79 23.58 52.31
C HIS A 472 37.89 22.43 51.83
N SER A 473 38.50 21.25 51.67
CA SER A 473 37.79 20.04 51.29
C SER A 473 37.28 19.27 52.51
N GLY A 474 36.36 18.35 52.25
CA GLY A 474 35.75 17.50 53.25
C GLY A 474 34.49 18.05 53.88
N MET A 475 34.01 19.21 53.42
CA MET A 475 32.79 19.83 53.95
C MET A 475 32.05 20.55 52.82
N ALA A 476 31.96 19.90 51.66
CA ALA A 476 31.31 20.53 50.51
C ALA A 476 29.84 20.81 50.77
N ASP A 477 29.20 20.02 51.64
CA ASP A 477 27.81 20.25 51.99
C ASP A 477 27.62 21.65 52.55
N ILE A 478 28.53 22.09 53.44
CA ILE A 478 28.35 23.34 54.17
C ILE A 478 28.54 24.52 53.25
N TYR A 479 29.62 24.53 52.46
CA TYR A 479 29.88 25.64 51.56
C TYR A 479 28.75 25.82 50.56
N PHE A 480 28.07 24.74 50.18
CA PHE A 480 26.98 24.84 49.22
C PHE A 480 25.73 25.49 49.84
N SER A 481 25.49 25.26 51.13
CA SER A 481 24.42 25.99 51.82
C SER A 481 24.71 27.48 51.83
N LEU A 482 25.96 27.84 52.11
CA LEU A 482 26.34 29.25 52.12
C LEU A 482 26.16 29.87 50.74
N LEU A 483 26.44 29.09 49.67
CA LEU A 483 26.12 29.56 48.33
C LEU A 483 24.62 29.77 48.16
N CYS A 484 23.81 28.83 48.64
CA CYS A 484 22.36 28.98 48.50
C CYS A 484 21.85 30.13 49.35
N LYS A 485 22.40 30.30 50.55
CA LYS A 485 21.94 31.38 51.41
C LYS A 485 22.30 32.73 50.83
N LYS A 486 23.56 32.91 50.41
CA LYS A 486 23.98 34.21 49.88
C LYS A 486 23.28 34.57 48.57
N ASN A 487 22.69 33.60 47.87
CA ASN A 487 21.94 33.85 46.63
C ASN A 487 20.42 33.89 46.84
N ASN A 488 19.94 33.83 48.08
CA ASN A 488 18.51 33.78 48.39
C ASN A 488 17.86 32.58 47.70
N ILE A 489 18.47 31.41 47.91
CA ILE A 489 18.03 30.15 47.31
C ILE A 489 17.68 29.19 48.45
N LEU A 490 16.51 28.55 48.32
CA LEU A 490 15.98 27.67 49.36
C LEU A 490 16.36 26.22 49.09
N GLN A 491 16.64 25.48 50.17
CA GLN A 491 17.00 24.07 50.11
C GLN A 491 15.84 23.24 50.64
N ILE A 492 15.30 22.38 49.79
CA ILE A 492 14.08 21.62 50.07
C ILE A 492 14.46 20.15 50.23
N CYS A 493 14.06 19.55 51.34
CA CYS A 493 14.22 18.11 51.55
C CYS A 493 12.92 17.43 51.10
N ILE A 494 12.98 16.67 50.01
CA ILE A 494 11.75 16.19 49.38
C ILE A 494 11.26 14.93 50.11
N SER A 495 10.00 14.60 49.85
CA SER A 495 9.37 13.43 50.43
C SER A 495 9.87 12.17 49.75
N ARG A 496 9.83 11.06 50.49
CA ARG A 496 10.42 9.82 50.00
C ARG A 496 10.01 8.63 50.87
N PRO A 497 9.86 7.43 50.31
CA PRO A 497 9.68 6.25 51.18
C PRO A 497 11.00 5.86 51.83
N ALA A 498 10.90 4.95 52.81
CA ALA A 498 12.08 4.46 53.49
C ALA A 498 12.91 3.64 52.52
N ASN A 499 14.22 3.88 52.50
CA ASN A 499 15.15 3.09 51.70
C ASN A 499 14.89 3.25 50.20
N TRP A 500 14.37 4.39 49.78
CA TRP A 500 14.34 4.71 48.36
C TRP A 500 15.76 4.74 47.80
N LEU A 501 16.65 5.43 48.52
CA LEU A 501 18.09 5.30 48.41
C LEU A 501 18.62 4.50 49.59
N THR A 502 19.77 3.85 49.39
CA THR A 502 20.37 3.06 50.45
C THR A 502 21.88 3.18 50.36
N GLU A 503 22.50 2.77 51.46
CA GLU A 503 23.93 2.80 51.65
C GLU A 503 24.58 1.50 51.20
N ASP A 504 25.80 1.62 50.68
CA ASP A 504 26.64 0.48 50.38
C ASP A 504 28.08 0.77 50.83
N ASN A 505 28.25 1.12 52.10
CA ASN A 505 29.57 1.45 52.61
C ASN A 505 30.48 0.24 52.57
N ARG A 506 29.94 -0.94 52.90
CA ARG A 506 30.59 -2.22 52.70
C ARG A 506 31.97 -2.27 53.37
N ASP A 507 32.03 -1.80 54.62
CA ASP A 507 33.26 -1.80 55.42
C ASP A 507 34.28 -0.79 54.89
N SER A 508 33.80 0.36 54.42
CA SER A 508 34.68 1.44 53.98
C SER A 508 35.11 2.31 55.16
CA ASN A 518 38.23 16.40 64.36
C ASN A 518 37.61 17.47 63.48
N ASP A 519 36.34 17.77 63.73
CA ASP A 519 35.58 18.73 62.93
C ASP A 519 35.77 20.17 63.38
N GLU A 520 37.02 20.58 63.63
CA GLU A 520 37.29 21.95 64.08
C GLU A 520 36.88 22.96 63.01
N GLN A 521 37.34 22.75 61.77
CA GLN A 521 36.96 23.64 60.69
C GLN A 521 35.47 23.58 60.41
N GLN A 522 34.83 22.44 60.72
CA GLN A 522 33.39 22.31 60.49
C GLN A 522 32.62 23.33 61.32
N THR A 523 32.78 23.30 62.64
CA THR A 523 32.05 24.22 63.51
C THR A 523 32.41 25.67 63.23
N GLN A 524 33.66 25.92 62.83
CA GLN A 524 34.10 27.29 62.53
C GLN A 524 33.29 27.93 61.41
N LEU A 525 33.15 27.23 60.29
CA LEU A 525 32.49 27.84 59.13
C LEU A 525 31.02 28.12 59.38
N ILE A 526 30.38 27.35 60.27
CA ILE A 526 28.94 27.54 60.52
C ILE A 526 28.69 28.88 61.20
N MET A 527 29.29 29.09 62.38
CA MET A 527 28.98 30.29 63.17
C MET A 527 29.35 31.56 62.44
N GLU A 528 30.43 31.53 61.64
CA GLU A 528 30.88 32.73 60.94
C GLU A 528 29.83 33.27 59.98
N ASN A 529 28.98 32.40 59.44
CA ASN A 529 28.00 32.75 58.43
C ASN A 529 26.57 32.56 58.94
N GLY A 530 26.31 32.89 60.20
CA GLY A 530 24.97 32.86 60.73
C GLY A 530 24.06 33.88 60.06
N PRO A 531 22.75 33.86 60.35
CA PRO A 531 22.01 32.98 61.27
C PRO A 531 21.51 31.71 60.56
N TRP A 532 20.99 30.75 61.32
CA TRP A 532 20.49 29.50 60.78
C TRP A 532 19.10 29.25 61.35
N GLY A 533 18.67 27.98 61.37
CA GLY A 533 17.34 27.66 61.85
C GLY A 533 16.26 28.26 60.95
N TYR A 534 15.05 28.31 61.49
CA TYR A 534 13.92 28.84 60.74
C TYR A 534 14.02 30.34 60.48
N SER A 535 14.92 31.06 61.17
CA SER A 535 15.14 32.44 60.83
C SER A 535 15.85 32.58 59.48
N SER A 536 16.68 31.61 59.12
CA SER A 536 17.33 31.59 57.81
C SER A 536 16.38 31.16 56.71
N ILE A 537 15.35 30.38 57.03
CA ILE A 537 14.46 29.80 56.02
C ILE A 537 13.27 30.71 55.76
N TYR A 538 12.70 31.27 56.82
CA TYR A 538 11.45 32.01 56.69
C TYR A 538 11.50 33.20 55.73
N PRO A 539 12.61 33.94 55.57
CA PRO A 539 12.62 35.01 54.56
C PRO A 539 12.30 34.54 53.15
N LEU A 540 12.61 33.29 52.83
CA LEU A 540 12.38 32.75 51.49
C LEU A 540 10.99 32.14 51.34
N VAL A 541 10.45 31.54 52.40
CA VAL A 541 9.08 31.03 52.40
C VAL A 541 8.03 32.14 52.46
N LYS A 542 8.46 33.38 52.72
CA LYS A 542 7.61 34.43 53.29
C LYS A 542 6.35 34.67 52.47
N ASN A 543 6.49 35.14 51.22
CA ASN A 543 5.37 35.59 50.41
C ASN A 543 5.11 34.71 49.18
N HIS A 544 5.77 33.55 49.08
CA HIS A 544 5.60 32.66 47.92
C HIS A 544 4.69 31.50 48.31
N PRO A 545 3.50 31.34 47.71
CA PRO A 545 2.55 30.33 48.23
C PRO A 545 2.96 28.89 47.99
N LYS A 546 3.84 28.59 47.03
CA LYS A 546 4.24 27.20 46.83
C LYS A 546 5.17 26.71 47.93
N PHE A 547 5.92 27.62 48.55
CA PHE A 547 6.83 27.27 49.65
C PHE A 547 6.14 27.28 51.01
N THR A 548 4.86 27.66 51.08
CA THR A 548 4.25 27.98 52.35
C THR A 548 4.24 26.81 53.31
N ASP A 549 4.16 25.58 52.80
CA ASP A 549 4.08 24.40 53.65
C ASP A 549 5.44 23.73 53.86
N LEU A 550 6.53 24.33 53.39
CA LEU A 550 7.84 23.72 53.55
C LEU A 550 8.40 23.87 54.96
N ILE A 551 7.95 24.90 55.70
CA ILE A 551 8.63 25.32 56.92
C ILE A 551 8.01 24.78 58.22
N PRO A 552 6.72 24.35 58.28
CA PRO A 552 6.29 23.87 59.62
C PRO A 552 7.12 22.71 60.19
CA THR B 9 -30.82 -34.64 -3.09
C THR B 9 -31.86 -33.52 -3.11
N THR B 10 -31.56 -32.46 -3.86
CA THR B 10 -32.45 -31.32 -4.10
C THR B 10 -32.66 -31.19 -5.61
N SER B 11 -33.83 -30.70 -6.02
CA SER B 11 -34.24 -30.73 -7.42
C SER B 11 -34.71 -29.35 -7.88
N ILE B 12 -34.85 -29.24 -9.21
CA ILE B 12 -35.37 -28.01 -9.81
C ILE B 12 -36.79 -27.73 -9.33
N THR B 13 -37.56 -28.79 -9.03
CA THR B 13 -38.92 -28.57 -8.56
C THR B 13 -38.93 -27.82 -7.23
N ASP B 14 -37.93 -28.09 -6.38
CA ASP B 14 -37.83 -27.36 -5.11
C ASP B 14 -37.54 -25.89 -5.36
N LEU B 15 -36.71 -25.58 -6.37
CA LEU B 15 -36.45 -24.19 -6.72
C LEU B 15 -37.73 -23.52 -7.20
N TYR B 16 -38.46 -24.20 -8.09
CA TYR B 16 -39.71 -23.66 -8.61
C TYR B 16 -40.69 -23.34 -7.49
N ASN B 17 -40.66 -24.14 -6.42
CA ASN B 17 -41.54 -23.89 -5.27
C ASN B 17 -41.08 -22.67 -4.48
N GLU B 18 -39.78 -22.54 -4.27
CA GLU B 18 -39.27 -21.40 -3.51
C GLU B 18 -39.59 -20.08 -4.20
N VAL B 19 -39.62 -20.07 -5.53
CA VAL B 19 -40.01 -18.85 -6.24
C VAL B 19 -41.46 -18.52 -5.95
N ALA B 20 -42.34 -19.54 -5.94
CA ALA B 20 -43.76 -19.29 -5.70
C ALA B 20 -44.01 -18.89 -4.26
N LYS B 21 -43.16 -19.33 -3.34
CA LYS B 21 -43.25 -18.86 -1.96
C LYS B 21 -43.00 -17.36 -1.87
N SER B 22 -42.22 -16.80 -2.79
CA SER B 22 -41.80 -15.40 -2.72
C SER B 22 -42.69 -14.52 -3.57
N ASP B 23 -42.82 -13.27 -3.13
CA ASP B 23 -43.52 -12.23 -3.84
C ASP B 23 -42.57 -11.22 -4.48
N LEU B 24 -41.25 -11.43 -4.32
CA LEU B 24 -40.25 -10.45 -4.77
C LEU B 24 -40.34 -10.22 -6.27
N GLY B 25 -40.49 -8.96 -6.66
CA GLY B 25 -40.51 -8.59 -8.05
C GLY B 25 -41.84 -8.72 -8.76
N LEU B 26 -42.93 -8.98 -8.05
CA LEU B 26 -44.22 -9.12 -8.71
C LEU B 26 -45.08 -7.87 -8.66
N VAL B 27 -44.67 -6.85 -7.91
CA VAL B 27 -45.38 -5.57 -7.87
C VAL B 27 -45.01 -4.68 -9.07
N LYS B 28 -45.96 -4.43 -9.97
CA LYS B 28 -45.71 -3.60 -11.15
N ALA B 33 -46.28 0.86 -17.24
CA ALA B 33 -45.52 0.97 -18.49
C ALA B 33 -44.52 -0.19 -18.63
N ASN B 34 -44.30 -0.65 -19.86
CA ASN B 34 -43.65 -1.94 -20.10
C ASN B 34 -42.64 -1.83 -21.23
N PRO B 35 -41.38 -1.50 -20.93
CA PRO B 35 -40.41 -1.30 -22.00
C PRO B 35 -40.06 -2.60 -22.70
N LEU B 36 -39.51 -2.46 -23.90
CA LEU B 36 -39.04 -3.62 -24.65
C LEU B 36 -37.78 -4.17 -24.00
N VAL B 37 -37.78 -5.47 -23.73
CA VAL B 37 -36.64 -6.15 -23.13
C VAL B 37 -35.98 -7.00 -24.20
N SER B 38 -34.68 -6.81 -24.41
CA SER B 38 -33.91 -7.66 -25.29
C SER B 38 -33.12 -8.63 -24.45
N ILE B 39 -33.19 -9.91 -24.79
CA ILE B 39 -32.38 -10.96 -24.16
C ILE B 39 -31.38 -11.42 -25.21
N ILE B 40 -30.09 -11.30 -24.89
CA ILE B 40 -29.00 -11.59 -25.83
C ILE B 40 -28.48 -12.98 -25.53
N MET B 41 -28.49 -13.85 -26.54
CA MET B 41 -28.06 -15.24 -26.43
C MET B 41 -26.87 -15.47 -27.36
N THR B 42 -25.82 -16.08 -26.83
CA THR B 42 -24.70 -16.56 -27.62
C THR B 42 -24.81 -18.06 -27.74
N SER B 43 -24.24 -18.62 -28.81
CA SER B 43 -24.27 -20.06 -29.02
C SER B 43 -23.01 -20.52 -29.73
N HIS B 44 -22.47 -21.64 -29.29
CA HIS B 44 -21.33 -22.27 -29.93
C HIS B 44 -21.44 -23.78 -29.72
N ASN B 45 -21.84 -24.49 -30.77
CA ASN B 45 -21.99 -25.93 -30.75
C ASN B 45 -22.86 -26.37 -29.57
N THR B 46 -24.12 -25.92 -29.63
CA THR B 46 -25.11 -26.15 -28.58
C THR B 46 -26.44 -26.55 -29.20
N ALA B 47 -26.38 -27.31 -30.30
CA ALA B 47 -27.59 -27.67 -31.04
C ALA B 47 -28.55 -28.53 -30.21
N GLN B 48 -28.02 -29.38 -29.32
CA GLN B 48 -28.89 -30.22 -28.51
C GLN B 48 -29.75 -29.38 -27.56
N PHE B 49 -29.28 -28.20 -27.17
CA PHE B 49 -29.85 -27.42 -26.07
C PHE B 49 -30.56 -26.14 -26.49
N ILE B 50 -30.35 -25.65 -27.71
CA ILE B 50 -30.68 -24.26 -27.96
C ILE B 50 -32.17 -24.04 -28.04
N GLU B 51 -32.93 -25.01 -28.57
CA GLU B 51 -34.37 -24.81 -28.69
C GLU B 51 -35.03 -24.77 -27.31
N ALA B 52 -34.53 -25.55 -26.36
CA ALA B 52 -35.03 -25.43 -25.00
C ALA B 52 -34.71 -24.05 -24.44
N SER B 53 -33.52 -23.53 -24.72
CA SER B 53 -33.16 -22.20 -24.24
C SER B 53 -34.07 -21.14 -24.84
N ILE B 54 -34.30 -21.19 -26.15
CA ILE B 54 -35.17 -20.20 -26.78
C ILE B 54 -36.58 -20.31 -26.22
N ASN B 55 -37.12 -21.53 -26.15
CA ASN B 55 -38.50 -21.70 -25.72
C ASN B 55 -38.69 -21.28 -24.27
N SER B 56 -37.69 -21.43 -23.40
CA SER B 56 -37.89 -20.98 -22.03
C SER B 56 -38.02 -19.46 -21.96
N LEU B 57 -37.53 -18.74 -22.97
CA LEU B 57 -37.72 -17.30 -23.06
C LEU B 57 -39.01 -16.94 -23.78
N LEU B 58 -39.41 -17.70 -24.80
CA LEU B 58 -40.69 -17.43 -25.44
C LEU B 58 -41.86 -17.64 -24.48
N LEU B 59 -41.68 -18.51 -23.49
CA LEU B 59 -42.70 -18.78 -22.49
C LEU B 59 -42.60 -17.85 -21.29
N GLN B 60 -41.93 -16.71 -21.43
CA GLN B 60 -41.83 -15.78 -20.33
C GLN B 60 -43.18 -15.10 -20.09
N THR B 61 -43.50 -14.89 -18.81
CA THR B 61 -44.68 -14.10 -18.47
C THR B 61 -44.54 -12.69 -19.04
N TYR B 62 -43.35 -12.10 -18.93
CA TYR B 62 -43.11 -10.79 -19.54
C TYR B 62 -43.14 -10.94 -21.05
N LYS B 63 -44.12 -10.30 -21.70
CA LYS B 63 -44.45 -10.62 -23.08
C LYS B 63 -43.77 -9.72 -24.11
N ASN B 64 -43.40 -8.50 -23.73
CA ASN B 64 -42.77 -7.55 -24.64
C ASN B 64 -41.26 -7.76 -24.61
N ILE B 65 -40.83 -8.79 -25.37
CA ILE B 65 -39.42 -9.16 -25.44
C ILE B 65 -39.01 -9.34 -26.89
N GLU B 66 -37.71 -9.20 -27.14
CA GLU B 66 -37.07 -9.73 -28.32
C GLU B 66 -35.90 -10.58 -27.86
N ILE B 67 -35.64 -11.65 -28.62
CA ILE B 67 -34.55 -12.57 -28.31
C ILE B 67 -33.52 -12.46 -29.42
N ILE B 68 -32.33 -11.99 -29.06
CA ILE B 68 -31.23 -11.79 -30.00
C ILE B 68 -30.27 -12.96 -29.83
N ILE B 69 -30.09 -13.73 -30.89
CA ILE B 69 -29.22 -14.91 -30.86
C ILE B 69 -28.05 -14.64 -31.80
N VAL B 70 -26.83 -14.83 -31.29
CA VAL B 70 -25.61 -14.69 -32.06
C VAL B 70 -24.85 -16.01 -31.99
N ASP B 71 -24.71 -16.66 -33.14
CA ASP B 71 -23.98 -17.92 -33.21
C ASP B 71 -22.51 -17.66 -33.51
N ASP B 72 -21.63 -18.21 -32.69
CA ASP B 72 -20.19 -17.97 -32.82
C ASP B 72 -19.55 -19.07 -33.66
N ASP B 73 -19.91 -19.07 -34.94
CA ASP B 73 -19.29 -19.92 -35.96
C ASP B 73 -19.37 -21.39 -35.55
N SER B 74 -20.59 -21.83 -35.25
CA SER B 74 -20.82 -23.20 -34.85
C SER B 74 -20.53 -24.15 -36.02
N SER B 75 -19.87 -25.27 -35.71
CA SER B 75 -19.63 -26.29 -36.72
C SER B 75 -20.75 -27.32 -36.80
N ASP B 76 -21.57 -27.44 -35.76
CA ASP B 76 -22.78 -28.26 -35.84
C ASP B 76 -23.91 -27.45 -36.45
N ASN B 77 -25.16 -27.85 -36.20
CA ASN B 77 -26.33 -27.25 -36.84
C ASN B 77 -27.07 -26.29 -35.92
N THR B 78 -26.38 -25.71 -34.93
CA THR B 78 -26.99 -24.79 -33.99
C THR B 78 -27.64 -23.60 -34.69
N PHE B 79 -26.97 -23.02 -35.69
CA PHE B 79 -27.55 -21.87 -36.40
C PHE B 79 -28.72 -22.29 -37.29
N GLU B 80 -28.68 -23.51 -37.83
CA GLU B 80 -29.82 -24.00 -38.62
C GLU B 80 -31.10 -24.05 -37.76
N ILE B 81 -30.97 -24.52 -36.52
CA ILE B 81 -32.12 -24.61 -35.62
C ILE B 81 -32.64 -23.21 -35.30
N ALA B 82 -31.75 -22.32 -34.86
CA ALA B 82 -32.16 -20.97 -34.49
C ALA B 82 -32.76 -20.22 -35.67
N SER B 83 -32.21 -20.43 -36.87
CA SER B 83 -32.81 -19.84 -38.06
C SER B 83 -34.22 -20.37 -38.29
N ARG B 84 -34.43 -21.67 -38.10
CA ARG B 84 -35.77 -22.24 -38.22
C ARG B 84 -36.76 -21.56 -37.28
N ILE B 85 -36.37 -21.37 -36.02
CA ILE B 85 -37.27 -20.77 -35.04
C ILE B 85 -37.46 -19.29 -35.33
N ALA B 86 -36.39 -18.59 -35.72
CA ALA B 86 -36.46 -17.15 -35.90
C ALA B 86 -37.45 -16.75 -36.99
N ASN B 87 -37.65 -17.62 -37.97
CA ASN B 87 -38.64 -17.39 -39.02
C ASN B 87 -40.06 -17.64 -38.57
N THR B 88 -40.26 -18.28 -37.41
CA THR B 88 -41.60 -18.51 -36.92
C THR B 88 -42.12 -17.40 -36.03
N THR B 89 -41.31 -16.41 -35.67
CA THR B 89 -41.80 -15.36 -34.78
C THR B 89 -40.93 -14.12 -34.86
N SER B 90 -41.57 -12.96 -34.77
CA SER B 90 -40.83 -11.72 -34.79
C SER B 90 -40.12 -11.46 -33.47
N LYS B 91 -40.43 -12.23 -32.42
CA LYS B 91 -39.73 -12.09 -31.15
C LYS B 91 -38.30 -12.62 -31.20
N VAL B 92 -37.91 -13.35 -32.26
CA VAL B 92 -36.58 -13.96 -32.36
C VAL B 92 -35.90 -13.46 -33.63
N ARG B 93 -34.68 -12.97 -33.47
CA ARG B 93 -33.81 -12.60 -34.57
C ARG B 93 -32.44 -13.21 -34.35
N VAL B 94 -31.85 -13.78 -35.40
CA VAL B 94 -30.65 -14.60 -35.30
C VAL B 94 -29.56 -14.03 -36.19
N PHE B 95 -28.32 -14.19 -35.73
CA PHE B 95 -27.15 -13.72 -36.47
C PHE B 95 -26.02 -14.72 -36.26
N ARG B 96 -25.08 -14.73 -37.20
CA ARG B 96 -23.98 -15.69 -37.17
C ARG B 96 -22.68 -14.97 -37.48
N LEU B 97 -21.74 -15.09 -36.55
CA LEU B 97 -20.36 -14.67 -36.78
C LEU B 97 -19.67 -15.74 -37.62
N ASN B 98 -18.85 -15.30 -38.56
CA ASN B 98 -18.18 -16.19 -39.50
C ASN B 98 -16.78 -16.55 -39.04
N SER B 99 -16.47 -16.36 -37.76
CA SER B 99 -15.28 -16.92 -37.16
C SER B 99 -15.55 -17.02 -35.66
N ASN B 100 -14.83 -17.93 -35.02
CA ASN B 100 -15.06 -18.24 -33.61
C ASN B 100 -14.33 -17.18 -32.78
N LEU B 101 -15.08 -16.24 -32.23
CA LEU B 101 -14.51 -15.06 -31.57
C LEU B 101 -14.81 -14.95 -30.09
N GLY B 102 -15.61 -15.82 -29.52
CA GLY B 102 -15.86 -15.83 -28.09
C GLY B 102 -17.25 -15.29 -27.76
N THR B 103 -17.73 -15.69 -26.58
CA THR B 103 -19.10 -15.31 -26.20
C THR B 103 -19.24 -13.79 -26.06
N TYR B 104 -18.23 -13.11 -25.52
CA TYR B 104 -18.37 -11.69 -25.29
C TYR B 104 -18.37 -10.90 -26.58
N PHE B 105 -17.59 -11.34 -27.59
CA PHE B 105 -17.73 -10.73 -28.91
C PHE B 105 -19.11 -10.98 -29.48
N ALA B 106 -19.71 -12.14 -29.17
CA ALA B 106 -21.03 -12.45 -29.72
C ALA B 106 -22.12 -11.68 -28.99
N LYS B 107 -21.98 -11.55 -27.66
CA LYS B 107 -22.89 -10.69 -26.90
C LYS B 107 -22.91 -9.28 -27.46
N ASN B 108 -21.72 -8.67 -27.60
CA ASN B 108 -21.64 -7.29 -28.08
C ASN B 108 -22.26 -7.14 -29.46
N THR B 109 -22.11 -8.15 -30.32
CA THR B 109 -22.75 -8.11 -31.63
C THR B 109 -24.27 -8.11 -31.50
N GLY B 110 -24.79 -8.86 -30.54
CA GLY B 110 -26.23 -8.87 -30.35
C GLY B 110 -26.75 -7.56 -29.79
N ILE B 111 -25.95 -6.93 -28.92
CA ILE B 111 -26.32 -5.63 -28.36
C ILE B 111 -26.50 -4.59 -29.47
N LEU B 112 -25.58 -4.55 -30.43
CA LEU B 112 -25.74 -3.58 -31.52
C LEU B 112 -26.98 -3.87 -32.34
N LYS B 113 -27.35 -5.15 -32.47
CA LYS B 113 -28.55 -5.54 -33.18
C LYS B 113 -29.81 -5.39 -32.34
N SER B 114 -29.68 -5.32 -31.02
CA SER B 114 -30.84 -5.26 -30.16
C SER B 114 -31.49 -3.89 -30.24
N LYS B 115 -32.74 -3.84 -29.80
CA LYS B 115 -33.56 -2.64 -29.84
C LYS B 115 -34.20 -2.29 -28.51
N GLY B 116 -34.07 -3.14 -27.48
CA GLY B 116 -34.76 -2.88 -26.24
C GLY B 116 -34.08 -1.86 -25.36
N ASP B 117 -34.88 -1.28 -24.47
CA ASP B 117 -34.36 -0.33 -23.49
C ASP B 117 -33.72 -1.03 -22.31
N ILE B 118 -34.07 -2.29 -22.07
CA ILE B 118 -33.48 -3.10 -21.01
C ILE B 118 -32.88 -4.33 -21.68
N ILE B 119 -31.75 -4.78 -21.17
CA ILE B 119 -30.95 -5.82 -21.81
C ILE B 119 -30.61 -6.90 -20.78
N PHE B 120 -31.06 -8.11 -21.05
CA PHE B 120 -30.72 -9.31 -20.28
C PHE B 120 -29.91 -10.27 -21.16
N PHE B 121 -29.46 -11.37 -20.55
CA PHE B 121 -28.64 -12.37 -21.21
C PHE B 121 -29.13 -13.77 -20.85
N GLN B 122 -28.88 -14.71 -21.75
CA GLN B 122 -29.12 -16.11 -21.46
C GLN B 122 -28.28 -16.95 -22.40
N ASP B 123 -27.41 -17.78 -21.85
CA ASP B 123 -26.59 -18.66 -22.68
C ASP B 123 -27.46 -19.73 -23.33
N SER B 124 -26.99 -20.22 -24.48
CA SER B 124 -27.77 -21.15 -25.27
C SER B 124 -27.84 -22.55 -24.67
N ASP B 125 -26.95 -22.89 -23.74
CA ASP B 125 -26.97 -24.21 -23.11
C ASP B 125 -27.84 -24.27 -21.87
N ASP B 126 -28.58 -23.20 -21.57
CA ASP B 126 -29.30 -23.05 -20.31
C ASP B 126 -30.80 -22.79 -20.55
N VAL B 127 -31.55 -22.81 -19.45
CA VAL B 127 -32.95 -22.36 -19.41
C VAL B 127 -33.17 -21.56 -18.14
N CYS B 128 -34.35 -20.95 -18.04
CA CYS B 128 -34.70 -20.10 -16.90
C CYS B 128 -36.17 -20.23 -16.53
N HIS B 129 -36.48 -19.74 -15.34
CA HIS B 129 -37.83 -19.71 -14.80
C HIS B 129 -38.69 -18.76 -15.61
N HIS B 130 -39.97 -19.12 -15.77
CA HIS B 130 -40.87 -18.35 -16.64
C HIS B 130 -41.18 -16.96 -16.10
N GLU B 131 -40.81 -16.66 -14.86
CA GLU B 131 -41.04 -15.38 -14.23
C GLU B 131 -39.76 -14.57 -14.05
N ARG B 132 -38.66 -15.00 -14.66
CA ARG B 132 -37.36 -14.36 -14.41
C ARG B 132 -37.37 -12.91 -14.88
N ILE B 133 -37.80 -12.68 -16.12
CA ILE B 133 -37.68 -11.34 -16.66
C ILE B 133 -38.69 -10.40 -16.00
N GLU B 134 -39.92 -10.88 -15.76
CA GLU B 134 -40.90 -10.06 -15.06
C GLU B 134 -40.37 -9.67 -13.68
N ARG B 135 -39.95 -10.64 -12.88
CA ARG B 135 -39.50 -10.36 -11.51
C ARG B 135 -38.28 -9.44 -11.51
N CYS B 136 -37.35 -9.66 -12.42
CA CYS B 136 -36.12 -8.87 -12.41
C CYS B 136 -36.37 -7.46 -12.95
N VAL B 137 -37.22 -7.33 -13.97
CA VAL B 137 -37.54 -6.02 -14.50
C VAL B 137 -38.19 -5.16 -13.42
N ASN B 138 -39.12 -5.72 -12.66
CA ASN B 138 -39.81 -4.95 -11.62
C ASN B 138 -38.84 -4.48 -10.54
N ILE B 139 -37.90 -5.35 -10.14
CA ILE B 139 -36.90 -4.94 -9.16
C ILE B 139 -36.03 -3.81 -9.72
N LEU B 140 -35.72 -3.88 -11.01
CA LEU B 140 -34.88 -2.86 -11.64
C LEU B 140 -35.56 -1.49 -11.59
N LEU B 141 -36.83 -1.44 -11.98
CA LEU B 141 -37.55 -0.17 -12.12
C LEU B 141 -38.19 0.30 -10.82
N ALA B 142 -38.00 -0.41 -9.71
CA ALA B 142 -38.56 0.04 -8.45
C ALA B 142 -37.99 1.40 -8.05
N ASN B 143 -36.70 1.60 -8.30
CA ASN B 143 -35.97 2.80 -7.90
C ASN B 143 -35.33 3.41 -9.13
N LYS B 144 -35.75 4.64 -9.48
CA LYS B 144 -35.34 5.29 -10.73
C LYS B 144 -33.81 5.41 -10.84
N GLU B 145 -33.09 5.45 -9.73
CA GLU B 145 -31.64 5.58 -9.78
C GLU B 145 -30.92 4.23 -9.91
N THR B 146 -31.63 3.11 -9.86
CA THR B 146 -31.00 1.79 -10.00
C THR B 146 -30.67 1.51 -11.47
N ILE B 147 -29.45 1.04 -11.72
CA ILE B 147 -28.95 0.89 -13.09
C ILE B 147 -29.05 -0.55 -13.59
N ALA B 148 -28.85 -1.54 -12.72
CA ALA B 148 -28.85 -2.92 -13.16
C ALA B 148 -29.28 -3.84 -12.03
N VAL B 149 -29.73 -5.04 -12.42
CA VAL B 149 -30.23 -6.05 -11.51
C VAL B 149 -29.63 -7.39 -11.89
N ARG B 150 -29.48 -8.27 -10.88
CA ARG B 150 -29.10 -9.65 -11.10
C ARG B 150 -29.83 -10.53 -10.12
N CYS B 151 -30.01 -11.80 -10.50
CA CYS B 151 -30.62 -12.80 -9.64
C CYS B 151 -29.72 -14.02 -9.51
N ALA B 152 -30.22 -15.08 -8.88
CA ALA B 152 -29.42 -16.24 -8.55
C ALA B 152 -29.57 -17.34 -9.60
N TYR B 153 -28.63 -18.28 -9.58
CA TYR B 153 -28.56 -19.37 -10.54
C TYR B 153 -28.27 -20.66 -9.79
N SER B 154 -28.55 -21.78 -10.43
CA SER B 154 -28.17 -23.10 -9.95
C SER B 154 -27.58 -23.91 -11.08
N ARG B 155 -26.59 -24.76 -10.75
CA ARG B 155 -26.07 -25.71 -11.72
C ARG B 155 -26.91 -26.97 -11.64
N LEU B 156 -27.23 -27.54 -12.79
CA LEU B 156 -28.11 -28.70 -12.88
C LEU B 156 -27.44 -29.83 -13.64
N ALA B 157 -27.74 -31.05 -13.19
CA ALA B 157 -27.42 -32.24 -13.95
C ALA B 157 -28.46 -32.40 -15.07
N PRO B 158 -28.06 -32.43 -16.35
CA PRO B 158 -29.09 -32.47 -17.40
C PRO B 158 -29.96 -33.71 -17.38
N GLU B 159 -29.46 -34.84 -16.87
CA GLU B 159 -30.29 -36.05 -16.87
C GLU B 159 -31.37 -35.95 -15.82
N THR B 160 -30.99 -35.78 -14.55
CA THR B 160 -31.94 -35.92 -13.45
C THR B 160 -32.53 -34.59 -12.98
N GLN B 161 -32.00 -33.45 -13.44
CA GLN B 161 -32.46 -32.14 -12.96
C GLN B 161 -32.33 -32.02 -11.44
N HIS B 162 -31.29 -32.63 -10.88
CA HIS B 162 -30.93 -32.43 -9.48
C HIS B 162 -29.96 -31.25 -9.41
N ILE B 163 -29.91 -30.61 -8.24
CA ILE B 163 -29.06 -29.45 -8.05
C ILE B 163 -27.62 -29.92 -7.83
N ILE B 164 -26.70 -29.39 -8.63
CA ILE B 164 -25.27 -29.46 -8.31
C ILE B 164 -24.98 -28.26 -7.44
N LYS B 165 -24.63 -28.52 -6.18
CA LYS B 165 -24.23 -27.44 -5.29
C LYS B 165 -22.87 -26.90 -5.67
N VAL B 166 -22.74 -25.58 -5.61
CA VAL B 166 -21.49 -24.87 -5.87
C VAL B 166 -21.06 -24.25 -4.54
N ASN B 167 -19.94 -24.74 -4.00
CA ASN B 167 -19.45 -24.31 -2.69
C ASN B 167 -20.54 -24.45 -1.62
N ASN B 168 -21.26 -25.58 -1.67
CA ASN B 168 -22.28 -25.92 -0.68
C ASN B 168 -23.41 -24.89 -0.63
N MET B 169 -23.91 -24.52 -1.81
CA MET B 169 -25.11 -23.70 -1.89
C MET B 169 -25.98 -24.18 -3.04
N ASP B 170 -27.29 -24.22 -2.80
CA ASP B 170 -28.22 -24.58 -3.86
C ASP B 170 -28.19 -23.54 -4.97
N TYR B 171 -28.29 -22.27 -4.58
CA TYR B 171 -28.26 -21.17 -5.54
C TYR B 171 -27.42 -20.02 -4.97
N ARG B 172 -26.84 -19.24 -5.88
CA ARG B 172 -26.00 -18.10 -5.55
C ARG B 172 -26.06 -17.10 -6.70
N LEU B 173 -25.69 -15.86 -6.40
CA LEU B 173 -25.79 -14.79 -7.39
C LEU B 173 -24.80 -15.01 -8.54
N GLY B 174 -25.25 -14.75 -9.76
CA GLY B 174 -24.45 -14.94 -10.95
C GLY B 174 -24.31 -13.65 -11.74
N PHE B 175 -23.59 -13.76 -12.87
CA PHE B 175 -23.39 -12.65 -13.79
C PHE B 175 -24.20 -12.77 -15.09
N ILE B 176 -24.51 -14.00 -15.52
CA ILE B 176 -25.32 -14.17 -16.73
C ILE B 176 -26.74 -13.67 -16.51
N THR B 177 -27.19 -13.65 -15.26
CA THR B 177 -28.51 -13.15 -14.89
C THR B 177 -28.64 -11.63 -14.94
N LEU B 178 -27.58 -10.90 -15.26
CA LEU B 178 -27.63 -9.44 -15.22
C LEU B 178 -28.67 -8.87 -16.16
N GLY B 179 -29.36 -7.85 -15.66
CA GLY B 179 -30.18 -7.00 -16.50
C GLY B 179 -29.84 -5.57 -16.19
N MET B 180 -29.93 -4.72 -17.21
CA MET B 180 -29.44 -3.37 -17.11
C MET B 180 -30.12 -2.53 -18.18
N HIS B 181 -30.06 -1.22 -17.99
CA HIS B 181 -30.56 -0.28 -18.99
C HIS B 181 -29.60 -0.23 -20.16
N ARG B 182 -30.15 0.01 -21.35
CA ARG B 182 -29.31 0.08 -22.54
C ARG B 182 -28.25 1.16 -22.41
N LYS B 183 -28.52 2.24 -21.67
CA LYS B 183 -27.62 3.38 -21.63
C LYS B 183 -26.26 3.03 -21.02
N VAL B 184 -26.15 1.89 -20.33
CA VAL B 184 -24.87 1.50 -19.75
C VAL B 184 -23.81 1.34 -20.82
N PHE B 185 -24.17 0.78 -21.97
CA PHE B 185 -23.15 0.43 -22.96
C PHE B 185 -22.60 1.67 -23.66
N GLN B 186 -23.45 2.67 -23.88
CA GLN B 186 -22.99 3.91 -24.49
C GLN B 186 -22.35 4.86 -23.49
N GLU B 187 -22.41 4.55 -22.20
CA GLU B 187 -21.74 5.35 -21.18
C GLU B 187 -20.40 4.76 -20.74
N ILE B 188 -20.28 3.43 -20.63
CA ILE B 188 -19.04 2.80 -20.18
C ILE B 188 -18.52 1.76 -21.17
N GLY B 189 -19.14 1.64 -22.35
CA GLY B 189 -18.64 0.72 -23.35
C GLY B 189 -19.26 -0.66 -23.25
N PHE B 190 -18.62 -1.58 -23.95
CA PHE B 190 -19.12 -2.94 -24.16
C PHE B 190 -18.29 -3.93 -23.36
N PHE B 191 -18.70 -5.20 -23.42
CA PHE B 191 -17.95 -6.26 -22.78
C PHE B 191 -16.56 -6.35 -23.40
N ASN B 192 -15.57 -6.70 -22.57
CA ASN B 192 -14.24 -6.93 -23.12
C ASN B 192 -14.22 -8.25 -23.88
N CYS B 193 -13.66 -8.23 -25.09
CA CYS B 193 -13.74 -9.35 -26.02
C CYS B 193 -12.70 -10.43 -25.70
N THR B 194 -12.83 -11.00 -24.50
CA THR B 194 -12.08 -12.20 -24.12
C THR B 194 -12.95 -13.43 -24.36
N THR B 195 -12.42 -14.59 -23.96
CA THR B 195 -13.12 -15.85 -24.02
C THR B 195 -13.84 -16.18 -22.72
N LYS B 196 -13.26 -15.80 -21.58
CA LYS B 196 -13.90 -16.00 -20.29
C LYS B 196 -13.46 -14.89 -19.34
N GLY B 197 -14.25 -14.68 -18.27
CA GLY B 197 -13.93 -13.76 -17.22
C GLY B 197 -14.51 -12.37 -17.37
N SER B 198 -14.87 -11.94 -18.57
CA SER B 198 -15.25 -10.54 -18.77
C SER B 198 -16.64 -10.21 -18.27
N ASP B 199 -17.43 -11.19 -17.84
CA ASP B 199 -18.68 -10.87 -17.17
C ASP B 199 -18.39 -10.44 -15.73
N ASP B 200 -17.41 -11.06 -15.08
CA ASP B 200 -16.92 -10.58 -13.79
C ASP B 200 -16.43 -9.14 -13.90
N GLU B 201 -15.71 -8.82 -15.00
CA GLU B 201 -15.13 -7.49 -15.18
C GLU B 201 -16.22 -6.44 -15.38
N PHE B 202 -17.12 -6.69 -16.32
CA PHE B 202 -18.14 -5.71 -16.65
C PHE B 202 -19.04 -5.43 -15.47
N PHE B 203 -19.24 -6.41 -14.59
CA PHE B 203 -20.00 -6.17 -13.37
C PHE B 203 -19.31 -5.13 -12.51
N HIS B 204 -18.03 -5.35 -12.23
CA HIS B 204 -17.30 -4.40 -11.40
C HIS B 204 -17.01 -3.10 -12.14
N ARG B 205 -17.12 -3.10 -13.47
CA ARG B 205 -17.04 -1.82 -14.17
C ARG B 205 -18.27 -0.98 -13.91
N ILE B 206 -19.47 -1.60 -13.97
CA ILE B 206 -20.69 -0.89 -13.61
C ILE B 206 -20.62 -0.38 -12.18
N ALA B 207 -20.14 -1.22 -11.25
CA ALA B 207 -20.06 -0.80 -9.85
C ALA B 207 -19.13 0.38 -9.68
N LYS B 208 -18.00 0.39 -10.40
CA LYS B 208 -17.10 1.54 -10.34
C LYS B 208 -17.81 2.79 -10.80
N TYR B 209 -18.38 2.77 -12.01
CA TYR B 209 -18.95 3.98 -12.59
C TYR B 209 -20.21 4.42 -11.86
N TYR B 210 -21.12 3.49 -11.56
CA TYR B 210 -22.44 3.82 -11.01
C TYR B 210 -22.54 3.64 -9.50
N GLY B 211 -21.67 2.82 -8.90
CA GLY B 211 -21.74 2.55 -7.47
C GLY B 211 -22.47 1.26 -7.20
N LYS B 212 -21.86 0.39 -6.38
CA LYS B 212 -22.41 -0.95 -6.18
C LYS B 212 -23.83 -0.91 -5.65
N GLU B 213 -24.18 0.14 -4.89
CA GLU B 213 -25.52 0.24 -4.33
C GLU B 213 -26.57 0.33 -5.42
N LYS B 214 -26.20 0.83 -6.60
CA LYS B 214 -27.11 0.90 -7.73
C LYS B 214 -27.28 -0.45 -8.45
N ILE B 215 -26.73 -1.53 -7.90
CA ILE B 215 -26.94 -2.89 -8.38
C ILE B 215 -27.87 -3.60 -7.40
N LYS B 216 -29.11 -3.82 -7.80
CA LYS B 216 -30.06 -4.55 -6.96
C LYS B 216 -29.91 -6.05 -7.16
N ASN B 217 -29.89 -6.79 -6.06
CA ASN B 217 -29.80 -8.24 -6.06
C ASN B 217 -31.14 -8.85 -5.66
N LEU B 218 -31.66 -9.72 -6.50
CA LEU B 218 -32.87 -10.50 -6.24
C LEU B 218 -32.46 -11.94 -5.95
N LEU B 219 -32.40 -12.30 -4.67
CA LEU B 219 -31.87 -13.61 -4.26
C LEU B 219 -32.95 -14.69 -4.41
N LEU B 220 -33.17 -15.11 -5.66
CA LEU B 220 -34.10 -16.19 -6.01
C LEU B 220 -33.53 -17.08 -7.13
N PRO B 221 -33.69 -18.42 -7.05
CA PRO B 221 -33.15 -19.26 -8.15
C PRO B 221 -34.02 -19.27 -9.40
N LEU B 222 -33.72 -18.36 -10.34
CA LEU B 222 -34.50 -18.17 -11.56
C LEU B 222 -33.75 -18.55 -12.83
N TYR B 223 -32.48 -18.91 -12.76
CA TYR B 223 -31.67 -19.25 -13.91
C TYR B 223 -31.05 -20.62 -13.65
N TYR B 224 -31.05 -21.47 -14.67
CA TYR B 224 -30.70 -22.88 -14.51
C TYR B 224 -29.55 -23.16 -15.47
N ASN B 225 -28.35 -23.26 -14.91
CA ASN B 225 -27.13 -23.48 -15.66
C ASN B 225 -26.96 -24.97 -15.91
N THR B 226 -26.93 -25.35 -17.18
CA THR B 226 -26.66 -26.74 -17.51
C THR B 226 -25.20 -27.05 -17.22
N MET B 227 -24.96 -28.21 -16.62
CA MET B 227 -23.62 -28.70 -16.35
C MET B 227 -23.23 -29.61 -17.50
N ARG B 228 -22.23 -29.20 -18.27
CA ARG B 228 -21.75 -29.98 -19.39
C ARG B 228 -20.24 -29.87 -19.47
N GLU B 229 -19.61 -30.98 -19.82
CA GLU B 229 -18.15 -31.06 -19.72
C GLU B 229 -17.47 -30.25 -20.83
N ASN B 230 -16.25 -29.81 -20.53
CA ASN B 230 -15.45 -28.95 -21.40
C ASN B 230 -16.11 -27.59 -21.68
N SER B 231 -17.00 -27.14 -20.80
CA SER B 231 -17.58 -25.81 -20.96
C SER B 231 -16.56 -24.78 -20.47
N LEU B 232 -16.95 -23.50 -20.48
CA LEU B 232 -15.99 -22.45 -20.21
C LEU B 232 -15.52 -22.47 -18.76
N PHE B 233 -16.42 -22.78 -17.84
CA PHE B 233 -16.14 -22.68 -16.41
C PHE B 233 -15.56 -23.96 -15.81
N THR B 234 -15.44 -25.04 -16.58
CA THR B 234 -14.75 -26.23 -16.08
C THR B 234 -13.30 -25.93 -15.71
N ASP B 235 -12.73 -24.86 -16.28
CA ASP B 235 -11.46 -24.28 -15.88
C ASP B 235 -11.35 -24.09 -14.36
N MET B 236 -12.48 -23.89 -13.67
CA MET B 236 -12.52 -23.54 -12.25
C MET B 236 -13.05 -24.66 -11.35
N VAL B 237 -13.31 -25.85 -11.89
CA VAL B 237 -14.12 -26.85 -11.20
C VAL B 237 -13.24 -27.84 -10.47
N GLU B 238 -13.70 -28.29 -9.30
CA GLU B 238 -13.13 -29.43 -8.60
C GLU B 238 -14.27 -30.27 -8.07
N TRP B 239 -14.37 -31.50 -8.57
CA TRP B 239 -15.46 -32.40 -8.18
C TRP B 239 -15.19 -33.00 -6.81
N ILE B 240 -16.20 -32.96 -5.95
CA ILE B 240 -16.20 -33.63 -4.66
C ILE B 240 -17.03 -34.90 -4.76
N ASP B 241 -18.33 -34.72 -4.97
CA ASP B 241 -19.35 -35.76 -4.95
C ASP B 241 -20.08 -35.75 -6.29
N ASN B 242 -21.16 -36.52 -6.40
CA ASN B 242 -22.05 -36.43 -7.56
C ASN B 242 -23.07 -35.30 -7.41
N HIS B 243 -22.99 -34.51 -6.31
CA HIS B 243 -23.93 -33.42 -6.05
C HIS B 243 -23.24 -32.15 -5.54
N ASN B 244 -21.91 -32.10 -5.53
CA ASN B 244 -21.18 -30.94 -5.00
C ASN B 244 -19.93 -30.70 -5.84
N ILE B 245 -19.57 -29.43 -5.96
CA ILE B 245 -18.31 -29.02 -6.57
C ILE B 245 -17.78 -27.81 -5.82
N ILE B 246 -16.50 -27.49 -6.08
CA ILE B 246 -15.85 -26.29 -5.58
C ILE B 246 -15.54 -25.41 -6.77
N GLN B 247 -15.95 -24.15 -6.70
CA GLN B 247 -15.63 -23.15 -7.71
C GLN B 247 -14.44 -22.33 -7.19
N LYS B 248 -13.32 -22.38 -7.90
CA LYS B 248 -12.11 -21.67 -7.52
C LYS B 248 -11.43 -21.18 -8.79
N MET B 249 -11.08 -19.89 -8.81
CA MET B 249 -10.50 -19.30 -10.02
C MET B 249 -9.17 -19.97 -10.36
N SER B 250 -8.98 -20.20 -11.66
CA SER B 250 -7.71 -20.71 -12.15
C SER B 250 -6.69 -19.58 -12.19
N ASP B 251 -5.45 -19.89 -12.57
CA ASP B 251 -4.42 -18.86 -12.60
C ASP B 251 -4.70 -17.83 -13.69
N THR B 252 -4.96 -18.28 -14.92
CA THR B 252 -5.19 -17.31 -15.98
C THR B 252 -6.46 -16.51 -15.73
N ARG B 253 -7.43 -17.09 -15.00
CA ARG B 253 -8.59 -16.31 -14.60
C ARG B 253 -8.25 -15.34 -13.49
N GLN B 254 -7.36 -15.75 -12.57
CA GLN B 254 -6.98 -14.90 -11.45
C GLN B 254 -6.05 -13.77 -11.86
N HIS B 255 -5.22 -13.99 -12.88
CA HIS B 255 -4.40 -12.92 -13.42
C HIS B 255 -5.27 -11.85 -14.09
N TYR B 256 -6.32 -12.29 -14.79
CA TYR B 256 -7.25 -11.35 -15.40
C TYR B 256 -7.96 -10.53 -14.35
N ALA B 257 -8.30 -11.16 -13.22
CA ALA B 257 -9.00 -10.46 -12.15
C ALA B 257 -8.16 -9.33 -11.57
N THR B 258 -6.92 -9.65 -11.19
CA THR B 258 -6.01 -8.62 -10.71
C THR B 258 -5.78 -7.56 -11.78
N LEU B 259 -5.79 -7.97 -13.05
CA LEU B 259 -5.49 -7.03 -14.12
C LEU B 259 -6.60 -5.98 -14.24
N PHE B 260 -7.88 -6.41 -14.31
CA PHE B 260 -8.94 -5.42 -14.51
C PHE B 260 -9.30 -4.69 -13.21
N GLN B 261 -9.03 -5.29 -12.05
CA GLN B 261 -9.17 -4.54 -10.80
C GLN B 261 -8.25 -3.32 -10.80
N ALA B 262 -6.96 -3.54 -11.07
CA ALA B 262 -6.03 -2.42 -11.18
C ALA B 262 -6.49 -1.46 -12.26
N MET B 263 -6.98 -1.98 -13.37
CA MET B 263 -7.42 -1.13 -14.47
C MET B 263 -8.61 -0.28 -14.07
N HIS B 264 -9.53 -0.83 -13.27
CA HIS B 264 -10.68 -0.05 -12.84
C HIS B 264 -10.27 1.14 -11.98
N ASN B 265 -9.23 0.96 -11.16
CA ASN B 265 -8.77 2.03 -10.29
C ASN B 265 -8.01 3.11 -11.05
N GLU B 266 -7.23 2.70 -12.05
CA GLU B 266 -6.28 3.57 -12.72
C GLU B 266 -6.84 4.20 -13.99
N THR B 267 -8.00 3.76 -14.47
CA THR B 267 -8.55 4.27 -15.72
C THR B 267 -9.57 5.35 -15.41
N ALA B 268 -9.40 6.52 -16.03
CA ALA B 268 -10.42 7.56 -15.92
C ALA B 268 -11.72 7.04 -16.50
N SER B 269 -12.81 7.18 -15.72
CA SER B 269 -14.05 6.51 -16.06
C SER B 269 -14.70 7.07 -17.32
N HIS B 270 -14.30 8.26 -17.77
CA HIS B 270 -14.71 8.73 -19.09
C HIS B 270 -14.05 7.95 -20.22
N ASP B 271 -12.97 7.22 -19.95
CA ASP B 271 -12.24 6.50 -21.00
C ASP B 271 -12.76 5.08 -21.23
N PHE B 272 -13.52 4.51 -20.29
CA PHE B 272 -14.12 3.18 -20.47
C PHE B 272 -14.85 3.10 -21.80
N LYS B 273 -15.59 4.14 -22.14
CA LYS B 273 -16.30 4.23 -23.41
C LYS B 273 -15.36 3.99 -24.60
N ASN B 274 -14.12 4.48 -24.53
CA ASN B 274 -13.14 4.34 -25.61
C ASN B 274 -12.20 3.15 -25.43
N LEU B 275 -11.91 2.77 -24.19
CA LEU B 275 -11.06 1.61 -23.97
C LEU B 275 -11.74 0.36 -24.50
N PHE B 276 -13.03 0.21 -24.21
CA PHE B 276 -13.79 -0.96 -24.58
C PHE B 276 -14.80 -0.64 -25.66
N GLN B 277 -14.35 -0.12 -26.79
CA GLN B 277 -15.26 0.05 -27.92
C GLN B 277 -15.52 -1.29 -28.60
N PHE B 278 -16.55 -1.30 -29.44
CA PHE B 278 -16.92 -2.47 -30.19
C PHE B 278 -17.50 -2.02 -31.52
N PRO B 279 -17.18 -2.69 -32.65
CA PRO B 279 -16.25 -3.82 -32.84
C PRO B 279 -14.80 -3.44 -32.57
N ARG B 280 -13.87 -4.39 -32.65
CA ARG B 280 -12.47 -4.14 -32.33
C ARG B 280 -11.67 -5.31 -32.90
N ILE B 281 -10.36 -5.09 -33.04
CA ILE B 281 -9.47 -6.12 -33.57
C ILE B 281 -8.24 -6.35 -32.71
N TYR B 282 -8.00 -5.48 -31.72
CA TYR B 282 -6.91 -5.64 -30.75
C TYR B 282 -7.47 -5.78 -29.34
N ASP B 283 -6.76 -6.53 -28.50
CA ASP B 283 -7.17 -6.68 -27.10
C ASP B 283 -7.23 -5.33 -26.42
N ALA B 284 -8.31 -5.08 -25.68
CA ALA B 284 -8.37 -3.88 -24.86
C ALA B 284 -7.36 -3.97 -23.71
N LEU B 285 -7.20 -5.15 -23.12
CA LEU B 285 -6.29 -5.43 -22.02
C LEU B 285 -5.28 -6.49 -22.43
N PRO B 286 -4.03 -6.45 -21.96
CA PRO B 286 -3.07 -7.49 -22.36
C PRO B 286 -3.42 -8.81 -21.72
N VAL B 287 -3.67 -9.83 -22.55
CA VAL B 287 -4.11 -11.13 -22.07
C VAL B 287 -3.39 -12.24 -22.82
N PRO B 288 -3.23 -13.42 -22.18
CA PRO B 288 -2.63 -14.55 -22.89
C PRO B 288 -3.44 -14.94 -24.11
N GLN B 289 -2.80 -15.73 -24.98
CA GLN B 289 -3.47 -16.21 -26.18
C GLN B 289 -4.63 -17.14 -25.84
N GLU B 290 -4.57 -17.81 -24.68
CA GLU B 290 -5.70 -18.62 -24.21
C GLU B 290 -6.96 -17.78 -24.00
N MET B 291 -6.81 -16.50 -23.69
CA MET B 291 -7.91 -15.64 -23.26
C MET B 291 -8.50 -14.78 -24.37
N SER B 292 -7.96 -14.84 -25.59
CA SER B 292 -8.43 -13.98 -26.67
C SER B 292 -8.42 -14.74 -27.98
N LYS B 293 -9.51 -14.59 -28.74
CA LYS B 293 -9.62 -15.11 -30.10
C LYS B 293 -9.62 -13.98 -31.12
N LEU B 294 -9.16 -12.80 -30.72
CA LEU B 294 -9.13 -11.66 -31.65
C LEU B 294 -7.96 -11.83 -32.61
N SER B 295 -8.13 -11.29 -33.81
CA SER B 295 -7.11 -11.43 -34.85
C SER B 295 -5.74 -10.93 -34.40
N ASN B 296 -5.72 -9.85 -33.62
CA ASN B 296 -4.51 -9.19 -33.11
C ASN B 296 -3.43 -9.06 -34.19
N PRO B 297 -3.71 -8.32 -35.27
CA PRO B 297 -2.71 -8.20 -36.34
C PRO B 297 -1.40 -7.63 -35.82
N LYS B 298 -0.32 -8.35 -36.11
CA LYS B 298 1.01 -7.87 -35.80
C LYS B 298 1.53 -6.92 -36.86
N ILE B 299 0.70 -6.55 -37.83
CA ILE B 299 0.98 -5.46 -38.76
C ILE B 299 -0.26 -4.59 -38.86
N PRO B 300 -0.13 -3.33 -39.30
CA PRO B 300 -1.30 -2.45 -39.33
C PRO B 300 -2.32 -2.95 -40.34
N VAL B 301 -3.53 -2.41 -40.22
CA VAL B 301 -4.66 -2.76 -41.08
C VAL B 301 -5.13 -1.49 -41.76
N TYR B 302 -5.10 -1.49 -43.10
CA TYR B 302 -5.51 -0.35 -43.91
C TYR B 302 -6.78 -0.73 -44.66
N ILE B 303 -7.85 0.02 -44.44
CA ILE B 303 -9.11 -0.16 -45.15
C ILE B 303 -9.19 0.89 -46.24
N ASN B 304 -9.49 0.44 -47.46
CA ASN B 304 -9.54 1.27 -48.66
C ASN B 304 -10.93 1.20 -49.26
N ILE B 305 -11.50 2.34 -49.60
CA ILE B 305 -12.84 2.39 -50.17
C ILE B 305 -12.97 3.56 -51.12
N CYS B 306 -13.72 3.35 -52.18
CA CYS B 306 -14.20 4.39 -53.08
C CYS B 306 -15.69 4.60 -52.83
N SER B 307 -16.16 5.83 -53.05
CA SER B 307 -17.55 6.16 -52.80
C SER B 307 -18.01 7.26 -53.75
N ILE B 308 -19.32 7.35 -53.91
CA ILE B 308 -19.96 8.40 -54.69
C ILE B 308 -21.03 9.04 -53.82
N PRO B 309 -21.41 10.30 -54.10
CA PRO B 309 -22.38 10.98 -53.22
C PRO B 309 -23.78 10.38 -53.28
N SER B 310 -24.11 9.62 -54.31
CA SER B 310 -25.41 8.94 -54.35
C SER B 310 -25.58 7.96 -53.21
N ARG B 311 -24.49 7.53 -52.55
CA ARG B 311 -24.50 6.52 -51.52
C ARG B 311 -23.82 7.02 -50.24
N ILE B 312 -24.05 8.28 -49.87
CA ILE B 312 -23.43 8.81 -48.65
C ILE B 312 -24.09 8.22 -47.41
N ALA B 313 -25.40 7.95 -47.46
CA ALA B 313 -26.10 7.32 -46.34
C ALA B 313 -25.52 5.95 -46.04
N GLN B 314 -25.05 5.24 -47.07
CA GLN B 314 -24.38 3.96 -46.85
C GLN B 314 -22.98 4.19 -46.31
N LEU B 315 -22.26 5.18 -46.84
CA LEU B 315 -20.89 5.42 -46.41
C LEU B 315 -20.82 5.82 -44.94
N ARG B 316 -21.84 6.52 -44.43
CA ARG B 316 -21.87 6.84 -43.01
C ARG B 316 -21.89 5.57 -42.17
N ARG B 317 -22.77 4.62 -42.52
CA ARG B 317 -22.87 3.38 -41.77
C ARG B 317 -21.58 2.56 -41.85
N ILE B 318 -20.90 2.58 -43.00
CA ILE B 318 -19.72 1.71 -43.17
C ILE B 318 -18.54 2.24 -42.38
N ILE B 319 -18.37 3.55 -42.31
CA ILE B 319 -17.27 4.10 -41.54
C ILE B 319 -17.52 3.89 -40.05
N GLY B 320 -18.79 3.93 -39.63
CA GLY B 320 -19.12 3.69 -38.23
C GLY B 320 -18.80 2.28 -37.79
N ILE B 321 -19.13 1.29 -38.62
CA ILE B 321 -18.85 -0.09 -38.26
C ILE B 321 -17.35 -0.37 -38.33
N LEU B 322 -16.66 0.09 -39.37
CA LEU B 322 -15.26 -0.28 -39.60
C LEU B 322 -14.25 0.62 -38.90
N LYS B 323 -14.68 1.67 -38.20
CA LYS B 323 -13.74 2.68 -37.71
C LYS B 323 -12.74 2.09 -36.73
N ASN B 324 -13.18 1.24 -35.81
CA ASN B 324 -12.31 0.58 -34.85
C ASN B 324 -11.81 -0.78 -35.32
N GLN B 325 -12.19 -1.21 -36.52
CA GLN B 325 -11.70 -2.47 -37.07
C GLN B 325 -10.45 -2.28 -37.93
N CYS B 326 -9.76 -1.14 -37.80
CA CYS B 326 -8.56 -0.90 -38.59
C CYS B 326 -7.73 0.18 -37.94
N ASP B 327 -6.49 0.29 -38.42
CA ASP B 327 -5.56 1.32 -38.01
C ASP B 327 -5.59 2.56 -38.90
N HIS B 328 -6.06 2.45 -40.15
CA HIS B 328 -6.00 3.59 -41.04
C HIS B 328 -6.97 3.40 -42.20
N PHE B 329 -7.52 4.51 -42.69
CA PHE B 329 -8.40 4.55 -43.85
C PHE B 329 -7.72 5.22 -45.02
N HIS B 330 -8.13 4.83 -46.22
CA HIS B 330 -7.85 5.59 -47.43
C HIS B 330 -9.15 5.71 -48.22
N ILE B 331 -9.66 6.94 -48.31
CA ILE B 331 -10.97 7.22 -48.88
C ILE B 331 -10.79 7.96 -50.20
N TYR B 332 -11.53 7.52 -51.23
CA TYR B 332 -11.52 8.16 -52.54
C TYR B 332 -12.94 8.65 -52.82
N LEU B 333 -13.17 9.96 -52.60
CA LEU B 333 -14.47 10.56 -52.84
C LEU B 333 -14.55 11.01 -54.28
N ASP B 334 -15.50 10.44 -55.03
CA ASP B 334 -15.66 10.69 -56.46
C ASP B 334 -16.90 11.54 -56.69
N GLY B 335 -16.71 12.86 -56.72
CA GLY B 335 -17.79 13.79 -57.02
C GLY B 335 -18.50 14.41 -55.82
N TYR B 336 -17.90 14.35 -54.62
CA TYR B 336 -18.46 15.03 -53.47
C TYR B 336 -18.24 16.54 -53.57
N VAL B 337 -19.20 17.31 -53.04
CA VAL B 337 -19.07 18.76 -53.02
C VAL B 337 -17.95 19.17 -52.05
N GLU B 338 -18.02 18.69 -50.81
CA GLU B 338 -16.97 18.90 -49.81
C GLU B 338 -16.86 17.63 -48.99
N ILE B 339 -15.79 17.54 -48.20
CA ILE B 339 -15.54 16.34 -47.39
C ILE B 339 -16.66 16.21 -46.36
N PRO B 340 -17.36 15.07 -46.25
CA PRO B 340 -18.39 14.94 -45.22
C PRO B 340 -17.87 15.16 -43.81
N ASP B 341 -18.81 15.52 -42.92
CA ASP B 341 -18.51 15.75 -41.51
C ASP B 341 -17.87 14.52 -40.88
N PHE B 342 -18.47 13.34 -41.05
CA PHE B 342 -18.01 12.16 -40.34
C PHE B 342 -16.67 11.64 -40.87
N ILE B 343 -16.24 12.08 -42.05
CA ILE B 343 -14.93 11.71 -42.58
C ILE B 343 -13.86 12.65 -42.03
N LYS B 344 -14.12 13.97 -42.07
CA LYS B 344 -13.15 14.89 -41.53
C LYS B 344 -13.02 14.76 -40.01
N ASN B 345 -14.05 14.24 -39.35
CA ASN B 345 -13.95 13.90 -37.93
C ASN B 345 -12.86 12.86 -37.67
N LEU B 346 -12.61 11.97 -38.62
CA LEU B 346 -11.59 10.93 -38.41
C LEU B 346 -10.20 11.52 -38.22
N GLY B 347 -9.91 12.65 -38.87
CA GLY B 347 -8.61 13.26 -38.68
C GLY B 347 -7.50 12.45 -39.32
N ASN B 348 -6.43 12.20 -38.57
CA ASN B 348 -5.25 11.55 -39.13
C ASN B 348 -5.46 10.08 -39.45
N LYS B 349 -6.54 9.45 -38.97
CA LYS B 349 -6.84 8.08 -39.33
C LYS B 349 -7.31 7.92 -40.77
N ALA B 350 -7.69 9.00 -41.45
CA ALA B 350 -8.16 8.96 -42.83
C ALA B 350 -7.22 9.75 -43.71
N THR B 351 -6.85 9.16 -44.84
CA THR B 351 -6.17 9.82 -45.95
C THR B 351 -7.23 9.94 -47.04
N VAL B 352 -7.88 11.07 -47.11
CA VAL B 352 -8.97 11.29 -48.06
C VAL B 352 -8.39 11.83 -49.35
N VAL B 353 -8.99 11.41 -50.47
CA VAL B 353 -8.62 11.89 -51.80
C VAL B 353 -9.90 12.40 -52.46
N HIS B 354 -10.02 13.71 -52.58
CA HIS B 354 -11.22 14.35 -53.10
C HIS B 354 -11.04 14.57 -54.60
N CYS B 355 -12.09 14.24 -55.36
CA CYS B 355 -12.07 14.37 -56.82
C CYS B 355 -13.36 15.07 -57.26
N LYS B 356 -13.23 16.35 -57.60
CA LYS B 356 -14.38 17.15 -58.03
C LYS B 356 -14.57 17.11 -59.55
N ASP B 357 -13.49 16.90 -60.30
CA ASP B 357 -13.54 16.86 -61.76
C ASP B 357 -13.82 15.42 -62.22
N LYS B 358 -14.96 15.21 -62.87
CA LYS B 358 -15.31 13.89 -63.38
C LYS B 358 -14.31 13.40 -64.43
N ASP B 359 -13.60 14.30 -65.11
CA ASP B 359 -12.61 13.91 -66.10
C ASP B 359 -11.32 13.39 -65.46
N ASN B 360 -11.05 13.78 -64.22
CA ASN B 360 -9.87 13.33 -63.49
C ASN B 360 -10.18 12.15 -62.55
N SER B 361 -11.18 11.34 -62.88
CA SER B 361 -11.69 10.29 -62.00
C SER B 361 -11.31 8.91 -62.52
N ILE B 362 -10.73 8.09 -61.66
CA ILE B 362 -10.43 6.69 -61.97
C ILE B 362 -11.48 5.73 -61.45
N ARG B 363 -12.51 6.21 -60.75
CA ARG B 363 -13.65 5.40 -60.32
C ARG B 363 -13.11 4.29 -59.41
N ASP B 364 -13.50 3.03 -59.58
CA ASP B 364 -13.21 1.98 -58.61
C ASP B 364 -11.73 1.66 -58.47
N ASN B 365 -10.88 2.11 -59.41
CA ASN B 365 -9.43 1.90 -59.26
C ASN B 365 -8.85 2.66 -58.06
N GLY B 366 -9.61 3.55 -57.43
CA GLY B 366 -9.14 4.26 -56.25
C GLY B 366 -8.87 3.39 -55.04
N LYS B 367 -9.37 2.15 -55.04
CA LYS B 367 -9.06 1.23 -53.95
C LYS B 367 -7.57 0.93 -53.86
N PHE B 368 -6.82 1.10 -54.94
CA PHE B 368 -5.42 0.68 -55.00
C PHE B 368 -4.47 1.87 -55.11
N ILE B 369 -4.94 3.07 -54.79
CA ILE B 369 -4.05 4.23 -54.68
C ILE B 369 -3.01 3.99 -53.61
N LEU B 370 -3.45 3.53 -52.43
CA LEU B 370 -2.54 3.37 -51.30
C LEU B 370 -1.61 2.18 -51.48
N LEU B 371 -1.94 1.25 -52.38
CA LEU B 371 -1.09 0.07 -52.55
C LEU B 371 0.25 0.44 -53.16
N GLU B 372 0.26 1.38 -54.11
CA GLU B 372 1.52 1.83 -54.69
C GLU B 372 2.40 2.49 -53.65
N GLU B 373 1.81 3.36 -52.81
CA GLU B 373 2.60 4.07 -51.81
C GLU B 373 3.19 3.11 -50.78
N LEU B 374 2.46 2.04 -50.43
CA LEU B 374 2.93 1.14 -49.39
C LEU B 374 4.09 0.28 -49.86
N ILE B 375 4.11 -0.10 -51.14
CA ILE B 375 5.23 -0.90 -51.65
C ILE B 375 6.46 -0.04 -51.82
N GLU B 376 6.28 1.19 -52.34
CA GLU B 376 7.42 2.09 -52.51
C GLU B 376 8.13 2.36 -51.18
N LYS B 377 7.35 2.55 -50.10
CA LYS B 377 7.92 2.74 -48.76
C LYS B 377 8.29 1.42 -48.08
N ASN B 378 7.99 0.27 -48.70
CA ASN B 378 8.24 -1.05 -48.12
C ASN B 378 7.60 -1.19 -46.74
N GLN B 379 6.41 -0.61 -46.58
CA GLN B 379 5.59 -0.77 -45.40
C GLN B 379 4.59 -1.88 -45.65
N ASP B 380 4.50 -2.83 -44.72
CA ASP B 380 3.57 -3.95 -44.82
C ASP B 380 2.21 -3.60 -44.22
N GLY B 381 1.27 -4.53 -44.38
CA GLY B 381 -0.02 -4.39 -43.74
C GLY B 381 -1.02 -5.36 -44.33
N TYR B 382 -2.15 -5.47 -43.63
CA TYR B 382 -3.30 -6.20 -44.16
C TYR B 382 -4.12 -5.19 -44.97
N TYR B 383 -4.19 -5.42 -46.28
CA TYR B 383 -4.83 -4.51 -47.21
C TYR B 383 -6.26 -4.97 -47.45
N ILE B 384 -7.22 -4.12 -47.07
CA ILE B 384 -8.64 -4.44 -47.18
C ILE B 384 -9.26 -3.47 -48.17
N THR B 385 -10.15 -3.97 -49.02
CA THR B 385 -10.88 -3.14 -49.97
C THR B 385 -12.38 -3.38 -49.85
N CYS B 386 -13.14 -2.28 -49.90
CA CYS B 386 -14.58 -2.29 -49.65
C CYS B 386 -15.30 -1.37 -50.63
N ASP B 387 -16.55 -1.70 -50.92
CA ASP B 387 -17.47 -0.84 -51.66
C ASP B 387 -18.41 -0.14 -50.68
N ASP B 388 -19.19 0.81 -51.21
CA ASP B 388 -20.07 1.65 -50.40
C ASP B 388 -21.53 1.26 -50.53
N ASP B 389 -21.84 0.04 -50.99
CA ASP B 389 -23.20 -0.46 -51.07
C ASP B 389 -23.32 -1.83 -50.42
N ILE B 390 -22.46 -2.10 -49.43
CA ILE B 390 -22.39 -3.38 -48.75
C ILE B 390 -22.38 -3.13 -47.25
N ILE B 391 -23.09 -3.97 -46.50
CA ILE B 391 -23.21 -3.86 -45.06
C ILE B 391 -22.25 -4.86 -44.42
N TYR B 392 -21.19 -4.37 -43.88
CA TYR B 392 -20.17 -5.24 -43.32
C TYR B 392 -20.50 -5.58 -41.87
N PRO B 393 -20.40 -6.83 -41.43
CA PRO B 393 -20.74 -7.14 -40.04
C PRO B 393 -19.63 -6.72 -39.08
N SER B 394 -19.97 -6.80 -37.80
CA SER B 394 -19.05 -6.35 -36.75
C SER B 394 -17.86 -7.29 -36.59
N ASP B 395 -17.92 -8.50 -37.12
CA ASP B 395 -16.80 -9.44 -37.09
C ASP B 395 -16.03 -9.49 -38.41
N TYR B 396 -16.25 -8.52 -39.29
CA TYR B 396 -15.74 -8.62 -40.65
C TYR B 396 -14.22 -8.70 -40.68
N ILE B 397 -13.55 -7.67 -40.16
CA ILE B 397 -12.10 -7.64 -40.27
C ILE B 397 -11.45 -8.75 -39.46
N ASN B 398 -12.03 -9.16 -38.34
CA ASN B 398 -11.45 -10.30 -37.64
C ASN B 398 -11.58 -11.57 -38.45
N THR B 399 -12.66 -11.71 -39.21
CA THR B 399 -12.83 -12.92 -39.99
C THR B 399 -11.86 -12.95 -41.15
N MET B 400 -11.69 -11.83 -41.83
CA MET B 400 -10.83 -11.79 -43.01
C MET B 400 -9.36 -12.01 -42.61
N ILE B 401 -8.90 -11.32 -41.57
CA ILE B 401 -7.51 -11.49 -41.14
C ILE B 401 -7.26 -12.91 -40.66
N LYS B 402 -8.25 -13.51 -40.00
CA LYS B 402 -8.06 -14.87 -39.50
C LYS B 402 -8.04 -15.90 -40.63
N LYS B 403 -8.83 -15.69 -41.68
CA LYS B 403 -8.75 -16.58 -42.83
C LYS B 403 -7.47 -16.37 -43.61
N LEU B 404 -6.99 -15.13 -43.68
CA LEU B 404 -5.68 -14.91 -44.26
C LEU B 404 -4.64 -15.68 -43.48
N ASN B 405 -4.74 -15.68 -42.15
CA ASN B 405 -3.75 -16.36 -41.32
C ASN B 405 -3.77 -17.87 -41.50
N GLU B 406 -4.94 -18.47 -41.78
CA GLU B 406 -5.00 -19.92 -41.92
C GLU B 406 -4.16 -20.39 -43.10
N TYR B 407 -4.14 -19.60 -44.17
CA TYR B 407 -3.29 -19.85 -45.32
C TYR B 407 -1.96 -19.12 -45.21
N ASP B 408 -1.51 -18.83 -43.97
CA ASP B 408 -0.21 -18.22 -43.68
C ASP B 408 0.03 -16.96 -44.51
N ASP B 409 -1.04 -16.21 -44.79
CA ASP B 409 -1.00 -14.96 -45.55
C ASP B 409 -0.47 -15.14 -46.96
N LYS B 410 -0.34 -16.37 -47.45
CA LYS B 410 0.22 -16.59 -48.76
C LYS B 410 -0.77 -16.33 -49.89
N ALA B 411 -2.07 -16.22 -49.57
CA ALA B 411 -3.11 -16.09 -50.58
C ALA B 411 -3.92 -14.81 -50.37
N VAL B 412 -4.76 -14.51 -51.35
CA VAL B 412 -5.74 -13.44 -51.26
C VAL B 412 -7.10 -14.08 -51.04
N ILE B 413 -7.87 -13.55 -50.09
CA ILE B 413 -9.20 -14.06 -49.80
C ILE B 413 -10.20 -13.01 -50.24
N GLY B 414 -11.42 -13.49 -50.53
CA GLY B 414 -12.52 -12.62 -50.90
C GLY B 414 -13.82 -13.34 -50.67
N LEU B 415 -14.91 -12.69 -51.07
CA LEU B 415 -16.25 -13.23 -50.87
C LEU B 415 -17.06 -13.31 -52.16
N HIS B 416 -17.00 -12.30 -53.02
CA HIS B 416 -17.65 -12.38 -54.33
C HIS B 416 -16.68 -13.03 -55.30
N GLY B 417 -16.85 -14.32 -55.54
CA GLY B 417 -15.93 -15.11 -56.34
C GLY B 417 -16.53 -15.48 -57.69
N ILE B 418 -15.68 -15.49 -58.71
CA ILE B 418 -16.07 -15.88 -60.06
C ILE B 418 -15.08 -16.93 -60.54
N LEU B 419 -15.60 -18.01 -61.11
CA LEU B 419 -14.81 -19.11 -61.62
C LEU B 419 -15.22 -19.31 -63.07
N PHE B 420 -14.25 -19.31 -63.97
CA PHE B 420 -14.46 -19.48 -65.40
C PHE B 420 -14.15 -20.91 -65.82
N PRO B 421 -14.49 -21.27 -67.06
CA PRO B 421 -13.99 -22.54 -67.59
C PRO B 421 -12.56 -22.41 -68.13
N SER B 422 -11.85 -23.54 -68.12
CA SER B 422 -10.47 -23.54 -68.59
C SER B 422 -10.41 -23.39 -70.10
N ARG B 423 -11.27 -24.10 -70.83
CA ARG B 423 -11.31 -24.06 -72.28
C ARG B 423 -12.24 -22.94 -72.75
N MET B 424 -12.00 -22.49 -73.99
CA MET B 424 -12.75 -21.36 -74.53
C MET B 424 -14.05 -21.84 -75.19
N THR B 425 -14.47 -21.23 -76.31
CA THR B 425 -15.66 -21.53 -77.10
C THR B 425 -16.94 -20.91 -76.51
N LYS B 426 -16.95 -20.45 -75.25
CA LYS B 426 -18.14 -19.83 -74.67
C LYS B 426 -17.86 -19.24 -73.30
N TYR B 427 -17.95 -17.92 -73.18
CA TYR B 427 -17.62 -17.20 -71.95
C TYR B 427 -18.71 -16.18 -71.60
N PHE B 428 -18.58 -14.96 -72.12
CA PHE B 428 -19.18 -13.72 -71.59
C PHE B 428 -19.57 -13.81 -70.11
N SER B 429 -20.75 -14.39 -69.81
CA SER B 429 -21.26 -14.37 -68.44
C SER B 429 -22.22 -15.50 -68.11
N ALA B 430 -22.37 -16.50 -68.99
CA ALA B 430 -23.30 -17.61 -68.77
C ALA B 430 -22.61 -18.89 -68.35
N ASP B 431 -21.41 -19.17 -68.87
CA ASP B 431 -20.69 -20.38 -68.51
C ASP B 431 -19.87 -20.23 -67.23
N ARG B 432 -19.90 -19.07 -66.58
CA ARG B 432 -19.19 -18.83 -65.33
C ARG B 432 -20.05 -19.12 -64.11
N LEU B 433 -19.41 -19.61 -63.04
CA LEU B 433 -20.03 -19.77 -61.73
C LEU B 433 -19.69 -18.57 -60.87
N VAL B 434 -20.72 -17.98 -60.25
CA VAL B 434 -20.56 -16.79 -59.41
C VAL B 434 -20.98 -17.17 -58.00
N TYR B 435 -20.02 -17.18 -57.09
CA TYR B 435 -20.31 -17.30 -55.66
C TYR B 435 -20.56 -15.88 -55.19
N SER B 436 -21.82 -15.45 -55.23
CA SER B 436 -22.14 -14.09 -54.85
C SER B 436 -21.84 -13.87 -53.37
N PHE B 437 -21.49 -12.62 -53.02
CA PHE B 437 -21.01 -12.35 -51.66
C PHE B 437 -22.13 -12.51 -50.64
N TYR B 438 -23.37 -12.23 -51.02
CA TYR B 438 -24.52 -12.37 -50.12
C TYR B 438 -25.06 -13.80 -50.05
N LYS B 439 -24.60 -14.71 -50.92
CA LYS B 439 -24.99 -16.12 -50.90
C LYS B 439 -24.07 -16.92 -50.00
N PRO B 440 -24.49 -18.11 -49.56
CA PRO B 440 -23.63 -18.93 -48.70
C PRO B 440 -22.65 -19.78 -49.52
N LEU B 441 -21.56 -20.16 -48.85
CA LEU B 441 -20.57 -21.08 -49.42
C LEU B 441 -20.01 -21.88 -48.26
N GLU B 442 -20.16 -23.21 -48.29
CA GLU B 442 -19.91 -23.97 -47.08
C GLU B 442 -18.42 -24.17 -46.81
N LYS B 443 -17.58 -24.17 -47.86
CA LYS B 443 -16.16 -24.40 -47.70
C LYS B 443 -15.38 -23.52 -48.67
N ASP B 444 -14.16 -23.14 -48.25
CA ASP B 444 -13.30 -22.30 -49.07
C ASP B 444 -13.03 -22.94 -50.42
N LYS B 445 -13.20 -22.16 -51.49
CA LYS B 445 -13.00 -22.61 -52.86
C LYS B 445 -12.16 -21.59 -53.61
N ALA B 446 -11.14 -22.06 -54.32
CA ALA B 446 -10.31 -21.17 -55.14
C ALA B 446 -11.08 -20.74 -56.39
N VAL B 447 -10.84 -19.50 -56.81
CA VAL B 447 -11.58 -18.88 -57.91
C VAL B 447 -10.61 -18.07 -58.76
N ASN B 448 -11.14 -17.49 -59.84
CA ASN B 448 -10.34 -16.74 -60.79
C ASN B 448 -10.38 -15.24 -60.56
N VAL B 449 -11.53 -14.70 -60.18
CA VAL B 449 -11.70 -13.27 -59.94
C VAL B 449 -12.45 -13.09 -58.63
N LEU B 450 -11.97 -12.17 -57.79
CA LEU B 450 -12.63 -11.78 -56.55
C LEU B 450 -13.08 -10.33 -56.68
N GLY B 451 -14.29 -10.05 -56.22
CA GLY B 451 -14.81 -8.70 -56.25
C GLY B 451 -14.09 -7.82 -55.25
N THR B 452 -13.46 -6.74 -55.73
CA THR B 452 -12.63 -5.89 -54.87
C THR B 452 -13.43 -5.13 -53.83
N GLY B 453 -14.75 -5.23 -53.83
CA GLY B 453 -15.51 -4.77 -52.69
C GLY B 453 -15.43 -5.68 -51.47
N THR B 454 -14.69 -6.79 -51.56
CA THR B 454 -14.69 -7.78 -50.49
C THR B 454 -13.38 -8.53 -50.32
N VAL B 455 -12.24 -8.01 -50.79
CA VAL B 455 -10.99 -8.75 -50.76
C VAL B 455 -10.13 -8.32 -49.58
N SER B 456 -9.08 -9.09 -49.33
CA SER B 456 -8.14 -8.87 -48.24
C SER B 456 -6.86 -9.62 -48.58
N PHE B 457 -5.71 -9.03 -48.23
CA PHE B 457 -4.45 -9.70 -48.48
C PHE B 457 -3.34 -8.98 -47.75
N ARG B 458 -2.23 -9.68 -47.56
CA ARG B 458 -1.03 -9.06 -47.01
C ARG B 458 -0.26 -8.37 -48.13
N VAL B 459 0.18 -7.14 -47.87
CA VAL B 459 0.80 -6.33 -48.91
C VAL B 459 2.12 -6.94 -49.36
N SER B 460 2.86 -7.59 -48.45
CA SER B 460 4.15 -8.14 -48.82
C SER B 460 4.08 -9.31 -49.80
N LEU B 461 2.86 -9.73 -50.19
CA LEU B 461 2.74 -10.64 -51.32
C LEU B 461 3.26 -10.03 -52.62
N PHE B 462 3.37 -8.71 -52.69
CA PHE B 462 3.69 -7.99 -53.91
C PHE B 462 4.95 -7.16 -53.71
N ASN B 463 5.94 -7.35 -54.59
CA ASN B 463 7.22 -6.65 -54.52
C ASN B 463 7.21 -5.32 -55.24
N GLN B 464 6.31 -5.14 -56.20
CA GLN B 464 6.28 -3.95 -57.03
C GLN B 464 4.86 -3.71 -57.49
N PHE B 465 4.49 -2.43 -57.64
CA PHE B 465 3.15 -2.12 -58.09
C PHE B 465 3.09 -0.68 -58.58
N SER B 466 2.42 -0.47 -59.71
CA SER B 466 2.12 0.86 -60.23
C SER B 466 0.68 0.83 -60.71
N LEU B 467 -0.16 1.72 -60.15
CA LEU B 467 -1.57 1.72 -60.47
C LEU B 467 -1.85 2.09 -61.94
N SER B 468 -0.86 2.65 -62.64
CA SER B 468 -1.00 2.94 -64.06
C SER B 468 -1.31 1.70 -64.88
N ASP B 469 -0.83 0.53 -64.44
CA ASP B 469 -1.08 -0.72 -65.17
C ASP B 469 -2.57 -0.95 -65.34
N PHE B 470 -3.36 -0.61 -64.32
CA PHE B 470 -4.82 -0.68 -64.36
C PHE B 470 -5.31 0.43 -65.28
N THR B 471 -5.23 0.13 -66.58
CA THR B 471 -5.45 1.09 -67.66
C THR B 471 -6.83 1.73 -67.57
N HIS B 472 -7.88 0.97 -67.87
CA HIS B 472 -9.25 1.48 -67.86
C HIS B 472 -9.85 1.41 -66.46
N SER B 473 -10.76 2.34 -66.18
CA SER B 473 -11.49 2.31 -64.92
C SER B 473 -12.72 1.42 -65.06
N GLY B 474 -13.25 1.00 -63.92
CA GLY B 474 -14.44 0.17 -63.88
C GLY B 474 -14.19 -1.31 -63.90
N MET B 475 -12.93 -1.75 -63.79
CA MET B 475 -12.59 -3.16 -63.87
C MET B 475 -11.50 -3.50 -62.87
N ALA B 476 -11.59 -2.95 -61.65
CA ALA B 476 -10.57 -3.28 -60.66
C ALA B 476 -10.63 -4.76 -60.31
N ASP B 477 -11.83 -5.36 -60.36
CA ASP B 477 -11.96 -6.80 -60.13
C ASP B 477 -11.14 -7.59 -61.15
N ILE B 478 -11.28 -7.23 -62.43
CA ILE B 478 -10.68 -8.02 -63.51
C ILE B 478 -9.17 -7.81 -63.53
N TYR B 479 -8.74 -6.55 -63.51
CA TYR B 479 -7.31 -6.25 -63.53
C TYR B 479 -6.58 -6.78 -62.30
N PHE B 480 -7.26 -6.84 -61.14
CA PHE B 480 -6.59 -7.31 -59.93
C PHE B 480 -6.30 -8.80 -59.97
N SER B 481 -7.14 -9.58 -60.65
CA SER B 481 -6.82 -11.00 -60.86
C SER B 481 -5.55 -11.14 -61.68
N LEU B 482 -5.39 -10.29 -62.70
CA LEU B 482 -4.19 -10.36 -63.54
C LEU B 482 -2.95 -10.05 -62.73
N LEU B 483 -3.05 -9.11 -61.79
CA LEU B 483 -1.95 -8.87 -60.87
C LEU B 483 -1.66 -10.12 -60.04
N CYS B 484 -2.73 -10.79 -59.58
CA CYS B 484 -2.56 -12.01 -58.78
C CYS B 484 -1.97 -13.14 -59.60
N LYS B 485 -2.40 -13.29 -60.85
CA LYS B 485 -1.85 -14.35 -61.69
C LYS B 485 -0.40 -14.05 -62.05
N LYS B 486 -0.13 -12.80 -62.46
CA LYS B 486 1.22 -12.43 -62.88
C LYS B 486 2.23 -12.58 -61.75
N ASN B 487 1.78 -12.61 -60.51
CA ASN B 487 2.63 -12.87 -59.34
C ASN B 487 2.50 -14.29 -58.80
N ASN B 488 1.73 -15.17 -59.46
CA ASN B 488 1.47 -16.52 -58.97
C ASN B 488 0.86 -16.51 -57.56
N ILE B 489 -0.22 -15.73 -57.43
CA ILE B 489 -0.95 -15.58 -56.17
C ILE B 489 -2.36 -16.12 -56.37
N LEU B 490 -2.80 -16.90 -55.39
CA LEU B 490 -4.07 -17.59 -55.46
C LEU B 490 -5.17 -16.72 -54.83
N GLN B 491 -6.36 -16.78 -55.44
CA GLN B 491 -7.53 -16.05 -54.97
C GLN B 491 -8.53 -17.04 -54.40
N ILE B 492 -8.85 -16.89 -53.11
CA ILE B 492 -9.67 -17.85 -52.37
C ILE B 492 -11.00 -17.20 -52.04
N CYS B 493 -12.09 -17.90 -52.37
CA CYS B 493 -13.44 -17.49 -51.98
C CYS B 493 -13.80 -18.20 -50.69
N ILE B 494 -13.89 -17.45 -49.58
CA ILE B 494 -13.96 -18.08 -48.26
C ILE B 494 -15.38 -18.51 -47.95
N SER B 495 -15.48 -19.37 -46.94
CA SER B 495 -16.76 -19.87 -46.46
C SER B 495 -17.49 -18.81 -45.67
N ARG B 496 -18.82 -18.89 -45.68
CA ARG B 496 -19.65 -17.83 -45.13
C ARG B 496 -21.10 -18.26 -45.01
N PRO B 497 -21.86 -17.81 -44.01
CA PRO B 497 -23.31 -18.03 -44.03
C PRO B 497 -23.96 -17.09 -45.05
N ALA B 498 -25.23 -17.36 -45.33
CA ALA B 498 -25.98 -16.51 -46.24
C ALA B 498 -26.19 -15.15 -45.59
N ASN B 499 -25.97 -14.09 -46.36
CA ASN B 499 -26.19 -12.72 -45.90
C ASN B 499 -25.26 -12.34 -44.76
N TRP B 500 -24.07 -12.94 -44.71
CA TRP B 500 -23.06 -12.42 -43.79
C TRP B 500 -22.75 -10.98 -44.16
N LEU B 501 -22.53 -10.74 -45.45
CA LEU B 501 -22.60 -9.43 -46.08
C LEU B 501 -23.88 -9.34 -46.89
N THR B 502 -24.37 -8.11 -47.08
CA THR B 502 -25.58 -7.88 -47.85
C THR B 502 -25.42 -6.59 -48.63
N GLU B 503 -26.31 -6.40 -49.60
CA GLU B 503 -26.28 -5.24 -50.45
C GLU B 503 -27.19 -4.16 -49.88
N ASP B 504 -26.79 -2.89 -50.07
CA ASP B 504 -27.60 -1.73 -49.69
C ASP B 504 -27.47 -0.67 -50.79
N ASN B 505 -28.18 -0.88 -51.90
CA ASN B 505 -28.11 0.06 -53.01
C ASN B 505 -28.95 1.30 -52.74
N ARG B 506 -30.23 1.11 -52.43
CA ARG B 506 -31.16 2.19 -52.13
C ARG B 506 -31.17 3.24 -53.25
N ASP B 507 -31.75 2.83 -54.37
CA ASP B 507 -31.96 3.70 -55.55
C ASP B 507 -30.67 4.13 -56.26
N SER B 508 -29.53 3.56 -55.88
CA SER B 508 -28.25 3.91 -56.50
N GLU B 520 -17.83 -5.70 -72.76
CA GLU B 520 -17.13 -5.34 -74.00
C GLU B 520 -15.63 -5.29 -73.77
N GLN B 521 -15.16 -4.17 -73.22
CA GLN B 521 -13.73 -4.03 -72.96
C GLN B 521 -13.25 -5.05 -71.93
N GLN B 522 -14.15 -5.47 -71.04
CA GLN B 522 -13.83 -6.52 -70.07
C GLN B 522 -13.51 -7.83 -70.78
N THR B 523 -14.44 -8.30 -71.63
CA THR B 523 -14.24 -9.58 -72.31
C THR B 523 -13.01 -9.57 -73.20
N GLN B 524 -12.67 -8.42 -73.79
CA GLN B 524 -11.44 -8.32 -74.57
C GLN B 524 -10.23 -8.64 -73.70
N LEU B 525 -10.18 -8.03 -72.50
CA LEU B 525 -9.03 -8.21 -71.61
C LEU B 525 -8.96 -9.63 -71.07
N ILE B 526 -10.10 -10.31 -70.96
CA ILE B 526 -10.12 -11.68 -70.42
C ILE B 526 -9.40 -12.62 -71.37
N MET B 527 -9.86 -12.70 -72.61
CA MET B 527 -9.31 -13.66 -73.56
C MET B 527 -7.83 -13.41 -73.82
N GLU B 528 -7.41 -12.14 -73.80
CA GLU B 528 -6.02 -11.80 -74.07
C GLU B 528 -5.07 -12.36 -73.02
N ASN B 529 -5.54 -12.54 -71.79
CA ASN B 529 -4.71 -13.00 -70.67
C ASN B 529 -5.15 -14.37 -70.15
N GLY B 530 -5.53 -15.27 -71.06
CA GLY B 530 -5.84 -16.64 -70.67
C GLY B 530 -4.60 -17.37 -70.17
N PRO B 531 -4.76 -18.60 -69.66
CA PRO B 531 -5.99 -19.40 -69.48
C PRO B 531 -6.64 -19.16 -68.12
N TRP B 532 -7.83 -19.72 -67.93
CA TRP B 532 -8.57 -19.55 -66.69
C TRP B 532 -8.98 -20.95 -66.22
N GLY B 533 -10.03 -21.01 -65.40
CA GLY B 533 -10.47 -22.28 -64.89
C GLY B 533 -9.40 -22.90 -64.01
N TYR B 534 -9.56 -24.21 -63.78
CA TYR B 534 -8.63 -24.95 -62.95
C TYR B 534 -7.26 -25.10 -63.59
N SER B 535 -7.10 -24.82 -64.88
CA SER B 535 -5.75 -24.78 -65.43
C SER B 535 -4.98 -23.59 -64.89
N SER B 536 -5.68 -22.48 -64.61
CA SER B 536 -5.04 -21.31 -64.00
C SER B 536 -4.78 -21.51 -62.51
N ILE B 537 -5.60 -22.33 -61.84
CA ILE B 537 -5.56 -22.45 -60.39
C ILE B 537 -4.66 -23.62 -59.96
N TYR B 538 -4.74 -24.74 -60.68
CA TYR B 538 -4.06 -25.96 -60.24
C TYR B 538 -2.56 -25.81 -60.01
N PRO B 539 -1.81 -25.04 -60.82
CA PRO B 539 -0.38 -24.86 -60.52
C PRO B 539 -0.09 -24.29 -59.14
N LEU B 540 -1.00 -23.47 -58.59
CA LEU B 540 -0.79 -22.85 -57.29
C LEU B 540 -1.23 -23.76 -56.15
N VAL B 541 -2.28 -24.54 -56.37
CA VAL B 541 -2.72 -25.57 -55.43
C VAL B 541 -1.79 -26.77 -55.38
N LYS B 542 -0.87 -26.86 -56.33
CA LYS B 542 -0.21 -28.09 -56.76
C LYS B 542 0.49 -28.85 -55.63
N ASN B 543 1.53 -28.27 -55.04
CA ASN B 543 2.38 -28.98 -54.09
C ASN B 543 2.26 -28.45 -52.66
N HIS B 544 1.29 -27.58 -52.40
CA HIS B 544 1.09 -26.98 -51.08
C HIS B 544 -0.09 -27.68 -50.42
N PRO B 545 0.09 -28.43 -49.33
CA PRO B 545 -1.04 -29.20 -48.80
C PRO B 545 -2.15 -28.34 -48.19
N LYS B 546 -1.89 -27.08 -47.88
CA LYS B 546 -2.93 -26.23 -47.33
C LYS B 546 -3.94 -25.81 -48.39
N PHE B 547 -3.52 -25.75 -49.65
CA PHE B 547 -4.43 -25.39 -50.74
C PHE B 547 -5.14 -26.59 -51.34
N THR B 548 -4.84 -27.80 -50.85
CA THR B 548 -5.26 -29.01 -51.55
C THR B 548 -6.77 -29.13 -51.67
N ASP B 549 -7.52 -28.58 -50.71
CA ASP B 549 -8.97 -28.75 -50.68
C ASP B 549 -9.74 -27.61 -51.33
N LEU B 550 -9.05 -26.62 -51.92
CA LEU B 550 -9.68 -25.50 -52.59
C LEU B 550 -10.24 -25.85 -53.96
N ILE B 551 -10.20 -27.12 -54.37
CA ILE B 551 -10.69 -27.59 -55.66
C ILE B 551 -11.50 -28.84 -55.38
N PRO B 552 -12.70 -29.01 -55.95
CA PRO B 552 -13.49 -28.09 -56.80
C PRO B 552 -14.38 -27.14 -55.99
CA THR C 9 43.87 7.14 -18.93
C THR C 9 44.29 7.60 -17.54
N THR C 10 43.90 6.82 -16.53
CA THR C 10 44.27 7.02 -15.13
C THR C 10 44.95 5.72 -14.67
N SER C 11 45.83 5.81 -13.66
CA SER C 11 46.66 4.67 -13.25
C SER C 11 46.60 4.45 -11.74
N ILE C 12 47.10 3.27 -11.33
CA ILE C 12 47.19 2.90 -9.92
C ILE C 12 48.08 3.88 -9.16
N THR C 13 49.04 4.51 -9.84
CA THR C 13 49.86 5.51 -9.17
C THR C 13 49.01 6.69 -8.70
N ASP C 14 47.99 7.05 -9.50
CA ASP C 14 47.10 8.14 -9.10
C ASP C 14 46.32 7.78 -7.85
N LEU C 15 45.88 6.52 -7.76
CA LEU C 15 45.15 6.07 -6.58
C LEU C 15 46.04 6.08 -5.36
N TYR C 16 47.27 5.56 -5.50
CA TYR C 16 48.22 5.55 -4.39
C TYR C 16 48.50 6.95 -3.86
N ASN C 17 48.55 7.96 -4.75
CA ASN C 17 48.78 9.33 -4.30
C ASN C 17 47.56 9.90 -3.58
N GLU C 18 46.37 9.65 -4.10
CA GLU C 18 45.17 10.16 -3.44
C GLU C 18 45.02 9.62 -2.03
N VAL C 19 45.46 8.37 -1.80
CA VAL C 19 45.45 7.82 -0.46
C VAL C 19 46.40 8.62 0.43
N ALA C 20 47.56 8.99 -0.11
CA ALA C 20 48.56 9.72 0.67
C ALA C 20 48.12 11.15 0.95
N LYS C 21 47.32 11.73 0.07
CA LYS C 21 46.75 13.06 0.35
C LYS C 21 45.90 13.04 1.61
N SER C 22 45.28 11.90 1.94
CA SER C 22 44.36 11.78 3.07
C SER C 22 45.05 11.24 4.31
N ASP C 23 44.52 11.63 5.47
CA ASP C 23 44.91 11.10 6.77
C ASP C 23 43.84 10.18 7.38
N LEU C 24 42.76 9.90 6.64
CA LEU C 24 41.66 9.11 7.18
C LEU C 24 42.14 7.72 7.62
N GLY C 25 41.84 7.39 8.87
CA GLY C 25 42.20 6.10 9.41
C GLY C 25 43.62 6.00 9.91
N LEU C 26 44.35 7.10 9.99
CA LEU C 26 45.73 7.09 10.46
C LEU C 26 45.87 7.49 11.93
N VAL C 27 44.79 7.88 12.61
CA VAL C 27 44.81 8.24 14.02
C VAL C 27 44.14 7.13 14.82
N LYS C 28 44.91 6.49 15.70
CA LYS C 28 44.41 5.49 16.66
C LYS C 28 44.45 6.03 18.09
N ALA C 33 45.15 -0.24 21.52
CA ALA C 33 44.90 -1.69 21.45
C ALA C 33 44.96 -2.22 20.01
N ASN C 34 45.59 -3.38 19.80
N ASN C 34 45.59 -3.40 19.80
CA ASN C 34 45.84 -3.95 18.47
CA ASN C 34 45.85 -3.97 18.47
C ASN C 34 45.26 -5.36 18.36
C ASN C 34 45.26 -5.37 18.32
N PRO C 35 43.98 -5.51 18.02
CA PRO C 35 43.39 -6.84 17.94
C PRO C 35 43.92 -7.63 16.73
N LEU C 36 43.75 -8.96 16.80
CA LEU C 36 44.12 -9.81 15.68
C LEU C 36 43.10 -9.68 14.56
N VAL C 37 43.59 -9.40 13.35
CA VAL C 37 42.77 -9.29 12.16
C VAL C 37 43.04 -10.51 11.29
N SER C 38 42.00 -11.26 10.94
CA SER C 38 42.11 -12.35 9.98
C SER C 38 41.56 -11.88 8.65
N ILE C 39 42.33 -12.09 7.58
CA ILE C 39 41.90 -11.80 6.21
C ILE C 39 41.68 -13.15 5.52
N ILE C 40 40.47 -13.35 5.00
CA ILE C 40 40.07 -14.62 4.40
C ILE C 40 40.22 -14.52 2.89
N MET C 41 41.02 -15.41 2.31
CA MET C 41 41.31 -15.47 0.89
C MET C 41 40.78 -16.79 0.33
N THR C 42 40.01 -16.71 -0.74
CA THR C 42 39.59 -17.89 -1.48
C THR C 42 40.42 -17.96 -2.76
N SER C 43 40.57 -19.17 -3.29
CA SER C 43 41.35 -19.34 -4.50
C SER C 43 40.81 -20.50 -5.31
N HIS C 44 40.75 -20.28 -6.63
CA HIS C 44 40.36 -21.33 -7.56
C HIS C 44 41.09 -21.06 -8.88
N ASN C 45 42.15 -21.83 -9.12
CA ASN C 45 42.98 -21.75 -10.33
C ASN C 45 43.46 -20.32 -10.59
N THR C 46 44.32 -19.85 -9.69
CA THR C 46 44.85 -18.49 -9.73
C THR C 46 46.35 -18.48 -9.39
N ALA C 47 47.08 -19.52 -9.78
CA ALA C 47 48.50 -19.63 -9.41
C ALA C 47 49.34 -18.52 -9.99
N GLN C 48 48.93 -17.96 -11.12
CA GLN C 48 49.62 -16.80 -11.67
C GLN C 48 49.63 -15.64 -10.68
N PHE C 49 48.60 -15.53 -9.82
CA PHE C 49 48.35 -14.32 -9.04
C PHE C 49 48.50 -14.47 -7.52
N ILE C 50 48.51 -15.69 -6.98
CA ILE C 50 48.23 -15.81 -5.55
C ILE C 50 49.40 -15.31 -4.71
N GLU C 51 50.65 -15.47 -5.17
CA GLU C 51 51.77 -15.00 -4.33
C GLU C 51 51.76 -13.48 -4.21
N ALA C 52 51.36 -12.77 -5.28
CA ALA C 52 51.26 -11.33 -5.19
C ALA C 52 50.22 -10.89 -4.17
N SER C 53 49.08 -11.58 -4.14
CA SER C 53 48.04 -11.24 -3.19
C SER C 53 48.51 -11.43 -1.75
N ILE C 54 49.17 -12.56 -1.47
CA ILE C 54 49.64 -12.83 -0.10
C ILE C 54 50.67 -11.78 0.31
N ASN C 55 51.63 -11.48 -0.58
CA ASN C 55 52.67 -10.51 -0.24
C ASN C 55 52.08 -9.13 0.05
N SER C 56 51.05 -8.74 -0.70
CA SER C 56 50.45 -7.43 -0.43
C SER C 56 49.77 -7.37 0.93
N LEU C 57 49.40 -8.52 1.49
CA LEU C 57 48.88 -8.61 2.85
C LEU C 57 50.01 -8.77 3.86
N LEU C 58 51.06 -9.53 3.52
CA LEU C 58 52.21 -9.66 4.41
C LEU C 58 52.94 -8.33 4.58
N LEU C 59 52.84 -7.45 3.59
CA LEU C 59 53.43 -6.12 3.65
C LEU C 59 52.47 -5.08 4.21
N GLN C 60 51.46 -5.51 4.95
CA GLN C 60 50.53 -4.55 5.51
C GLN C 60 51.17 -3.78 6.65
N THR C 61 50.76 -2.51 6.75
CA THR C 61 51.13 -1.70 7.90
C THR C 61 50.65 -2.35 9.20
N TYR C 62 49.40 -2.79 9.21
CA TYR C 62 48.85 -3.45 10.39
C TYR C 62 49.53 -4.81 10.57
N LYS C 63 50.22 -4.98 11.69
CA LYS C 63 51.17 -6.08 11.84
C LYS C 63 50.58 -7.31 12.50
N ASN C 64 49.54 -7.15 13.32
CA ASN C 64 48.93 -8.28 14.02
C ASN C 64 47.83 -8.86 13.14
N ILE C 65 48.25 -9.69 12.18
CA ILE C 65 47.34 -10.30 11.23
C ILE C 65 47.62 -11.79 11.12
N GLU C 66 46.60 -12.53 10.70
CA GLU C 66 46.78 -13.87 10.14
C GLU C 66 46.05 -13.91 8.80
N ILE C 67 46.59 -14.68 7.88
CA ILE C 67 46.03 -14.83 6.54
C ILE C 67 45.51 -16.26 6.41
N ILE C 68 44.20 -16.40 6.24
CA ILE C 68 43.55 -17.69 6.06
C ILE C 68 43.24 -17.86 4.58
N ILE C 69 43.85 -18.87 3.97
CA ILE C 69 43.68 -19.16 2.55
C ILE C 69 42.92 -20.47 2.46
N VAL C 70 41.83 -20.47 1.70
CA VAL C 70 41.03 -21.67 1.46
C VAL C 70 40.97 -21.85 -0.06
N ASP C 71 41.55 -22.95 -0.54
CA ASP C 71 41.58 -23.26 -1.96
C ASP C 71 40.40 -24.13 -2.36
N ASP C 72 39.67 -23.70 -3.39
CA ASP C 72 38.44 -24.37 -3.81
C ASP C 72 38.76 -25.37 -4.93
N ASP C 73 39.47 -26.42 -4.53
CA ASP C 73 39.72 -27.59 -5.39
C ASP C 73 40.36 -27.20 -6.72
N SER C 74 41.46 -26.45 -6.64
CA SER C 74 42.16 -26.03 -7.84
C SER C 74 42.81 -27.22 -8.51
N SER C 75 42.75 -27.24 -9.83
CA SER C 75 43.46 -28.25 -10.61
C SER C 75 44.87 -27.81 -10.98
N ASP C 76 45.16 -26.51 -10.96
CA ASP C 76 46.53 -26.05 -11.17
C ASP C 76 47.31 -26.11 -9.86
N ASN C 77 48.42 -25.37 -9.76
CA ASN C 77 49.34 -25.47 -8.65
C ASN C 77 49.16 -24.35 -7.63
N THR C 78 47.95 -23.78 -7.55
CA THR C 78 47.69 -22.69 -6.61
C THR C 78 47.97 -23.12 -5.16
N PHE C 79 47.49 -24.30 -4.77
CA PHE C 79 47.66 -24.74 -3.39
C PHE C 79 49.10 -25.04 -3.05
N GLU C 80 49.88 -25.53 -4.02
CA GLU C 80 51.29 -25.78 -3.77
C GLU C 80 52.01 -24.49 -3.40
N ILE C 81 51.68 -23.39 -4.09
CA ILE C 81 52.31 -22.10 -3.82
C ILE C 81 51.95 -21.60 -2.44
N ALA C 82 50.64 -21.54 -2.14
CA ALA C 82 50.23 -21.04 -0.84
C ALA C 82 50.79 -21.91 0.27
N SER C 83 50.89 -23.22 0.04
CA SER C 83 51.51 -24.09 1.04
C SER C 83 52.98 -23.72 1.24
N ARG C 84 53.69 -23.48 0.12
CA ARG C 84 55.09 -23.06 0.20
C ARG C 84 55.25 -21.81 1.05
N ILE C 85 54.36 -20.84 0.84
CA ILE C 85 54.42 -19.60 1.59
C ILE C 85 54.01 -19.83 3.04
N ALA C 86 53.01 -20.69 3.28
CA ALA C 86 52.52 -20.92 4.64
C ALA C 86 53.61 -21.47 5.55
N ASN C 87 54.57 -22.18 4.99
CA ASN C 87 55.69 -22.73 5.75
C ASN C 87 56.79 -21.72 6.03
N THR C 88 56.79 -20.55 5.39
CA THR C 88 57.76 -19.52 5.73
C THR C 88 57.31 -18.63 6.86
N THR C 89 56.02 -18.67 7.23
CA THR C 89 55.49 -17.74 8.21
C THR C 89 54.28 -18.35 8.91
N SER C 90 54.17 -18.07 10.21
CA SER C 90 52.99 -18.43 10.99
C SER C 90 51.80 -17.51 10.72
N LYS C 91 52.03 -16.40 10.04
CA LYS C 91 50.96 -15.48 9.67
C LYS C 91 50.09 -15.99 8.53
N VAL C 92 50.49 -17.09 7.87
CA VAL C 92 49.75 -17.68 6.75
C VAL C 92 49.40 -19.12 7.10
N ARG C 93 48.12 -19.46 6.95
CA ARG C 93 47.59 -20.80 7.16
C ARG C 93 46.71 -21.18 5.97
N VAL C 94 46.90 -22.39 5.43
CA VAL C 94 46.30 -22.82 4.17
C VAL C 94 45.38 -24.00 4.39
N PHE C 95 44.31 -24.04 3.57
CA PHE C 95 43.29 -25.08 3.59
C PHE C 95 42.83 -25.33 2.16
N ARG C 96 42.29 -26.54 1.94
CA ARG C 96 41.89 -26.96 0.60
C ARG C 96 40.57 -27.72 0.67
N LEU C 97 39.58 -27.23 -0.07
CA LEU C 97 38.37 -27.99 -0.30
C LEU C 97 38.61 -29.02 -1.41
N ASN C 98 38.00 -30.19 -1.23
CA ASN C 98 38.15 -31.30 -2.16
C ASN C 98 37.01 -31.40 -3.17
N SER C 99 36.20 -30.36 -3.31
CA SER C 99 35.29 -30.22 -4.43
C SER C 99 34.97 -28.74 -4.60
N ASN C 100 34.62 -28.36 -5.83
CA ASN C 100 34.44 -26.95 -6.18
C ASN C 100 33.05 -26.51 -5.74
N LEU C 101 32.99 -25.73 -4.65
CA LEU C 101 31.76 -25.38 -3.96
C LEU C 101 31.43 -23.89 -3.98
N GLY C 102 32.31 -23.06 -4.50
CA GLY C 102 32.08 -21.64 -4.63
C GLY C 102 32.91 -20.84 -3.63
N THR C 103 33.13 -19.57 -3.96
CA THR C 103 33.95 -18.73 -3.10
C THR C 103 33.29 -18.56 -1.73
N TYR C 104 31.96 -18.49 -1.69
CA TYR C 104 31.31 -18.21 -0.40
C TYR C 104 31.35 -19.44 0.52
N PHE C 105 31.30 -20.65 -0.02
CA PHE C 105 31.55 -21.81 0.83
C PHE C 105 32.98 -21.79 1.35
N ALA C 106 33.92 -21.28 0.55
CA ALA C 106 35.32 -21.23 0.96
C ALA C 106 35.58 -20.10 1.95
N LYS C 107 34.96 -18.93 1.76
CA LYS C 107 35.03 -17.86 2.75
C LYS C 107 34.56 -18.36 4.11
N ASN C 108 33.37 -18.97 4.16
CA ASN C 108 32.82 -19.48 5.41
C ASN C 108 33.74 -20.52 6.03
N THR C 109 34.35 -21.37 5.22
CA THR C 109 35.31 -22.34 5.74
C THR C 109 36.52 -21.64 6.35
N GLY C 110 37.00 -20.57 5.70
CA GLY C 110 38.13 -19.83 6.25
C GLY C 110 37.75 -19.09 7.52
N ILE C 111 36.51 -18.59 7.58
CA ILE C 111 36.02 -17.94 8.79
C ILE C 111 36.07 -18.90 9.99
N LEU C 112 35.66 -20.15 9.80
CA LEU C 112 35.70 -21.10 10.90
C LEU C 112 37.12 -21.36 11.37
N LYS C 113 38.08 -21.30 10.47
CA LYS C 113 39.46 -21.54 10.86
C LYS C 113 40.11 -20.30 11.47
N SER C 114 39.52 -19.12 11.25
CA SER C 114 40.12 -17.89 11.70
C SER C 114 40.04 -17.75 13.22
N LYS C 115 40.90 -16.85 13.74
CA LYS C 115 41.03 -16.60 15.16
C LYS C 115 40.93 -15.12 15.53
N GLY C 116 40.83 -14.23 14.55
CA GLY C 116 40.83 -12.81 14.85
C GLY C 116 39.52 -12.33 15.39
N ASP C 117 39.55 -11.16 16.04
CA ASP C 117 38.34 -10.48 16.47
C ASP C 117 37.71 -9.68 15.35
N ILE C 118 38.47 -9.32 14.34
CA ILE C 118 37.97 -8.57 13.19
C ILE C 118 38.34 -9.37 11.94
N ILE C 119 37.45 -9.35 10.95
CA ILE C 119 37.54 -10.23 9.79
C ILE C 119 37.47 -9.38 8.53
N PHE C 120 38.52 -9.44 7.72
CA PHE C 120 38.57 -8.82 6.40
C PHE C 120 38.65 -9.92 5.33
N PHE C 121 38.62 -9.51 4.07
CA PHE C 121 38.66 -10.43 2.94
C PHE C 121 39.58 -9.88 1.86
N GLN C 122 40.14 -10.78 1.06
CA GLN C 122 40.88 -10.39 -0.14
C GLN C 122 40.93 -11.56 -1.10
N ASP C 123 40.38 -11.39 -2.30
CA ASP C 123 40.41 -12.45 -3.29
C ASP C 123 41.84 -12.68 -3.80
N SER C 124 42.11 -13.91 -4.23
CA SER C 124 43.46 -14.31 -4.57
C SER C 124 43.95 -13.73 -5.90
N ASP C 125 43.06 -13.21 -6.75
CA ASP C 125 43.48 -12.64 -8.02
C ASP C 125 43.84 -11.15 -7.90
N ASP C 126 43.86 -10.60 -6.68
CA ASP C 126 43.96 -9.16 -6.45
C ASP C 126 45.14 -8.82 -5.54
N VAL C 127 45.37 -7.51 -5.40
CA VAL C 127 46.30 -6.93 -4.42
C VAL C 127 45.60 -5.72 -3.80
N CYS C 128 46.21 -5.20 -2.73
CA CYS C 128 45.63 -4.08 -2.02
C CYS C 128 46.72 -3.16 -1.50
N HIS C 129 46.28 -1.96 -1.12
CA HIS C 129 47.17 -0.95 -0.60
C HIS C 129 47.74 -1.40 0.74
N HIS C 130 49.01 -1.08 0.99
CA HIS C 130 49.69 -1.53 2.20
C HIS C 130 49.14 -0.90 3.47
N GLU C 131 48.27 0.12 3.35
CA GLU C 131 47.64 0.78 4.48
C GLU C 131 46.16 0.44 4.61
N ARG C 132 45.65 -0.51 3.82
CA ARG C 132 44.22 -0.77 3.77
C ARG C 132 43.70 -1.21 5.13
N ILE C 133 44.37 -2.18 5.75
CA ILE C 133 43.88 -2.77 6.98
C ILE C 133 44.02 -1.79 8.15
N GLU C 134 45.15 -1.06 8.21
CA GLU C 134 45.31 -0.04 9.25
C GLU C 134 44.21 1.01 9.15
N ARG C 135 44.05 1.61 7.98
CA ARG C 135 43.08 2.70 7.84
C ARG C 135 41.67 2.22 8.12
N CYS C 136 41.31 1.02 7.65
CA CYS C 136 39.95 0.54 7.84
C CYS C 136 39.70 0.10 9.27
N VAL C 137 40.69 -0.53 9.92
CA VAL C 137 40.52 -0.92 11.32
C VAL C 137 40.30 0.31 12.19
N ASN C 138 41.08 1.38 11.96
CA ASN C 138 40.92 2.59 12.76
C ASN C 138 39.55 3.21 12.57
N ILE C 139 39.03 3.22 11.33
CA ILE C 139 37.67 3.70 11.10
C ILE C 139 36.67 2.81 11.81
N LEU C 140 36.90 1.49 11.81
CA LEU C 140 35.96 0.55 12.41
C LEU C 140 35.86 0.78 13.91
N LEU C 141 36.99 0.91 14.59
CA LEU C 141 37.04 1.04 16.04
C LEU C 141 36.86 2.47 16.53
N ALA C 142 36.64 3.43 15.62
CA ALA C 142 36.41 4.81 16.06
C ALA C 142 35.17 4.92 16.92
N ASN C 143 34.11 4.20 16.53
CA ASN C 143 32.81 4.26 17.20
C ASN C 143 32.43 2.83 17.59
N LYS C 144 32.20 2.61 18.89
CA LYS C 144 31.92 1.26 19.37
C LYS C 144 30.60 0.72 18.86
N GLU C 145 29.69 1.57 18.39
CA GLU C 145 28.44 1.10 17.78
C GLU C 145 28.60 0.71 16.32
N THR C 146 29.77 0.94 15.71
CA THR C 146 30.00 0.55 14.32
C THR C 146 30.30 -0.94 14.25
N ILE C 147 29.65 -1.63 13.32
CA ILE C 147 29.75 -3.09 13.20
C ILE C 147 30.71 -3.49 12.09
N ALA C 148 30.74 -2.73 11.00
CA ALA C 148 31.53 -3.11 9.84
C ALA C 148 31.97 -1.86 9.11
N VAL C 149 33.01 -2.02 8.29
CA VAL C 149 33.59 -0.95 7.51
C VAL C 149 33.84 -1.49 6.10
N ARG C 150 33.80 -0.60 5.13
CA ARG C 150 34.22 -0.94 3.78
C ARG C 150 34.93 0.27 3.17
N CYS C 151 35.82 -0.01 2.22
CA CYS C 151 36.54 1.01 1.48
C CYS C 151 36.30 0.80 -0.01
N ALA C 152 37.00 1.57 -0.83
CA ALA C 152 36.74 1.59 -2.27
C ALA C 152 37.72 0.69 -3.02
N TYR C 153 37.34 0.35 -4.25
CA TYR C 153 38.11 -0.54 -5.11
C TYR C 153 38.17 0.05 -6.51
N SER C 154 39.17 -0.40 -7.27
CA SER C 154 39.29 -0.07 -8.69
C SER C 154 39.64 -1.33 -9.46
N ARG C 155 39.15 -1.41 -10.70
CA ARG C 155 39.50 -2.49 -11.60
C ARG C 155 40.76 -2.11 -12.38
N LEU C 156 41.65 -3.09 -12.57
CA LEU C 156 42.93 -2.87 -13.21
C LEU C 156 43.14 -3.81 -14.39
N ALA C 157 43.80 -3.29 -15.42
CA ALA C 157 44.37 -4.14 -16.46
C ALA C 157 45.69 -4.73 -15.93
N PRO C 158 45.86 -6.06 -15.88
CA PRO C 158 47.07 -6.60 -15.22
C PRO C 158 48.38 -6.20 -15.90
N GLU C 159 48.38 -5.94 -17.21
CA GLU C 159 49.62 -5.59 -17.90
C GLU C 159 50.07 -4.17 -17.58
N THR C 160 49.18 -3.20 -17.84
CA THR C 160 49.56 -1.78 -17.86
C THR C 160 49.35 -1.05 -16.54
N GLN C 161 48.69 -1.67 -15.55
CA GLN C 161 48.36 -1.00 -14.29
C GLN C 161 47.49 0.25 -14.52
N HIS C 162 46.67 0.21 -15.57
CA HIS C 162 45.71 1.27 -15.87
C HIS C 162 44.37 0.99 -15.20
N ILE C 163 43.62 2.07 -14.93
CA ILE C 163 42.30 1.95 -14.31
C ILE C 163 41.27 1.68 -15.39
N ILE C 164 40.47 0.62 -15.21
CA ILE C 164 39.23 0.44 -15.96
C ILE C 164 38.14 1.16 -15.19
N LYS C 165 37.58 2.22 -15.78
CA LYS C 165 36.49 2.90 -15.13
C LYS C 165 35.23 2.03 -15.15
N VAL C 166 34.53 2.01 -14.01
CA VAL C 166 33.29 1.26 -13.83
C VAL C 166 32.16 2.26 -13.65
N ASN C 167 31.21 2.26 -14.58
CA ASN C 167 30.12 3.23 -14.60
C ASN C 167 30.68 4.65 -14.56
N ASN C 168 31.77 4.85 -15.28
CA ASN C 168 32.43 6.15 -15.41
C ASN C 168 32.87 6.69 -14.05
N MET C 169 33.48 5.82 -13.25
CA MET C 169 34.10 6.21 -12.00
C MET C 169 35.43 5.47 -11.89
N ASP C 170 36.46 6.19 -11.42
CA ASP C 170 37.74 5.55 -11.21
C ASP C 170 37.65 4.48 -10.12
N TYR C 171 37.05 4.83 -8.98
CA TYR C 171 36.87 3.90 -7.88
C TYR C 171 35.48 4.06 -7.28
N ARG C 172 34.98 2.99 -6.67
CA ARG C 172 33.67 3.00 -6.03
C ARG C 172 33.66 1.94 -4.93
N LEU C 173 32.77 2.12 -3.95
CA LEU C 173 32.75 1.24 -2.80
C LEU C 173 32.33 -0.17 -3.18
N GLY C 174 33.00 -1.15 -2.58
CA GLY C 174 32.77 -2.55 -2.88
C GLY C 174 32.36 -3.35 -1.66
N PHE C 175 32.21 -4.65 -1.88
CA PHE C 175 31.88 -5.61 -0.82
C PHE C 175 33.05 -6.49 -0.40
N ILE C 176 34.01 -6.75 -1.29
CA ILE C 176 35.17 -7.54 -0.91
C ILE C 176 36.01 -6.79 0.11
N THR C 177 35.94 -5.45 0.10
CA THR C 177 36.66 -4.60 1.03
C THR C 177 36.10 -4.62 2.44
N LEU C 178 34.99 -5.33 2.68
CA LEU C 178 34.33 -5.30 3.98
C LEU C 178 35.25 -5.81 5.08
N GLY C 179 35.18 -5.13 6.22
CA GLY C 179 35.74 -5.65 7.46
C GLY C 179 34.72 -5.49 8.55
N MET C 180 34.74 -6.42 9.50
CA MET C 180 33.66 -6.45 10.48
C MET C 180 34.11 -7.19 11.72
N HIS C 181 33.34 -6.99 12.79
CA HIS C 181 33.59 -7.72 14.03
C HIS C 181 33.15 -9.17 13.87
N ARG C 182 33.87 -10.05 14.55
CA ARG C 182 33.57 -11.47 14.48
C ARG C 182 32.16 -11.78 14.96
N LYS C 183 31.59 -10.95 15.86
CA LYS C 183 30.28 -11.24 16.43
C LYS C 183 29.19 -11.26 15.37
N VAL C 184 29.44 -10.68 14.19
CA VAL C 184 28.44 -10.65 13.12
C VAL C 184 28.01 -12.05 12.75
N PHE C 185 28.98 -12.97 12.65
CA PHE C 185 28.66 -14.29 12.10
C PHE C 185 27.88 -15.13 13.10
N GLN C 186 28.15 -14.97 14.40
CA GLN C 186 27.37 -15.72 15.38
C GLN C 186 26.02 -15.06 15.67
N GLU C 187 25.78 -13.84 15.19
CA GLU C 187 24.53 -13.12 15.39
C GLU C 187 23.58 -13.20 14.19
N ILE C 188 24.08 -13.19 12.96
CA ILE C 188 23.21 -13.24 11.78
C ILE C 188 23.56 -14.35 10.82
N GLY C 189 24.52 -15.21 11.17
CA GLY C 189 24.89 -16.33 10.32
C GLY C 189 26.01 -16.02 9.35
N PHE C 190 26.17 -16.94 8.39
CA PHE C 190 27.27 -16.96 7.45
C PHE C 190 26.81 -16.55 6.06
N PHE C 191 27.77 -16.47 5.14
CA PHE C 191 27.45 -16.17 3.75
C PHE C 191 26.55 -17.26 3.16
N ASN C 192 25.65 -16.84 2.27
CA ASN C 192 24.87 -17.81 1.54
C ASN C 192 25.79 -18.53 0.56
N CYS C 193 25.73 -19.86 0.56
CA CYS C 193 26.66 -20.68 -0.20
C CYS C 193 26.25 -20.79 -1.67
N THR C 194 26.24 -19.65 -2.33
CA THR C 194 26.10 -19.59 -3.78
C THR C 194 27.48 -19.51 -4.43
N THR C 195 27.47 -19.33 -5.75
CA THR C 195 28.67 -19.13 -6.54
C THR C 195 28.98 -17.66 -6.78
N LYS C 196 27.97 -16.82 -6.89
CA LYS C 196 28.14 -15.38 -7.04
C LYS C 196 26.95 -14.68 -6.41
N GLY C 197 27.13 -13.39 -6.13
CA GLY C 197 26.05 -12.54 -5.68
C GLY C 197 25.87 -12.43 -4.18
N SER C 198 26.41 -13.37 -3.40
CA SER C 198 26.10 -13.44 -1.98
C SER C 198 26.87 -12.44 -1.13
N ASP C 199 27.83 -11.71 -1.70
CA ASP C 199 28.45 -10.62 -0.97
C ASP C 199 27.51 -9.42 -0.91
N ASP C 200 26.76 -9.19 -1.99
CA ASP C 200 25.68 -8.22 -1.98
C ASP C 200 24.65 -8.57 -0.91
N GLU C 201 24.28 -9.86 -0.80
CA GLU C 201 23.25 -10.27 0.15
C GLU C 201 23.71 -10.05 1.59
N PHE C 202 24.91 -10.51 1.92
CA PHE C 202 25.38 -10.40 3.29
C PHE C 202 25.55 -8.95 3.72
N PHE C 203 25.90 -8.07 2.79
CA PHE C 203 25.99 -6.65 3.12
C PHE C 203 24.62 -6.12 3.53
N HIS C 204 23.61 -6.36 2.71
CA HIS C 204 22.27 -5.90 3.03
C HIS C 204 21.65 -6.70 4.17
N ARG C 205 22.21 -7.88 4.49
CA ARG C 205 21.79 -8.55 5.71
C ARG C 205 22.31 -7.81 6.94
N ILE C 206 23.58 -7.39 6.91
CA ILE C 206 24.12 -6.55 7.99
C ILE C 206 23.32 -5.26 8.10
N ALA C 207 23.03 -4.62 6.97
CA ALA C 207 22.30 -3.37 6.98
C ALA C 207 20.92 -3.55 7.59
N LYS C 208 20.27 -4.67 7.27
CA LYS C 208 18.97 -4.98 7.87
C LYS C 208 19.09 -5.12 9.38
N TYR C 209 19.98 -6.02 9.83
CA TYR C 209 20.01 -6.36 11.25
C TYR C 209 20.54 -5.20 12.08
N TYR C 210 21.66 -4.60 11.65
CA TYR C 210 22.35 -3.60 12.44
C TYR C 210 22.04 -2.17 12.02
N GLY C 211 21.60 -1.94 10.78
CA GLY C 211 21.33 -0.59 10.29
C GLY C 211 22.44 0.03 9.47
N LYS C 212 22.08 0.60 8.31
CA LYS C 212 23.08 1.10 7.36
C LYS C 212 24.02 2.12 7.98
N GLU C 213 23.55 2.86 8.99
CA GLU C 213 24.40 3.86 9.65
C GLU C 213 25.60 3.21 10.30
N LYS C 214 25.47 1.96 10.75
CA LYS C 214 26.55 1.29 11.45
C LYS C 214 27.56 0.64 10.50
N ILE C 215 27.46 0.89 9.19
CA ILE C 215 28.48 0.48 8.22
C ILE C 215 29.21 1.74 7.77
N LYS C 216 30.45 1.92 8.22
CA LYS C 216 31.22 3.10 7.84
C LYS C 216 31.87 2.86 6.49
N ASN C 217 31.79 3.86 5.62
CA ASN C 217 32.39 3.82 4.29
C ASN C 217 33.63 4.71 4.30
N LEU C 218 34.76 4.14 3.95
CA LEU C 218 36.02 4.87 3.84
C LEU C 218 36.29 5.05 2.35
N LEU C 219 35.93 6.20 1.80
CA LEU C 219 35.97 6.39 0.35
C LEU C 219 37.39 6.75 -0.12
N LEU C 220 38.25 5.73 -0.10
CA LEU C 220 39.65 5.82 -0.57
C LEU C 220 39.99 4.57 -1.39
N PRO C 221 40.73 4.71 -2.52
CA PRO C 221 41.02 3.52 -3.34
C PRO C 221 42.17 2.67 -2.80
N LEU C 222 41.83 1.69 -1.97
CA LEU C 222 42.80 0.86 -1.27
C LEU C 222 42.80 -0.59 -1.73
N TYR C 223 41.89 -0.99 -2.63
CA TYR C 223 41.77 -2.35 -3.11
C TYR C 223 41.80 -2.32 -4.62
N TYR C 224 42.53 -3.27 -5.22
CA TYR C 224 42.83 -3.27 -6.66
C TYR C 224 42.39 -4.61 -7.26
N ASN C 225 41.27 -4.58 -7.98
CA ASN C 225 40.66 -5.78 -8.55
C ASN C 225 41.26 -6.07 -9.92
N THR C 226 41.88 -7.24 -10.09
CA THR C 226 42.41 -7.60 -11.40
C THR C 226 41.28 -7.90 -12.37
N MET C 227 41.44 -7.44 -13.60
CA MET C 227 40.50 -7.69 -14.68
C MET C 227 41.01 -8.90 -15.46
N ARG C 228 40.26 -10.00 -15.43
CA ARG C 228 40.65 -11.21 -16.14
C ARG C 228 39.42 -11.90 -16.71
N GLU C 229 39.60 -12.50 -17.89
CA GLU C 229 38.46 -12.98 -18.67
C GLU C 229 37.82 -14.22 -18.04
N ASN C 230 36.52 -14.36 -18.28
CA ASN C 230 35.70 -15.47 -17.78
C ASN C 230 35.73 -15.61 -16.26
N SER C 231 35.94 -14.51 -15.55
CA SER C 231 35.84 -14.52 -14.09
C SER C 231 34.36 -14.42 -13.68
N LEU C 232 34.13 -14.34 -12.36
CA LEU C 232 32.76 -14.43 -11.83
C LEU C 232 31.94 -13.20 -12.19
N PHE C 233 32.55 -12.03 -12.20
CA PHE C 233 31.82 -10.80 -12.42
C PHE C 233 31.71 -10.43 -13.90
N THR C 234 32.32 -11.23 -14.79
CA THR C 234 32.13 -11.03 -16.23
C THR C 234 30.67 -11.18 -16.65
N ASP C 235 29.86 -11.87 -15.82
CA ASP C 235 28.42 -11.93 -15.99
C ASP C 235 27.79 -10.55 -16.20
N MET C 236 28.39 -9.49 -15.65
CA MET C 236 27.78 -8.16 -15.59
C MET C 236 28.45 -7.12 -16.49
N VAL C 237 29.38 -7.53 -17.36
CA VAL C 237 30.28 -6.59 -18.04
C VAL C 237 29.74 -6.25 -19.43
N GLU C 238 29.93 -4.98 -19.81
CA GLU C 238 29.74 -4.54 -21.19
C GLU C 238 30.90 -3.60 -21.52
N TRP C 239 31.74 -4.02 -22.46
CA TRP C 239 32.91 -3.25 -22.83
C TRP C 239 32.52 -2.09 -23.73
N ILE C 240 33.04 -0.90 -23.43
CA ILE C 240 32.92 0.25 -24.30
C ILE C 240 34.23 0.40 -25.05
N ASP C 241 35.28 0.76 -24.32
CA ASP C 241 36.62 0.95 -24.86
C ASP C 241 37.56 0.12 -23.98
N ASN C 242 38.86 0.38 -24.07
CA ASN C 242 39.83 -0.30 -23.22
C ASN C 242 39.95 0.30 -21.81
N HIS C 243 39.13 1.31 -21.47
CA HIS C 243 39.23 1.99 -20.17
C HIS C 243 37.89 2.21 -19.49
N ASN C 244 36.78 1.70 -20.04
CA ASN C 244 35.46 1.91 -19.46
C ASN C 244 34.62 0.67 -19.68
N ILE C 245 33.76 0.38 -18.70
CA ILE C 245 32.76 -0.69 -18.79
C ILE C 245 31.48 -0.22 -18.11
N ILE C 246 30.40 -0.94 -18.37
CA ILE C 246 29.12 -0.73 -17.71
C ILE C 246 28.84 -1.98 -16.89
N GLN C 247 28.57 -1.79 -15.60
CA GLN C 247 28.21 -2.88 -14.71
C GLN C 247 26.69 -2.93 -14.61
N LYS C 248 26.11 -4.05 -15.03
CA LYS C 248 24.67 -4.23 -15.09
C LYS C 248 24.35 -5.65 -14.67
N MET C 249 23.43 -5.81 -13.72
CA MET C 249 23.09 -7.14 -13.23
C MET C 249 22.47 -7.96 -14.34
N SER C 250 22.80 -9.25 -14.37
CA SER C 250 22.19 -10.15 -15.31
C SER C 250 20.79 -10.52 -14.85
N ASP C 251 20.08 -11.30 -15.66
CA ASP C 251 18.74 -11.74 -15.27
C ASP C 251 18.83 -12.68 -14.06
N THR C 252 19.72 -13.68 -14.12
CA THR C 252 19.83 -14.61 -13.02
C THR C 252 20.40 -13.93 -11.77
N ARG C 253 21.21 -12.89 -11.95
CA ARG C 253 21.68 -12.13 -10.80
C ARG C 253 20.58 -11.23 -10.23
N GLN C 254 19.75 -10.66 -11.10
CA GLN C 254 18.68 -9.78 -10.64
C GLN C 254 17.52 -10.56 -10.03
N HIS C 255 17.34 -11.83 -10.39
CA HIS C 255 16.31 -12.63 -9.73
C HIS C 255 16.70 -12.91 -8.30
N TYR C 256 17.98 -13.23 -8.06
CA TYR C 256 18.48 -13.47 -6.71
C TYR C 256 18.36 -12.21 -5.86
N ALA C 257 18.59 -11.04 -6.47
CA ALA C 257 18.48 -9.79 -5.74
C ALA C 257 17.05 -9.55 -5.25
N THR C 258 16.06 -9.72 -6.14
CA THR C 258 14.68 -9.62 -5.73
C THR C 258 14.36 -10.64 -4.64
N LEU C 259 14.99 -11.82 -4.72
CA LEU C 259 14.67 -12.89 -3.79
C LEU C 259 15.14 -12.57 -2.38
N PHE C 260 16.41 -12.20 -2.20
CA PHE C 260 16.90 -12.00 -0.85
C PHE C 260 16.45 -10.66 -0.26
N GLN C 261 16.15 -9.68 -1.10
CA GLN C 261 15.52 -8.46 -0.60
C GLN C 261 14.19 -8.80 0.05
N ALA C 262 13.33 -9.54 -0.67
CA ALA C 262 12.08 -10.02 -0.08
C ALA C 262 12.37 -10.86 1.16
N MET C 263 13.40 -11.70 1.11
CA MET C 263 13.74 -12.55 2.25
C MET C 263 14.16 -11.72 3.44
N HIS C 264 14.88 -10.63 3.20
CA HIS C 264 15.34 -9.78 4.30
C HIS C 264 14.16 -9.13 5.02
N ASN C 265 13.12 -8.75 4.28
CA ASN C 265 11.97 -8.08 4.87
C ASN C 265 11.07 -9.05 5.63
N GLU C 266 10.92 -10.26 5.09
CA GLU C 266 9.94 -11.22 5.57
C GLU C 266 10.50 -12.17 6.61
N THR C 267 11.82 -12.18 6.81
CA THR C 267 12.48 -13.11 7.73
C THR C 267 12.70 -12.43 9.06
N ALA C 268 12.20 -13.06 10.12
CA ALA C 268 12.48 -12.57 11.47
C ALA C 268 13.98 -12.59 11.70
N SER C 269 14.53 -11.48 12.18
CA SER C 269 15.98 -11.33 12.24
C SER C 269 16.63 -12.26 13.25
N HIS C 270 15.88 -12.83 14.19
CA HIS C 270 16.42 -13.84 15.09
C HIS C 270 16.74 -15.14 14.36
N ASP C 271 16.16 -15.35 13.16
CA ASP C 271 16.31 -16.59 12.40
C ASP C 271 17.44 -16.57 11.38
N PHE C 272 17.96 -15.40 10.99
CA PHE C 272 19.10 -15.35 10.05
C PHE C 272 20.21 -16.28 10.50
N LYS C 273 20.47 -16.29 11.80
CA LYS C 273 21.47 -17.16 12.41
C LYS C 273 21.30 -18.63 12.01
N ASN C 274 20.05 -19.11 11.94
CA ASN C 274 19.76 -20.50 11.62
C ASN C 274 19.45 -20.74 10.15
N LEU C 275 18.86 -19.76 9.46
CA LEU C 275 18.62 -19.89 8.03
C LEU C 275 19.93 -20.03 7.26
N PHE C 276 20.94 -19.24 7.64
CA PHE C 276 22.25 -19.23 6.98
C PHE C 276 23.28 -19.87 7.89
N GLN C 277 23.01 -21.11 8.28
CA GLN C 277 23.95 -21.89 9.07
C GLN C 277 25.08 -22.40 8.17
N PHE C 278 26.18 -22.79 8.80
CA PHE C 278 27.33 -23.30 8.05
C PHE C 278 28.11 -24.30 8.91
N PRO C 279 28.60 -25.43 8.33
CA PRO C 279 28.46 -25.94 6.95
C PRO C 279 27.03 -26.34 6.58
N ARG C 280 26.79 -26.73 5.34
CA ARG C 280 25.44 -27.01 4.87
C ARG C 280 25.53 -27.77 3.55
N ILE C 281 24.42 -28.44 3.19
CA ILE C 281 24.34 -29.25 1.98
C ILE C 281 23.13 -28.91 1.12
N TYR C 282 22.19 -28.09 1.64
CA TYR C 282 21.03 -27.66 0.87
C TYR C 282 21.04 -26.14 0.71
N ASP C 283 20.51 -25.68 -0.42
CA ASP C 283 20.40 -24.24 -0.64
C ASP C 283 19.50 -23.61 0.40
N ALA C 284 19.96 -22.49 0.98
CA ALA C 284 19.10 -21.71 1.86
C ALA C 284 17.98 -21.03 1.09
N LEU C 285 18.30 -20.52 -0.10
CA LEU C 285 17.34 -19.82 -0.94
C LEU C 285 17.18 -20.55 -2.27
N PRO C 286 15.97 -20.58 -2.86
CA PRO C 286 15.82 -21.27 -4.16
C PRO C 286 16.57 -20.53 -5.27
N VAL C 287 17.53 -21.24 -5.86
CA VAL C 287 18.40 -20.66 -6.90
C VAL C 287 18.63 -21.70 -7.98
N PRO C 288 18.82 -21.26 -9.23
CA PRO C 288 19.16 -22.22 -10.31
C PRO C 288 20.49 -22.91 -10.04
N GLN C 289 20.73 -23.99 -10.78
CA GLN C 289 21.99 -24.72 -10.64
C GLN C 289 23.18 -23.87 -11.02
N GLU C 290 22.98 -22.86 -11.88
CA GLU C 290 24.04 -21.91 -12.21
C GLU C 290 24.55 -21.19 -10.97
N MET C 291 23.69 -21.01 -9.96
CA MET C 291 23.98 -20.20 -8.79
C MET C 291 24.38 -21.03 -7.58
N SER C 292 24.42 -22.36 -7.68
CA SER C 292 24.75 -23.21 -6.54
C SER C 292 25.58 -24.39 -6.98
N LYS C 293 26.63 -24.66 -6.22
CA LYS C 293 27.45 -25.86 -6.33
C LYS C 293 27.23 -26.80 -5.16
N LEU C 294 26.17 -26.62 -4.38
CA LEU C 294 25.94 -27.52 -3.26
C LEU C 294 25.42 -28.86 -3.77
N SER C 295 25.74 -29.92 -3.03
CA SER C 295 25.34 -31.25 -3.45
C SER C 295 23.84 -31.36 -3.63
N ASN C 296 23.08 -30.68 -2.78
CA ASN C 296 21.62 -30.69 -2.79
C ASN C 296 21.04 -32.10 -2.96
N PRO C 297 21.27 -33.00 -2.01
CA PRO C 297 20.78 -34.38 -2.16
C PRO C 297 19.27 -34.43 -2.33
N LYS C 298 18.84 -35.12 -3.39
CA LYS C 298 17.42 -35.37 -3.65
C LYS C 298 16.88 -36.58 -2.86
N ILE C 299 17.69 -37.15 -1.98
CA ILE C 299 17.26 -38.16 -1.00
C ILE C 299 17.87 -37.78 0.34
N PRO C 300 17.36 -38.33 1.44
CA PRO C 300 17.91 -37.95 2.74
C PRO C 300 19.34 -38.43 2.90
N VAL C 301 20.03 -37.83 3.88
CA VAL C 301 21.41 -38.13 4.20
C VAL C 301 21.44 -38.58 5.65
N TYR C 302 21.90 -39.81 5.87
CA TYR C 302 21.98 -40.39 7.21
C TYR C 302 23.45 -40.55 7.55
N ILE C 303 23.89 -39.93 8.64
CA ILE C 303 25.24 -40.11 9.16
C ILE C 303 25.17 -41.10 10.32
N ASN C 304 25.97 -42.15 10.24
CA ASN C 304 25.98 -43.23 11.22
C ASN C 304 27.36 -43.28 11.83
N ILE C 305 27.43 -43.31 13.16
CA ILE C 305 28.72 -43.30 13.84
C ILE C 305 28.61 -44.12 15.10
N CYS C 306 29.67 -44.85 15.39
CA CYS C 306 29.85 -45.53 16.66
C CYS C 306 30.90 -44.81 17.48
N SER C 307 30.77 -44.88 18.80
CA SER C 307 31.65 -44.14 19.67
C SER C 307 31.88 -44.88 20.97
N ILE C 308 32.98 -44.51 21.62
CA ILE C 308 33.36 -45.01 22.93
C ILE C 308 33.63 -43.82 23.84
N PRO C 309 33.49 -43.99 25.16
CA PRO C 309 33.63 -42.83 26.04
C PRO C 309 35.03 -42.26 26.09
N SER C 310 36.03 -43.06 25.72
CA SER C 310 37.41 -42.58 25.68
C SER C 310 37.60 -41.43 24.70
N ARG C 311 36.67 -41.20 23.77
CA ARG C 311 36.80 -40.22 22.70
C ARG C 311 35.60 -39.28 22.67
N ILE C 312 35.12 -38.85 23.84
CA ILE C 312 33.97 -37.95 23.86
C ILE C 312 34.39 -36.54 23.43
N ALA C 313 35.61 -36.12 23.77
CA ALA C 313 36.10 -34.83 23.29
C ALA C 313 36.16 -34.79 21.78
N GLN C 314 36.44 -35.94 21.15
CA GLN C 314 36.44 -36.05 19.69
C GLN C 314 35.01 -36.10 19.12
N LEU C 315 34.11 -36.84 19.78
CA LEU C 315 32.75 -36.94 19.25
C LEU C 315 32.04 -35.59 19.28
N ARG C 316 32.37 -34.72 20.23
CA ARG C 316 31.78 -33.39 20.29
C ARG C 316 32.12 -32.58 19.05
N ARG C 317 33.41 -32.49 18.71
CA ARG C 317 33.83 -31.77 17.52
C ARG C 317 33.17 -32.32 16.27
N ILE C 318 32.96 -33.64 16.22
CA ILE C 318 32.43 -34.26 15.00
C ILE C 318 30.94 -33.98 14.85
N ILE C 319 30.19 -34.01 15.96
CA ILE C 319 28.76 -33.70 15.85
C ILE C 319 28.58 -32.22 15.54
N GLY C 320 29.46 -31.37 16.04
CA GLY C 320 29.37 -29.95 15.74
C GLY C 320 29.56 -29.67 14.26
N ILE C 321 30.53 -30.33 13.64
CA ILE C 321 30.80 -30.11 12.23
C ILE C 321 29.68 -30.69 11.37
N LEU C 322 29.23 -31.90 11.68
CA LEU C 322 28.32 -32.65 10.81
C LEU C 322 26.84 -32.40 11.07
N LYS C 323 26.49 -31.59 12.08
CA LYS C 323 25.09 -31.51 12.50
C LYS C 323 24.21 -30.97 11.39
N ASN C 324 24.69 -29.95 10.68
CA ASN C 324 23.97 -29.35 9.55
C ASN C 324 24.35 -29.94 8.20
N GLN C 325 25.29 -30.90 8.16
CA GLN C 325 25.66 -31.58 6.91
C GLN C 325 24.84 -32.85 6.66
N CYS C 326 23.73 -33.05 7.35
CA CYS C 326 22.93 -34.26 7.15
C CYS C 326 21.52 -34.03 7.66
N ASP C 327 20.63 -34.95 7.28
CA ASP C 327 19.24 -34.90 7.72
C ASP C 327 18.99 -35.71 8.99
N HIS C 328 19.82 -36.69 9.31
CA HIS C 328 19.55 -37.55 10.45
C HIS C 328 20.83 -38.27 10.88
N PHE C 329 20.95 -38.49 12.18
CA PHE C 329 22.04 -39.22 12.78
C PHE C 329 21.55 -40.56 13.33
N HIS C 330 22.45 -41.55 13.36
CA HIS C 330 22.28 -42.77 14.14
C HIS C 330 23.56 -43.00 14.92
N ILE C 331 23.49 -42.84 16.24
CA ILE C 331 24.66 -42.86 17.10
C ILE C 331 24.62 -44.15 17.89
N TYR C 332 25.74 -44.86 17.94
CA TYR C 332 25.88 -46.09 18.70
C TYR C 332 26.94 -45.86 19.77
N LEU C 333 26.46 -45.62 20.99
CA LEU C 333 27.31 -45.39 22.15
C LEU C 333 27.67 -46.73 22.78
N ASP C 334 28.96 -47.04 22.84
CA ASP C 334 29.47 -48.31 23.37
C ASP C 334 30.19 -48.04 24.71
N GLY C 335 29.45 -48.16 25.80
CA GLY C 335 30.04 -48.05 27.14
C GLY C 335 30.00 -46.67 27.77
N TYR C 336 29.17 -45.76 27.27
CA TYR C 336 29.02 -44.47 27.92
C TYR C 336 28.23 -44.60 29.21
N VAL C 337 28.59 -43.76 30.19
CA VAL C 337 27.88 -43.76 31.47
C VAL C 337 26.43 -43.32 31.26
N GLU C 338 26.25 -42.17 30.62
CA GLU C 338 24.93 -41.68 30.24
C GLU C 338 25.05 -41.00 28.88
N ILE C 339 23.90 -40.67 28.28
CA ILE C 339 23.92 -39.97 27.01
C ILE C 339 24.51 -38.57 27.22
N PRO C 340 25.56 -38.17 26.47
CA PRO C 340 26.10 -36.82 26.66
C PRO C 340 25.08 -35.72 26.39
N ASP C 341 25.36 -34.55 26.99
CA ASP C 341 24.49 -33.39 26.84
C ASP C 341 24.27 -33.02 25.37
N PHE C 342 25.36 -32.95 24.59
CA PHE C 342 25.25 -32.43 23.24
C PHE C 342 24.55 -33.38 22.28
N ILE C 343 24.41 -34.67 22.64
CA ILE C 343 23.68 -35.59 21.77
C ILE C 343 22.18 -35.51 22.06
N LYS C 344 21.79 -35.50 23.33
CA LYS C 344 20.37 -35.38 23.65
C LYS C 344 19.82 -34.01 23.27
N ASN C 345 20.69 -33.00 23.12
CA ASN C 345 20.26 -31.73 22.53
C ASN C 345 19.73 -31.94 21.10
N LEU C 346 20.27 -32.91 20.36
CA LEU C 346 19.80 -33.15 19.00
C LEU C 346 18.34 -33.60 18.98
N GLY C 347 17.90 -34.34 19.98
CA GLY C 347 16.51 -34.72 20.02
C GLY C 347 16.17 -35.69 18.91
N ASN C 348 15.10 -35.38 18.17
CA ASN C 348 14.60 -36.28 17.14
C ASN C 348 15.52 -36.41 15.93
N LYS C 349 16.52 -35.54 15.78
CA LYS C 349 17.47 -35.70 14.67
C LYS C 349 18.43 -36.87 14.85
N ALA C 350 18.61 -37.38 16.08
CA ALA C 350 19.52 -38.48 16.36
C ALA C 350 18.75 -39.67 16.89
N THR C 351 19.08 -40.85 16.37
CA THR C 351 18.60 -42.13 16.90
C THR C 351 19.75 -42.77 17.65
N VAL C 352 19.78 -42.60 18.96
CA VAL C 352 20.87 -43.12 19.78
C VAL C 352 20.54 -44.55 20.17
N VAL C 353 21.58 -45.38 20.22
CA VAL C 353 21.50 -46.77 20.66
C VAL C 353 22.55 -46.91 21.74
N HIS C 354 22.09 -46.97 23.00
CA HIS C 354 22.98 -47.02 24.15
C HIS C 354 23.18 -48.47 24.57
N CYS C 355 24.43 -48.82 24.86
CA CYS C 355 24.80 -50.17 25.31
C CYS C 355 25.77 -50.03 26.47
N LYS C 356 25.29 -50.31 27.69
CA LYS C 356 26.08 -50.12 28.90
C LYS C 356 26.91 -51.35 29.28
N ASP C 357 26.47 -52.55 28.94
CA ASP C 357 27.21 -53.78 29.25
C ASP C 357 28.11 -54.14 28.07
N LYS C 358 29.41 -54.20 28.31
CA LYS C 358 30.37 -54.56 27.25
C LYS C 358 30.12 -55.94 26.69
N ASP C 359 29.43 -56.83 27.42
CA ASP C 359 29.18 -58.17 26.93
C ASP C 359 28.12 -58.22 25.84
N ASN C 360 27.22 -57.23 25.76
CA ASN C 360 26.17 -57.16 24.75
C ASN C 360 26.54 -56.25 23.57
N SER C 361 27.83 -56.08 23.25
CA SER C 361 28.30 -55.05 22.32
C SER C 361 28.79 -55.64 20.99
N ILE C 362 28.30 -55.07 19.88
CA ILE C 362 28.77 -55.42 18.53
C ILE C 362 29.82 -54.44 17.99
N ARG C 363 30.14 -53.37 18.73
CA ARG C 363 31.24 -52.43 18.41
C ARG C 363 31.00 -51.82 17.04
N ASP C 364 31.98 -51.78 16.13
CA ASP C 364 31.87 -50.99 14.90
C ASP C 364 30.78 -51.50 13.97
N ASN C 365 30.22 -52.68 14.21
CA ASN C 365 29.07 -53.10 13.41
C ASN C 365 27.87 -52.20 13.62
N GLY C 366 27.88 -51.32 14.64
CA GLY C 366 26.79 -50.40 14.85
C GLY C 366 26.61 -49.37 13.75
N LYS C 367 27.63 -49.19 12.89
CA LYS C 367 27.50 -48.29 11.75
C LYS C 367 26.40 -48.73 10.78
N PHE C 368 26.02 -50.01 10.79
CA PHE C 368 25.08 -50.57 9.82
C PHE C 368 23.76 -51.00 10.44
N ILE C 369 23.46 -50.57 11.68
CA ILE C 369 22.14 -50.82 12.28
C ILE C 369 21.04 -50.21 11.42
N LEU C 370 21.22 -48.95 11.02
CA LEU C 370 20.18 -48.24 10.28
C LEU C 370 20.05 -48.73 8.83
N LEU C 371 21.06 -49.45 8.31
CA LEU C 371 20.96 -49.93 6.94
C LEU C 371 19.89 -51.00 6.80
N GLU C 372 19.75 -51.86 7.81
CA GLU C 372 18.68 -52.85 7.79
C GLU C 372 17.31 -52.16 7.80
N GLU C 373 17.12 -51.18 8.69
CA GLU C 373 15.82 -50.53 8.80
C GLU C 373 15.45 -49.77 7.53
N LEU C 374 16.44 -49.17 6.85
CA LEU C 374 16.10 -48.37 5.68
C LEU C 374 15.67 -49.23 4.51
N ILE C 375 16.25 -50.42 4.36
CA ILE C 375 15.84 -51.32 3.28
C ILE C 375 14.47 -51.94 3.58
N GLU C 376 14.24 -52.33 4.85
CA GLU C 376 12.94 -52.85 5.26
C GLU C 376 11.81 -51.91 4.85
N LYS C 377 11.97 -50.63 5.14
CA LYS C 377 10.99 -49.62 4.74
C LYS C 377 11.17 -49.17 3.29
N ASN C 378 12.10 -49.78 2.55
CA ASN C 378 12.37 -49.42 1.15
C ASN C 378 12.68 -47.92 1.02
N GLN C 379 13.33 -47.37 2.04
CA GLN C 379 13.69 -45.96 2.08
C GLN C 379 15.11 -45.79 1.54
N ASP C 380 15.27 -44.86 0.61
CA ASP C 380 16.59 -44.58 0.04
C ASP C 380 17.27 -43.48 0.87
N GLY C 381 18.52 -43.24 0.53
CA GLY C 381 19.27 -42.16 1.16
C GLY C 381 20.73 -42.32 0.83
N TYR C 382 21.49 -41.27 1.12
CA TYR C 382 22.94 -41.35 1.08
C TYR C 382 23.41 -41.81 2.46
N TYR C 383 23.97 -43.01 2.52
CA TYR C 383 24.36 -43.64 3.76
C TYR C 383 25.83 -43.38 4.00
N ILE C 384 26.14 -42.63 5.05
CA ILE C 384 27.51 -42.25 5.39
C ILE C 384 27.83 -42.85 6.75
N THR C 385 29.05 -43.39 6.87
CA THR C 385 29.53 -43.98 8.11
C THR C 385 30.84 -43.31 8.49
N CYS C 386 30.98 -43.05 9.79
CA CYS C 386 32.07 -42.25 10.32
C CYS C 386 32.60 -42.88 11.60
N ASP C 387 33.88 -42.63 11.87
CA ASP C 387 34.51 -42.96 13.13
C ASP C 387 34.58 -41.72 14.02
N ASP C 388 34.95 -41.94 15.28
CA ASP C 388 35.00 -40.89 16.29
C ASP C 388 36.43 -40.47 16.65
N ASP C 389 37.40 -40.76 15.78
CA ASP C 389 38.79 -40.32 15.95
C ASP C 389 39.30 -39.67 14.67
N ILE C 390 38.39 -39.05 13.91
CA ILE C 390 38.70 -38.45 12.61
C ILE C 390 38.12 -37.04 12.59
N ILE C 391 38.88 -36.11 12.01
CA ILE C 391 38.49 -34.71 11.90
C ILE C 391 37.94 -34.52 10.49
N TYR C 392 36.64 -34.38 10.38
CA TYR C 392 36.00 -34.23 9.09
C TYR C 392 35.95 -32.76 8.71
N PRO C 393 36.32 -32.37 7.49
CA PRO C 393 36.27 -30.95 7.13
C PRO C 393 34.84 -30.50 6.85
N SER C 394 34.69 -29.19 6.66
CA SER C 394 33.37 -28.62 6.47
C SER C 394 32.77 -28.94 5.11
N ASP C 395 33.57 -29.38 4.14
CA ASP C 395 33.07 -29.73 2.82
C ASP C 395 32.90 -31.23 2.63
N TYR C 396 32.92 -32.00 3.72
CA TYR C 396 32.98 -33.46 3.62
C TYR C 396 31.74 -34.03 2.91
N ILE C 397 30.55 -33.78 3.46
CA ILE C 397 29.37 -34.43 2.91
C ILE C 397 29.06 -33.91 1.51
N ASN C 398 29.39 -32.66 1.21
CA ASN C 398 29.18 -32.18 -0.15
C ASN C 398 30.14 -32.85 -1.13
N THR C 399 31.38 -33.09 -0.70
CA THR C 399 32.34 -33.71 -1.61
C THR C 399 31.98 -35.18 -1.86
N MET C 400 31.58 -35.90 -0.82
CA MET C 400 31.27 -37.32 -0.98
C MET C 400 30.02 -37.52 -1.83
N ILE C 401 28.96 -36.76 -1.58
CA ILE C 401 27.75 -36.91 -2.39
C ILE C 401 28.03 -36.51 -3.83
N LYS C 402 28.90 -35.52 -4.03
CA LYS C 402 29.26 -35.08 -5.37
C LYS C 402 30.13 -36.10 -6.10
N LYS C 403 31.00 -36.80 -5.38
CA LYS C 403 31.74 -37.90 -6.02
C LYS C 403 30.82 -39.07 -6.31
N LEU C 404 29.86 -39.35 -5.41
CA LEU C 404 28.85 -40.36 -5.71
C LEU C 404 28.07 -39.99 -6.95
N ASN C 405 27.73 -38.72 -7.12
CA ASN C 405 26.95 -38.30 -8.28
C ASN C 405 27.76 -38.42 -9.58
N GLU C 406 29.09 -38.28 -9.52
CA GLU C 406 29.90 -38.38 -10.73
C GLU C 406 29.78 -39.77 -11.36
N TYR C 407 29.75 -40.81 -10.52
CA TYR C 407 29.54 -42.19 -10.97
C TYR C 407 28.08 -42.61 -10.89
N ASP C 408 27.16 -41.65 -10.95
CA ASP C 408 25.72 -41.93 -11.02
C ASP C 408 25.25 -42.82 -9.89
N ASP C 409 25.83 -42.64 -8.71
CA ASP C 409 25.47 -43.34 -7.47
C ASP C 409 25.65 -44.86 -7.55
N LYS C 410 26.28 -45.35 -8.62
CA LYS C 410 26.39 -46.79 -8.90
C LYS C 410 27.53 -47.47 -8.14
N ALA C 411 28.35 -46.72 -7.40
CA ALA C 411 29.47 -47.28 -6.66
C ALA C 411 29.44 -46.80 -5.21
N VAL C 412 30.31 -47.43 -4.41
CA VAL C 412 30.59 -47.02 -3.05
C VAL C 412 31.94 -46.32 -3.06
N ILE C 413 32.03 -45.17 -2.39
CA ILE C 413 33.27 -44.41 -2.31
C ILE C 413 33.76 -44.40 -0.88
N GLY C 414 35.06 -44.21 -0.72
CA GLY C 414 35.68 -44.06 0.58
C GLY C 414 37.00 -43.35 0.41
N LEU C 415 37.72 -43.23 1.51
CA LEU C 415 39.01 -42.55 1.53
C LEU C 415 40.12 -43.45 2.04
N HIS C 416 39.86 -44.23 3.07
CA HIS C 416 40.80 -45.22 3.56
C HIS C 416 40.62 -46.50 2.75
N GLY C 417 41.49 -46.70 1.77
CA GLY C 417 41.38 -47.82 0.84
C GLY C 417 42.50 -48.83 1.04
N ILE C 418 42.17 -50.11 0.86
CA ILE C 418 43.13 -51.21 0.94
C ILE C 418 42.98 -52.05 -0.33
N LEU C 419 44.12 -52.42 -0.92
CA LEU C 419 44.17 -53.21 -2.14
C LEU C 419 45.03 -54.44 -1.89
N PHE C 420 44.51 -55.62 -2.20
CA PHE C 420 45.22 -56.88 -2.04
C PHE C 420 45.77 -57.36 -3.38
N PRO C 421 46.65 -58.37 -3.38
CA PRO C 421 46.93 -59.11 -4.62
C PRO C 421 45.90 -60.23 -4.83
N SER C 422 46.20 -61.21 -5.69
CA SER C 422 45.36 -62.42 -5.78
C SER C 422 45.83 -63.50 -4.79
CA SER C 429 49.47 -59.56 4.37
C SER C 429 50.15 -58.20 4.25
N ALA C 430 51.48 -58.21 4.22
CA ALA C 430 52.26 -56.98 4.04
C ALA C 430 52.41 -56.58 2.58
N ASP C 431 52.02 -57.43 1.63
CA ASP C 431 52.06 -57.08 0.22
C ASP C 431 50.78 -56.36 -0.23
N ARG C 432 49.99 -55.84 0.71
CA ARG C 432 48.82 -55.03 0.40
C ARG C 432 49.22 -53.56 0.37
N LEU C 433 48.59 -52.81 -0.51
CA LEU C 433 48.73 -51.35 -0.56
C LEU C 433 47.58 -50.70 0.21
N VAL C 434 47.92 -49.77 1.09
CA VAL C 434 46.97 -49.08 1.94
C VAL C 434 47.00 -47.61 1.55
N TYR C 435 45.91 -47.12 0.97
CA TYR C 435 45.72 -45.70 0.70
C TYR C 435 45.06 -45.07 1.92
N SER C 436 45.90 -44.58 2.84
CA SER C 436 45.42 -44.00 4.07
C SER C 436 44.63 -42.71 3.81
N PHE C 437 43.63 -42.46 4.66
CA PHE C 437 42.70 -41.36 4.41
C PHE C 437 43.34 -39.99 4.56
N TYR C 438 44.33 -39.86 5.45
CA TYR C 438 45.00 -38.58 5.66
C TYR C 438 46.12 -38.30 4.67
N LYS C 439 46.55 -39.30 3.89
CA LYS C 439 47.53 -39.11 2.83
C LYS C 439 46.83 -38.77 1.52
N PRO C 440 47.54 -38.19 0.56
CA PRO C 440 46.88 -37.78 -0.69
C PRO C 440 46.73 -38.94 -1.66
N LEU C 441 45.81 -38.75 -2.59
CA LEU C 441 45.66 -39.65 -3.73
C LEU C 441 45.23 -38.79 -4.92
N GLU C 442 46.04 -38.77 -5.96
CA GLU C 442 45.84 -37.76 -7.00
C GLU C 442 44.71 -38.10 -7.96
N LYS C 443 44.35 -39.37 -8.11
CA LYS C 443 43.26 -39.77 -8.99
C LYS C 443 42.50 -40.90 -8.32
N ASP C 444 41.19 -40.97 -8.58
CA ASP C 444 40.34 -42.01 -8.00
C ASP C 444 40.85 -43.39 -8.42
N LYS C 445 40.75 -44.34 -7.50
CA LYS C 445 41.32 -45.67 -7.70
C LYS C 445 40.48 -46.73 -7.02
N ALA C 446 39.98 -47.70 -7.80
CA ALA C 446 39.22 -48.79 -7.24
C ALA C 446 40.09 -49.66 -6.33
N VAL C 447 39.46 -50.17 -5.27
CA VAL C 447 40.11 -50.95 -4.23
C VAL C 447 39.19 -52.09 -3.83
N ASN C 448 39.68 -52.94 -2.92
CA ASN C 448 38.95 -54.11 -2.45
C ASN C 448 38.25 -53.88 -1.12
N VAL C 449 38.87 -53.13 -0.22
CA VAL C 449 38.34 -52.83 1.11
C VAL C 449 38.47 -51.33 1.34
N LEU C 450 37.40 -50.73 1.84
CA LEU C 450 37.37 -49.33 2.25
C LEU C 450 37.17 -49.25 3.75
N GLY C 451 37.90 -48.36 4.41
CA GLY C 451 37.72 -48.16 5.83
C GLY C 451 36.38 -47.50 6.10
N THR C 452 35.51 -48.18 6.88
CA THR C 452 34.14 -47.70 7.08
C THR C 452 34.06 -46.44 7.91
N GLY C 453 35.17 -45.89 8.40
CA GLY C 453 35.14 -44.55 8.96
C GLY C 453 35.08 -43.45 7.94
N THR C 454 35.09 -43.79 6.64
CA THR C 454 35.22 -42.77 5.61
C THR C 454 34.43 -43.09 4.34
N VAL C 455 33.42 -43.95 4.40
CA VAL C 455 32.70 -44.39 3.21
C VAL C 455 31.36 -43.66 3.08
N SER C 456 30.74 -43.83 1.91
CA SER C 456 29.45 -43.24 1.56
C SER C 456 28.91 -44.04 0.39
N PHE C 457 27.59 -44.19 0.33
CA PHE C 457 26.96 -44.92 -0.76
C PHE C 457 25.46 -44.65 -0.74
N ARG C 458 24.82 -44.93 -1.86
CA ARG C 458 23.37 -44.85 -1.94
C ARG C 458 22.74 -46.14 -1.41
N VAL C 459 21.70 -46.01 -0.60
CA VAL C 459 21.12 -47.17 0.08
C VAL C 459 20.51 -48.15 -0.91
N SER C 460 19.90 -47.64 -1.98
CA SER C 460 19.19 -48.48 -2.94
C SER C 460 20.12 -49.34 -3.78
N LEU C 461 21.43 -49.28 -3.59
CA LEU C 461 22.31 -50.25 -4.24
C LEU C 461 22.02 -51.68 -3.80
N PHE C 462 21.40 -51.85 -2.63
CA PHE C 462 21.22 -53.16 -2.01
C PHE C 462 19.74 -53.45 -1.83
N ASN C 463 19.30 -54.61 -2.31
CA ASN C 463 17.91 -55.03 -2.16
C ASN C 463 17.65 -55.75 -0.85
N GLN C 464 18.70 -56.28 -0.22
CA GLN C 464 18.52 -57.06 1.00
C GLN C 464 19.76 -56.93 1.87
N PHE C 465 19.54 -56.93 3.18
CA PHE C 465 20.62 -56.82 4.14
C PHE C 465 20.08 -57.22 5.51
N SER C 466 20.87 -58.01 6.24
CA SER C 466 20.56 -58.35 7.63
C SER C 466 21.84 -58.25 8.43
N LEU C 467 21.81 -57.44 9.50
CA LEU C 467 22.99 -57.23 10.33
C LEU C 467 23.42 -58.50 11.06
N SER C 468 22.54 -59.51 11.14
CA SER C 468 22.93 -60.80 11.71
C SER C 468 24.10 -61.43 10.96
N ASP C 469 24.20 -61.17 9.64
CA ASP C 469 25.32 -61.70 8.87
C ASP C 469 26.66 -61.22 9.42
N PHE C 470 26.72 -59.98 9.90
CA PHE C 470 27.95 -59.45 10.52
C PHE C 470 28.13 -60.17 11.85
N THR C 471 28.64 -61.41 11.76
CA THR C 471 28.77 -62.30 12.91
C THR C 471 29.66 -61.70 13.99
N HIS C 472 30.96 -61.62 13.71
CA HIS C 472 31.92 -61.14 14.69
C HIS C 472 32.00 -59.62 14.64
N SER C 473 32.24 -59.03 15.80
CA SER C 473 32.41 -57.59 15.89
C SER C 473 33.85 -57.21 15.60
N GLY C 474 34.04 -55.94 15.25
CA GLY C 474 35.36 -55.42 14.97
C GLY C 474 35.85 -55.57 13.55
N MET C 475 34.98 -55.97 12.61
CA MET C 475 35.40 -56.25 11.24
C MET C 475 34.38 -55.69 10.25
N ALA C 476 33.89 -54.48 10.50
CA ALA C 476 32.90 -53.88 9.62
C ALA C 476 33.47 -53.63 8.23
N ASP C 477 34.76 -53.30 8.15
CA ASP C 477 35.40 -53.09 6.84
C ASP C 477 35.30 -54.34 5.99
N ILE C 478 35.61 -55.49 6.57
CA ILE C 478 35.68 -56.73 5.78
C ILE C 478 34.26 -57.19 5.44
N TYR C 479 33.37 -57.22 6.42
CA TYR C 479 32.00 -57.63 6.15
C TYR C 479 31.35 -56.70 5.14
N PHE C 480 31.72 -55.42 5.15
CA PHE C 480 31.13 -54.48 4.20
C PHE C 480 31.68 -54.67 2.79
N SER C 481 32.95 -55.05 2.66
CA SER C 481 33.50 -55.36 1.34
C SER C 481 32.78 -56.56 0.74
N LEU C 482 32.66 -57.64 1.51
CA LEU C 482 31.98 -58.83 1.03
C LEU C 482 30.52 -58.54 0.73
N LEU C 483 29.89 -57.66 1.51
CA LEU C 483 28.56 -57.18 1.16
C LEU C 483 28.58 -56.48 -0.19
N CYS C 484 29.59 -55.66 -0.44
CA CYS C 484 29.75 -55.04 -1.76
C CYS C 484 30.12 -56.08 -2.81
N LYS C 485 30.99 -57.04 -2.44
CA LYS C 485 31.45 -58.04 -3.39
C LYS C 485 30.30 -58.96 -3.81
N LYS C 486 29.53 -59.47 -2.84
CA LYS C 486 28.44 -60.37 -3.16
C LYS C 486 27.33 -59.70 -3.96
N ASN C 487 27.26 -58.35 -3.95
CA ASN C 487 26.27 -57.62 -4.72
C ASN C 487 26.82 -57.02 -6.02
N ASN C 488 28.08 -57.30 -6.37
CA ASN C 488 28.74 -56.72 -7.54
C ASN C 488 28.69 -55.19 -7.49
N ILE C 489 29.16 -54.65 -6.37
CA ILE C 489 29.23 -53.21 -6.15
C ILE C 489 30.71 -52.86 -5.99
N LEU C 490 31.13 -51.81 -6.68
CA LEU C 490 32.53 -51.44 -6.73
C LEU C 490 32.87 -50.47 -5.61
N GLN C 491 34.07 -50.60 -5.06
CA GLN C 491 34.58 -49.73 -4.01
C GLN C 491 35.67 -48.84 -4.60
N ILE C 492 35.47 -47.53 -4.54
CA ILE C 492 36.34 -46.53 -5.17
C ILE C 492 37.01 -45.73 -4.06
N CYS C 493 38.34 -45.65 -4.13
CA CYS C 493 39.12 -44.80 -3.24
C CYS C 493 39.30 -43.45 -3.94
N ILE C 494 38.66 -42.40 -3.42
CA ILE C 494 38.56 -41.15 -4.17
C ILE C 494 39.81 -40.31 -3.99
N SER C 495 39.97 -39.35 -4.91
CA SER C 495 41.09 -38.43 -4.85
C SER C 495 40.85 -37.40 -3.74
N ARG C 496 41.95 -36.88 -3.21
CA ARG C 496 41.91 -36.04 -2.02
C ARG C 496 43.27 -35.37 -1.81
N PRO C 497 43.33 -34.15 -1.27
CA PRO C 497 44.62 -33.60 -0.86
C PRO C 497 45.09 -34.27 0.42
N ALA C 498 46.34 -33.99 0.76
CA ALA C 498 46.91 -34.49 1.99
C ALA C 498 46.23 -33.84 3.18
N ASN C 499 45.88 -34.66 4.17
CA ASN C 499 45.27 -34.23 5.43
C ASN C 499 43.90 -33.59 5.22
N TRP C 500 43.19 -33.99 4.16
CA TRP C 500 41.80 -33.56 4.03
C TRP C 500 40.98 -34.08 5.21
N LEU C 501 41.12 -35.36 5.53
CA LEU C 501 40.74 -35.90 6.82
C LEU C 501 42.01 -36.14 7.64
N THR C 502 41.89 -36.11 8.97
CA THR C 502 43.03 -36.32 9.84
C THR C 502 42.58 -37.06 11.08
N GLU C 503 43.55 -37.57 11.84
CA GLU C 503 43.31 -38.31 13.07
C GLU C 503 43.36 -37.43 14.30
N ASP C 504 42.58 -37.83 15.31
CA ASP C 504 42.65 -37.25 16.63
C ASP C 504 42.50 -38.36 17.67
CA ASN C 518 44.98 -60.39 17.23
C ASN C 518 43.93 -60.53 16.12
N ASP C 519 44.41 -60.67 14.88
CA ASP C 519 43.55 -60.72 13.69
C ASP C 519 43.36 -62.16 13.21
N GLU C 520 42.82 -63.00 14.10
CA GLU C 520 42.61 -64.41 13.77
C GLU C 520 41.50 -64.56 12.74
N GLN C 521 40.27 -64.18 13.10
CA GLN C 521 39.12 -64.40 12.24
C GLN C 521 39.16 -63.54 10.99
N GLN C 522 39.88 -62.41 11.01
CA GLN C 522 39.98 -61.56 9.82
C GLN C 522 40.59 -62.30 8.64
N THR C 523 41.80 -62.84 8.83
CA THR C 523 42.47 -63.50 7.72
C THR C 523 41.67 -64.71 7.23
N GLN C 524 40.96 -65.38 8.14
CA GLN C 524 40.13 -66.50 7.73
C GLN C 524 39.06 -66.06 6.73
N LEU C 525 38.32 -65.01 7.07
CA LEU C 525 37.19 -64.63 6.22
C LEU C 525 37.68 -64.07 4.88
N ILE C 526 38.87 -63.49 4.84
CA ILE C 526 39.41 -62.97 3.58
C ILE C 526 39.67 -64.11 2.61
N MET C 527 40.54 -65.05 3.01
CA MET C 527 40.94 -66.14 2.13
C MET C 527 39.74 -67.01 1.75
N GLU C 528 38.80 -67.17 2.68
CA GLU C 528 37.60 -67.97 2.41
C GLU C 528 36.76 -67.43 1.26
N ASN C 529 36.72 -66.11 1.08
CA ASN C 529 35.87 -65.45 0.09
C ASN C 529 36.70 -64.80 -1.01
N GLY C 530 37.78 -65.45 -1.42
CA GLY C 530 38.56 -64.96 -2.54
C GLY C 530 37.69 -64.92 -3.78
N PRO C 531 38.23 -64.39 -4.88
CA PRO C 531 39.56 -63.79 -5.07
C PRO C 531 39.55 -62.30 -4.78
N TRP C 532 40.73 -61.67 -4.75
CA TRP C 532 40.87 -60.25 -4.47
C TRP C 532 41.74 -59.65 -5.58
N GLY C 533 42.36 -58.51 -5.31
CA GLY C 533 43.17 -57.88 -6.33
C GLY C 533 42.37 -57.41 -7.53
N TYR C 534 43.09 -57.17 -8.62
CA TYR C 534 42.45 -56.69 -9.84
C TYR C 534 41.54 -57.73 -10.47
N SER C 535 41.65 -59.00 -10.07
CA SER C 535 40.68 -60.00 -10.52
C SER C 535 39.33 -59.77 -9.87
N SER C 536 39.30 -59.24 -8.66
CA SER C 536 38.04 -58.91 -8.00
C SER C 536 37.39 -57.67 -8.58
N ILE C 537 38.20 -56.73 -9.09
CA ILE C 537 37.70 -55.41 -9.50
C ILE C 537 37.29 -55.38 -10.98
N TYR C 538 38.08 -56.01 -11.84
CA TYR C 538 37.91 -55.85 -13.28
C TYR C 538 36.54 -56.25 -13.82
N PRO C 539 35.86 -57.28 -13.32
CA PRO C 539 34.50 -57.56 -13.83
C PRO C 539 33.53 -56.38 -13.73
N LEU C 540 33.71 -55.51 -12.74
CA LEU C 540 32.83 -54.36 -12.57
C LEU C 540 33.27 -53.17 -13.40
N VAL C 541 34.59 -53.02 -13.60
CA VAL C 541 35.11 -52.02 -14.52
C VAL C 541 34.90 -52.41 -15.98
N LYS C 542 34.54 -53.67 -16.25
CA LYS C 542 34.73 -54.28 -17.56
C LYS C 542 34.03 -53.49 -18.68
N ASN C 543 32.71 -53.36 -18.60
CA ASN C 543 31.92 -52.81 -19.69
C ASN C 543 31.37 -51.42 -19.40
N HIS C 544 31.73 -50.81 -18.25
CA HIS C 544 31.20 -49.50 -17.87
C HIS C 544 32.28 -48.44 -18.10
N PRO C 545 32.10 -47.50 -19.05
CA PRO C 545 33.22 -46.61 -19.39
C PRO C 545 33.57 -45.58 -18.33
N LYS C 546 32.69 -45.31 -17.35
CA LYS C 546 33.04 -44.36 -16.31
C LYS C 546 34.07 -44.94 -15.34
N PHE C 547 34.10 -46.26 -15.19
CA PHE C 547 35.05 -46.93 -14.31
C PHE C 547 36.38 -47.25 -14.97
N THR C 548 36.53 -46.95 -16.27
CA THR C 548 37.63 -47.51 -17.05
C THR C 548 39.00 -47.13 -16.50
N ASP C 549 39.12 -45.95 -15.89
CA ASP C 549 40.41 -45.45 -15.43
C ASP C 549 40.67 -45.73 -13.95
N LEU C 550 39.80 -46.48 -13.29
CA LEU C 550 39.96 -46.74 -11.86
C LEU C 550 41.04 -47.76 -11.57
N ILE C 551 41.59 -48.43 -12.59
CA ILE C 551 42.59 -49.49 -12.40
C ILE C 551 43.93 -48.94 -12.86
N PRO C 552 45.00 -49.03 -12.03
CA PRO C 552 46.31 -48.63 -12.53
C PRO C 552 46.67 -49.48 -13.73
CA THR D 9 13.47 41.92 -9.16
C THR D 9 13.19 41.79 -10.66
N THR D 10 12.10 41.10 -10.98
CA THR D 10 11.60 40.89 -12.34
C THR D 10 10.22 41.53 -12.46
N SER D 11 9.84 41.94 -13.67
CA SER D 11 8.65 42.76 -13.89
C SER D 11 7.73 42.14 -14.94
N ILE D 12 6.50 42.68 -14.97
CA ILE D 12 5.48 42.26 -15.94
C ILE D 12 5.96 42.45 -17.37
N THR D 13 6.83 43.43 -17.60
CA THR D 13 7.37 43.63 -18.94
C THR D 13 8.20 42.44 -19.41
N ASP D 14 8.93 41.80 -18.48
CA ASP D 14 9.72 40.63 -18.84
C ASP D 14 8.83 39.49 -19.28
N LEU D 15 7.71 39.30 -18.58
CA LEU D 15 6.77 38.23 -18.91
C LEU D 15 6.10 38.50 -20.25
N TYR D 16 5.65 39.73 -20.47
CA TYR D 16 5.03 40.08 -21.75
C TYR D 16 5.98 39.76 -22.90
N ASN D 17 7.28 39.98 -22.68
CA ASN D 17 8.29 39.67 -23.70
C ASN D 17 8.45 38.17 -23.86
N GLU D 18 8.43 37.43 -22.74
CA GLU D 18 8.55 35.98 -22.82
C GLU D 18 7.40 35.36 -23.60
N VAL D 19 6.19 35.93 -23.50
CA VAL D 19 5.07 35.41 -24.26
C VAL D 19 5.32 35.60 -25.75
N ALA D 20 5.87 36.75 -26.15
CA ALA D 20 6.04 37.03 -27.57
C ALA D 20 7.14 36.17 -28.18
N LYS D 21 8.11 35.74 -27.37
CA LYS D 21 9.11 34.81 -27.88
C LYS D 21 8.46 33.50 -28.34
N SER D 22 7.35 33.10 -27.72
CA SER D 22 6.71 31.82 -27.95
C SER D 22 5.58 31.93 -28.96
N ASP D 23 5.36 30.84 -29.69
CA ASP D 23 4.23 30.71 -30.61
C ASP D 23 3.15 29.76 -30.08
N LEU D 24 3.28 29.28 -28.84
CA LEU D 24 2.34 28.33 -28.27
C LEU D 24 0.93 28.92 -28.27
N GLY D 25 -0.01 28.16 -28.84
CA GLY D 25 -1.39 28.59 -28.92
C GLY D 25 -1.69 29.49 -30.09
N LEU D 26 -0.75 29.70 -31.00
CA LEU D 26 -0.97 30.46 -32.22
C LEU D 26 -1.19 29.45 -33.34
N VAL D 27 -2.22 29.68 -34.16
CA VAL D 27 -2.68 28.67 -35.12
C VAL D 27 -3.34 29.37 -36.29
N ASN D 31 -9.68 24.96 -36.00
CA ASN D 31 -9.74 24.86 -37.46
C ASN D 31 -10.36 26.15 -38.06
N SER D 32 -11.61 26.10 -38.52
CA SER D 32 -12.21 27.17 -39.31
C SER D 32 -13.35 27.91 -38.61
N ALA D 33 -13.61 27.63 -37.34
CA ALA D 33 -14.72 28.23 -36.59
C ALA D 33 -14.18 29.07 -35.43
N ASN D 34 -15.11 29.64 -34.65
CA ASN D 34 -14.74 30.51 -33.52
C ASN D 34 -15.86 30.49 -32.49
N PRO D 35 -15.86 29.50 -31.58
CA PRO D 35 -16.98 29.36 -30.64
C PRO D 35 -17.05 30.52 -29.67
N LEU D 36 -18.23 30.70 -29.09
CA LEU D 36 -18.42 31.71 -28.05
C LEU D 36 -17.75 31.24 -26.77
N VAL D 37 -16.87 32.09 -26.24
CA VAL D 37 -16.16 31.83 -24.99
C VAL D 37 -16.74 32.74 -23.92
N SER D 38 -17.20 32.15 -22.82
CA SER D 38 -17.69 32.90 -21.69
C SER D 38 -16.62 32.96 -20.62
N ILE D 39 -16.31 34.16 -20.13
CA ILE D 39 -15.41 34.35 -19.02
C ILE D 39 -16.24 34.79 -17.81
N ILE D 40 -16.15 34.03 -16.72
CA ILE D 40 -16.97 34.25 -15.54
C ILE D 40 -16.12 35.02 -14.54
N MET D 41 -16.61 36.19 -14.14
CA MET D 41 -15.95 37.05 -13.17
C MET D 41 -16.83 37.17 -11.95
N THR D 42 -16.25 36.93 -10.79
CA THR D 42 -16.86 37.18 -9.50
C THR D 42 -16.26 38.45 -8.94
N SER D 43 -17.01 39.13 -8.08
CA SER D 43 -16.53 40.36 -7.50
C SER D 43 -17.07 40.51 -6.09
N HIS D 44 -16.21 40.94 -5.17
CA HIS D 44 -16.65 41.26 -3.81
C HIS D 44 -15.77 42.40 -3.31
N ASN D 45 -16.32 43.61 -3.30
CA ASN D 45 -15.67 44.83 -2.84
C ASN D 45 -14.31 45.01 -3.50
N THR D 46 -14.37 45.21 -4.82
CA THR D 46 -13.19 45.35 -5.66
C THR D 46 -13.38 46.49 -6.67
N ALA D 47 -14.06 47.55 -6.24
CA ALA D 47 -14.38 48.66 -7.13
C ALA D 47 -13.13 49.35 -7.67
N GLN D 48 -12.05 49.35 -6.89
CA GLN D 48 -10.83 50.00 -7.37
C GLN D 48 -10.25 49.26 -8.56
N PHE D 49 -10.48 47.94 -8.66
CA PHE D 49 -9.78 47.08 -9.61
C PHE D 49 -10.64 46.54 -10.75
N ILE D 50 -11.97 46.59 -10.64
CA ILE D 50 -12.81 45.75 -11.50
C ILE D 50 -12.83 46.26 -12.93
N GLU D 51 -12.79 47.58 -13.15
CA GLU D 51 -12.85 48.11 -14.50
C GLU D 51 -11.61 47.71 -15.29
N ALA D 52 -10.45 47.63 -14.63
CA ALA D 52 -9.25 47.14 -15.29
C ALA D 52 -9.40 45.68 -15.67
N SER D 53 -10.02 44.88 -14.80
CA SER D 53 -10.21 43.47 -15.09
C SER D 53 -11.09 43.28 -16.32
N ILE D 54 -12.20 44.01 -16.39
CA ILE D 54 -13.10 43.91 -17.55
C ILE D 54 -12.37 44.35 -18.81
N ASN D 55 -11.69 45.51 -18.74
CA ASN D 55 -11.01 46.03 -19.92
C ASN D 55 -9.93 45.09 -20.42
N SER D 56 -9.26 44.36 -19.53
CA SER D 56 -8.25 43.43 -20.03
C SER D 56 -8.87 42.27 -20.78
N LEU D 57 -10.15 42.00 -20.54
CA LEU D 57 -10.88 40.99 -21.31
C LEU D 57 -11.50 41.58 -22.58
N LEU D 58 -12.00 42.81 -22.51
CA LEU D 58 -12.53 43.46 -23.70
C LEU D 58 -11.44 43.73 -24.73
N LEU D 59 -10.17 43.82 -24.32
CA LEU D 59 -9.05 44.00 -25.23
C LEU D 59 -8.44 42.67 -25.66
N GLN D 60 -9.18 41.56 -25.53
CA GLN D 60 -8.65 40.26 -25.94
C GLN D 60 -8.58 40.17 -27.46
N THR D 61 -7.54 39.50 -27.95
CA THR D 61 -7.47 39.17 -29.37
C THR D 61 -8.67 38.31 -29.77
N TYR D 62 -9.00 37.30 -28.95
CA TYR D 62 -10.16 36.47 -29.22
C TYR D 62 -11.42 37.28 -29.06
N LYS D 63 -12.15 37.47 -30.14
CA LYS D 63 -13.19 38.49 -30.20
C LYS D 63 -14.57 37.97 -29.85
N ASN D 64 -14.85 36.68 -30.05
CA ASN D 64 -16.18 36.16 -29.78
C ASN D 64 -16.25 35.73 -28.32
N ILE D 65 -16.48 36.73 -27.46
CA ILE D 65 -16.57 36.50 -26.03
C ILE D 65 -17.81 37.19 -25.48
N GLU D 66 -18.28 36.68 -24.34
CA GLU D 66 -19.14 37.41 -23.43
C GLU D 66 -18.51 37.35 -22.05
N ILE D 67 -18.71 38.42 -21.28
CA ILE D 67 -18.16 38.57 -19.94
C ILE D 67 -19.33 38.53 -18.96
N ILE D 68 -19.36 37.50 -18.13
CA ILE D 68 -20.39 37.32 -17.12
C ILE D 68 -19.80 37.77 -15.79
N ILE D 69 -20.38 38.79 -15.19
CA ILE D 69 -19.95 39.32 -13.90
C ILE D 69 -21.05 39.05 -12.89
N VAL D 70 -20.70 38.40 -11.79
CA VAL D 70 -21.63 38.12 -10.70
C VAL D 70 -21.03 38.74 -9.45
N ASP D 71 -21.72 39.73 -8.90
CA ASP D 71 -21.26 40.43 -7.69
C ASP D 71 -21.84 39.79 -6.45
N ASP D 72 -20.97 39.45 -5.49
CA ASP D 72 -21.37 38.73 -4.29
C ASP D 72 -21.67 39.73 -3.16
N ASP D 73 -22.77 40.48 -3.35
CA ASP D 73 -23.31 41.36 -2.32
C ASP D 73 -22.27 42.34 -1.81
N SER D 74 -21.66 43.08 -2.75
CA SER D 74 -20.67 44.09 -2.38
C SER D 74 -21.35 45.26 -1.69
N SER D 75 -20.71 45.75 -0.65
CA SER D 75 -21.19 46.93 0.07
C SER D 75 -20.61 48.21 -0.48
N ASP D 76 -19.51 48.14 -1.25
CA ASP D 76 -19.03 49.31 -1.98
C ASP D 76 -19.77 49.44 -3.31
N ASN D 77 -19.19 50.17 -4.27
CA ASN D 77 -19.86 50.50 -5.52
C ASN D 77 -19.40 49.62 -6.69
N THR D 78 -18.93 48.41 -6.41
CA THR D 78 -18.46 47.52 -7.47
C THR D 78 -19.54 47.25 -8.51
N PHE D 79 -20.77 46.96 -8.05
CA PHE D 79 -21.83 46.63 -8.99
C PHE D 79 -22.27 47.83 -9.80
N GLU D 80 -22.25 49.02 -9.21
CA GLU D 80 -22.57 50.23 -9.97
C GLU D 80 -21.60 50.41 -11.13
N ILE D 81 -20.32 50.15 -10.90
CA ILE D 81 -19.32 50.29 -11.95
C ILE D 81 -19.57 49.27 -13.05
N ALA D 82 -19.68 47.99 -12.68
CA ALA D 82 -19.88 46.95 -13.67
C ALA D 82 -21.17 47.14 -14.45
N SER D 83 -22.23 47.62 -13.78
CA SER D 83 -23.46 47.94 -14.47
C SER D 83 -23.23 49.04 -15.51
N ARG D 84 -22.48 50.07 -15.12
CA ARG D 84 -22.17 51.17 -16.04
C ARG D 84 -21.46 50.63 -17.27
N ILE D 85 -20.48 49.74 -17.07
CA ILE D 85 -19.72 49.20 -18.18
C ILE D 85 -20.59 48.27 -19.03
N ALA D 86 -21.45 47.48 -18.37
CA ALA D 86 -22.27 46.52 -19.11
C ALA D 86 -23.21 47.22 -20.09
N ASN D 87 -23.62 48.44 -19.79
CA ASN D 87 -24.47 49.21 -20.70
C ASN D 87 -23.71 49.83 -21.88
N THR D 88 -22.36 49.83 -21.86
CA THR D 88 -21.63 50.30 -23.02
C THR D 88 -21.41 49.21 -24.07
N THR D 89 -21.62 47.95 -23.72
CA THR D 89 -21.32 46.86 -24.63
C THR D 89 -22.20 45.67 -24.29
N SER D 90 -22.65 44.97 -25.33
CA SER D 90 -23.37 43.72 -25.17
C SER D 90 -22.46 42.56 -24.83
N LYS D 91 -21.14 42.75 -24.89
CA LYS D 91 -20.22 41.69 -24.50
C LYS D 91 -20.13 41.51 -22.99
N VAL D 92 -20.71 42.41 -22.18
CA VAL D 92 -20.62 42.32 -20.73
C VAL D 92 -22.05 42.25 -20.19
N ARG D 93 -22.28 41.26 -19.33
CA ARG D 93 -23.53 41.08 -18.61
C ARG D 93 -23.24 40.90 -17.12
N VAL D 94 -24.03 41.56 -16.28
CA VAL D 94 -23.75 41.68 -14.85
C VAL D 94 -24.93 41.14 -14.05
N PHE D 95 -24.62 40.55 -12.89
CA PHE D 95 -25.62 39.97 -11.98
C PHE D 95 -25.19 40.20 -10.55
N ARG D 96 -26.15 40.18 -9.63
CA ARG D 96 -25.87 40.52 -8.24
C ARG D 96 -26.55 39.52 -7.31
N LEU D 97 -25.74 38.85 -6.48
CA LEU D 97 -26.24 38.08 -5.37
C LEU D 97 -26.59 39.02 -4.22
N ASN D 98 -27.68 38.72 -3.52
CA ASN D 98 -28.17 39.57 -2.45
C ASN D 98 -27.75 39.08 -1.07
N SER D 99 -26.74 38.22 -0.99
CA SER D 99 -26.10 37.89 0.25
C SER D 99 -24.71 37.38 -0.10
N ASN D 100 -23.81 37.46 0.86
CA ASN D 100 -22.42 37.11 0.63
C ASN D 100 -22.29 35.60 0.77
N LEU D 101 -22.14 34.90 -0.36
CA LEU D 101 -22.17 33.45 -0.42
C LEU D 101 -20.86 32.82 -0.89
N GLY D 102 -19.91 33.61 -1.34
CA GLY D 102 -18.60 33.11 -1.72
C GLY D 102 -18.42 33.11 -3.23
N THR D 103 -17.15 33.13 -3.62
CA THR D 103 -16.80 33.24 -5.03
C THR D 103 -17.30 32.03 -5.83
N TYR D 104 -17.30 30.83 -5.25
CA TYR D 104 -17.71 29.66 -6.03
C TYR D 104 -19.20 29.64 -6.26
N PHE D 105 -20.02 30.08 -5.29
CA PHE D 105 -21.44 30.24 -5.55
C PHE D 105 -21.68 31.26 -6.64
N ALA D 106 -20.83 32.29 -6.72
CA ALA D 106 -20.97 33.31 -7.74
C ALA D 106 -20.51 32.81 -9.10
N LYS D 107 -19.44 32.01 -9.13
CA LYS D 107 -19.04 31.34 -10.37
C LYS D 107 -20.18 30.50 -10.92
N ASN D 108 -20.76 29.63 -10.09
CA ASN D 108 -21.83 28.77 -10.56
C ASN D 108 -23.04 29.57 -11.04
N THR D 109 -23.37 30.67 -10.36
CA THR D 109 -24.47 31.52 -10.84
C THR D 109 -24.14 32.08 -12.22
N GLY D 110 -22.91 32.50 -12.44
CA GLY D 110 -22.53 33.02 -13.73
C GLY D 110 -22.51 31.94 -14.78
N ILE D 111 -22.11 30.72 -14.41
CA ILE D 111 -22.16 29.60 -15.34
C ILE D 111 -23.58 29.40 -15.85
N LEU D 112 -24.56 29.43 -14.96
CA LEU D 112 -25.95 29.25 -15.39
C LEU D 112 -26.37 30.35 -16.35
N LYS D 113 -25.86 31.56 -16.15
CA LYS D 113 -26.21 32.68 -17.02
C LYS D 113 -25.43 32.69 -18.32
N SER D 114 -24.31 31.97 -18.38
CA SER D 114 -23.47 32.00 -19.56
C SER D 114 -24.11 31.25 -20.71
N LYS D 115 -23.63 31.54 -21.92
CA LYS D 115 -24.11 30.97 -23.16
C LYS D 115 -23.00 30.37 -24.01
N GLY D 116 -21.74 30.59 -23.68
CA GLY D 116 -20.67 30.12 -24.52
C GLY D 116 -20.47 28.63 -24.37
N ASP D 117 -19.82 28.05 -25.39
CA ASP D 117 -19.49 26.63 -25.36
C ASP D 117 -18.25 26.33 -24.54
N ILE D 118 -17.40 27.32 -24.33
CA ILE D 118 -16.15 27.19 -23.58
C ILE D 118 -16.20 28.21 -22.45
N ILE D 119 -15.68 27.83 -21.28
CA ILE D 119 -15.86 28.62 -20.06
C ILE D 119 -14.49 28.90 -19.47
N PHE D 120 -14.14 30.18 -19.37
CA PHE D 120 -12.95 30.65 -18.68
C PHE D 120 -13.38 31.47 -17.47
N PHE D 121 -12.41 31.90 -16.67
CA PHE D 121 -12.65 32.64 -15.45
C PHE D 121 -11.64 33.78 -15.34
N GLN D 122 -12.03 34.83 -14.62
CA GLN D 122 -11.07 35.89 -14.28
C GLN D 122 -11.61 36.64 -13.07
N ASP D 123 -10.85 36.65 -11.98
CA ASP D 123 -11.27 37.40 -10.81
C ASP D 123 -11.21 38.89 -11.05
N SER D 124 -12.06 39.62 -10.34
CA SER D 124 -12.23 41.04 -10.56
C SER D 124 -11.06 41.87 -10.07
N ASP D 125 -10.22 41.32 -9.19
CA ASP D 125 -9.06 42.04 -8.69
C ASP D 125 -7.83 41.88 -9.58
N ASP D 126 -7.96 41.22 -10.73
CA ASP D 126 -6.83 40.83 -11.58
C ASP D 126 -6.98 41.37 -13.00
N VAL D 127 -5.92 41.21 -13.78
CA VAL D 127 -5.92 41.47 -15.21
C VAL D 127 -5.15 40.34 -15.88
N CYS D 128 -5.21 40.31 -17.21
CA CYS D 128 -4.56 39.23 -17.95
C CYS D 128 -4.02 39.73 -19.27
N HIS D 129 -3.17 38.89 -19.85
CA HIS D 129 -2.57 39.17 -21.15
C HIS D 129 -3.64 39.17 -22.23
N HIS D 130 -3.49 40.06 -23.21
CA HIS D 130 -4.47 40.22 -24.28
C HIS D 130 -4.56 39.01 -25.21
N GLU D 131 -3.64 38.06 -25.12
CA GLU D 131 -3.63 36.85 -25.94
C GLU D 131 -4.00 35.60 -25.15
N ARG D 132 -4.45 35.74 -23.90
CA ARG D 132 -4.70 34.58 -23.05
C ARG D 132 -5.78 33.68 -23.64
N ILE D 133 -6.91 34.28 -24.01
CA ILE D 133 -8.04 33.47 -24.43
C ILE D 133 -7.76 32.83 -25.77
N GLU D 134 -7.16 33.59 -26.70
CA GLU D 134 -6.77 33.05 -27.99
C GLU D 134 -5.83 31.86 -27.84
N ARG D 135 -4.71 32.06 -27.15
CA ARG D 135 -3.72 31.01 -27.03
C ARG D 135 -4.27 29.78 -26.31
N CYS D 136 -5.05 29.98 -25.26
CA CYS D 136 -5.54 28.85 -24.49
C CYS D 136 -6.63 28.10 -25.25
N VAL D 137 -7.49 28.83 -25.95
CA VAL D 137 -8.52 28.19 -26.74
C VAL D 137 -7.89 27.31 -27.81
N ASN D 138 -6.85 27.80 -28.49
CA ASN D 138 -6.21 26.99 -29.54
C ASN D 138 -5.60 25.73 -28.95
N ILE D 139 -4.97 25.84 -27.78
CA ILE D 139 -4.44 24.64 -27.13
C ILE D 139 -5.57 23.69 -26.76
N LEU D 140 -6.71 24.25 -26.29
CA LEU D 140 -7.82 23.42 -25.87
C LEU D 140 -8.36 22.59 -27.02
N LEU D 141 -8.58 23.24 -28.16
CA LEU D 141 -9.18 22.61 -29.33
C LEU D 141 -8.17 21.90 -30.22
N ALA D 142 -6.89 21.89 -29.84
CA ALA D 142 -5.88 21.21 -30.65
C ALA D 142 -6.19 19.72 -30.75
N ASN D 143 -6.63 19.11 -29.66
CA ASN D 143 -6.93 17.68 -29.58
C ASN D 143 -8.38 17.54 -29.11
N LYS D 144 -9.24 17.02 -29.99
CA LYS D 144 -10.67 16.93 -29.71
C LYS D 144 -10.98 16.09 -28.45
N GLU D 145 -10.05 15.28 -27.99
CA GLU D 145 -10.22 14.62 -26.71
C GLU D 145 -9.84 15.49 -25.51
N THR D 146 -9.29 16.69 -25.72
CA THR D 146 -8.92 17.57 -24.61
C THR D 146 -10.16 18.23 -24.04
N ILE D 147 -10.28 18.20 -22.71
CA ILE D 147 -11.48 18.66 -22.00
C ILE D 147 -11.22 20.05 -21.44
N ALA D 148 -9.99 20.32 -21.01
CA ALA D 148 -9.69 21.57 -20.32
C ALA D 148 -8.24 21.99 -20.54
N VAL D 149 -7.99 23.30 -20.37
CA VAL D 149 -6.66 23.88 -20.55
C VAL D 149 -6.43 24.87 -19.42
N ARG D 150 -5.17 25.02 -19.03
CA ARG D 150 -4.80 26.07 -18.09
C ARG D 150 -3.42 26.61 -18.44
N CYS D 151 -3.18 27.84 -18.01
CA CYS D 151 -1.90 28.51 -18.19
C CYS D 151 -1.37 28.99 -16.85
N ALA D 152 -0.26 29.72 -16.86
CA ALA D 152 0.44 30.13 -15.64
C ALA D 152 0.08 31.56 -15.23
N TYR D 153 0.38 31.88 -13.97
CA TYR D 153 0.07 33.17 -13.38
C TYR D 153 1.27 33.71 -12.62
N SER D 154 1.26 35.02 -12.39
CA SER D 154 2.23 35.69 -11.53
C SER D 154 1.53 36.65 -10.59
N ARG D 155 2.06 36.75 -9.38
CA ARG D 155 1.58 37.73 -8.41
C ARG D 155 2.33 39.02 -8.60
N LEU D 156 1.62 40.14 -8.50
CA LEU D 156 2.18 41.46 -8.74
C LEU D 156 1.93 42.37 -7.55
N ALA D 157 2.89 43.24 -7.27
CA ALA D 157 2.65 44.38 -6.39
C ALA D 157 1.92 45.45 -7.20
N PRO D 158 0.71 45.88 -6.81
CA PRO D 158 -0.03 46.80 -7.69
C PRO D 158 0.68 48.13 -7.91
N GLU D 159 1.49 48.58 -6.96
CA GLU D 159 2.15 49.88 -7.12
C GLU D 159 3.20 49.79 -8.22
N THR D 160 4.15 48.87 -8.09
CA THR D 160 5.32 48.82 -8.98
C THR D 160 5.19 47.86 -10.16
N GLN D 161 4.20 46.96 -10.12
CA GLN D 161 4.05 45.93 -11.16
C GLN D 161 5.33 45.09 -11.31
N HIS D 162 6.01 44.84 -10.21
CA HIS D 162 7.11 43.88 -10.16
C HIS D 162 6.56 42.52 -9.74
N ILE D 163 7.28 41.46 -10.11
CA ILE D 163 6.84 40.09 -9.84
C ILE D 163 7.17 39.73 -8.40
N ILE D 164 6.16 39.29 -7.66
CA ILE D 164 6.37 38.61 -6.40
C ILE D 164 6.59 37.13 -6.73
N LYS D 165 7.80 36.65 -6.45
CA LYS D 165 8.07 35.24 -6.65
C LYS D 165 7.25 34.41 -5.67
N VAL D 166 6.67 33.32 -6.17
CA VAL D 166 5.88 32.41 -5.35
C VAL D 166 6.67 31.11 -5.28
N ASN D 167 7.14 30.77 -4.08
CA ASN D 167 8.04 29.64 -3.85
C ASN D 167 9.22 29.70 -4.83
N ASN D 168 9.75 30.92 -4.98
CA ASN D 168 10.94 31.17 -5.79
C ASN D 168 10.71 30.78 -7.25
N MET D 169 9.56 31.19 -7.78
CA MET D 169 9.23 31.05 -9.19
C MET D 169 8.56 32.31 -9.68
N ASP D 170 8.94 32.75 -10.90
CA ASP D 170 8.27 33.91 -11.47
C ASP D 170 6.81 33.59 -11.77
N TYR D 171 6.55 32.47 -12.43
CA TYR D 171 5.19 32.06 -12.76
C TYR D 171 5.04 30.56 -12.57
N ARG D 172 3.79 30.15 -12.35
CA ARG D 172 3.43 28.75 -12.14
C ARG D 172 1.99 28.52 -12.55
N LEU D 173 1.66 27.26 -12.83
CA LEU D 173 0.32 26.94 -13.30
C LEU D 173 -0.68 27.18 -12.18
N GLY D 174 -1.84 27.74 -12.55
CA GLY D 174 -2.89 28.06 -11.61
C GLY D 174 -4.20 27.35 -11.95
N PHE D 175 -5.21 27.63 -11.13
CA PHE D 175 -6.54 27.10 -11.34
C PHE D 175 -7.51 28.11 -11.89
N ILE D 176 -7.30 29.39 -11.59
CA ILE D 176 -8.17 30.43 -12.15
C ILE D 176 -7.98 30.54 -13.66
N THR D 177 -6.83 30.13 -14.18
CA THR D 177 -6.54 30.14 -15.61
C THR D 177 -7.25 29.03 -16.37
N LEU D 178 -8.02 28.18 -15.69
CA LEU D 178 -8.68 27.04 -16.33
C LEU D 178 -9.67 27.48 -17.37
N GLY D 179 -9.68 26.77 -18.49
CA GLY D 179 -10.74 26.88 -19.47
C GLY D 179 -11.19 25.48 -19.86
N MET D 180 -12.47 25.36 -20.16
CA MET D 180 -13.01 24.02 -20.35
C MET D 180 -14.29 24.10 -21.18
N HIS D 181 -14.69 22.94 -21.69
CA HIS D 181 -15.94 22.83 -22.41
C HIS D 181 -17.12 22.89 -21.44
N ARG D 182 -18.21 23.48 -21.91
CA ARG D 182 -19.39 23.64 -21.08
C ARG D 182 -19.92 22.31 -20.59
N LYS D 183 -19.69 21.24 -21.35
CA LYS D 183 -20.26 19.95 -21.00
C LYS D 183 -19.72 19.40 -19.69
N VAL D 184 -18.59 19.93 -19.20
CA VAL D 184 -18.03 19.43 -17.96
C VAL D 184 -19.02 19.61 -16.82
N PHE D 185 -19.76 20.72 -16.82
CA PHE D 185 -20.58 21.04 -15.66
C PHE D 185 -21.81 20.14 -15.59
N GLN D 186 -22.34 19.71 -16.74
CA GLN D 186 -23.45 18.79 -16.70
C GLN D 186 -23.03 17.32 -16.52
N GLU D 187 -21.74 17.00 -16.65
CA GLU D 187 -21.26 15.63 -16.50
C GLU D 187 -20.73 15.33 -15.10
N ILE D 188 -20.09 16.30 -14.44
CA ILE D 188 -19.55 16.10 -13.10
C ILE D 188 -20.04 17.13 -12.10
N GLY D 189 -20.93 18.03 -12.49
CA GLY D 189 -21.48 19.02 -11.57
C GLY D 189 -20.72 20.33 -11.56
N PHE D 190 -21.04 21.12 -10.54
CA PHE D 190 -20.61 22.50 -10.39
C PHE D 190 -19.55 22.58 -9.30
N PHE D 191 -18.98 23.79 -9.15
CA PHE D 191 -18.02 24.03 -8.09
C PHE D 191 -18.68 23.79 -6.73
N ASN D 192 -17.89 23.29 -5.78
CA ASN D 192 -18.42 23.18 -4.43
C ASN D 192 -18.50 24.56 -3.80
N CYS D 193 -19.64 24.86 -3.18
CA CYS D 193 -19.95 26.21 -2.68
C CYS D 193 -19.32 26.47 -1.32
N THR D 194 -18.00 26.42 -1.29
CA THR D 194 -17.23 26.89 -0.15
C THR D 194 -16.79 28.33 -0.41
N THR D 195 -16.01 28.87 0.51
CA THR D 195 -15.45 30.19 0.36
C THR D 195 -14.08 30.16 -0.29
N LYS D 196 -13.31 29.10 -0.06
CA LYS D 196 -12.00 28.94 -0.65
C LYS D 196 -11.72 27.46 -0.84
N GLY D 197 -10.75 27.17 -1.70
CA GLY D 197 -10.25 25.82 -1.88
C GLY D 197 -10.90 25.02 -2.99
N SER D 198 -12.08 25.40 -3.44
CA SER D 198 -12.84 24.57 -4.35
C SER D 198 -12.39 24.66 -5.80
N ASP D 199 -11.45 25.54 -6.14
CA ASP D 199 -10.87 25.48 -7.47
C ASP D 199 -9.89 24.31 -7.56
N ASP D 200 -9.16 24.04 -6.48
CA ASP D 200 -8.33 22.83 -6.42
C ASP D 200 -9.19 21.57 -6.56
N GLU D 201 -10.33 21.53 -5.88
CA GLU D 201 -11.18 20.33 -5.89
C GLU D 201 -11.75 20.08 -7.29
N PHE D 202 -12.30 21.12 -7.92
CA PHE D 202 -12.90 20.93 -9.23
C PHE D 202 -11.86 20.55 -10.27
N PHE D 203 -10.64 21.04 -10.14
CA PHE D 203 -9.57 20.63 -11.05
C PHE D 203 -9.30 19.13 -10.91
N HIS D 204 -9.12 18.67 -9.67
CA HIS D 204 -8.88 17.25 -9.46
C HIS D 204 -10.13 16.43 -9.70
N ARG D 205 -11.31 17.06 -9.68
CA ARG D 205 -12.50 16.34 -10.09
C ARG D 205 -12.49 16.10 -11.59
N ILE D 206 -12.11 17.11 -12.37
CA ILE D 206 -11.92 16.91 -13.81
C ILE D 206 -10.89 15.82 -14.06
N ALA D 207 -9.80 15.84 -13.31
CA ALA D 207 -8.73 14.87 -13.53
C ALA D 207 -9.20 13.45 -13.26
N LYS D 208 -9.98 13.24 -12.20
CA LYS D 208 -10.51 11.92 -11.91
C LYS D 208 -11.38 11.41 -13.06
N TYR D 209 -12.37 12.21 -13.45
CA TYR D 209 -13.36 11.74 -14.40
C TYR D 209 -12.77 11.60 -15.80
N TYR D 210 -12.01 12.59 -16.26
CA TYR D 210 -11.54 12.64 -17.62
C TYR D 210 -10.12 12.13 -17.78
N GLY D 211 -9.32 12.18 -16.73
CA GLY D 211 -7.92 11.79 -16.79
C GLY D 211 -7.02 12.99 -16.98
N LYS D 212 -5.99 13.10 -16.15
CA LYS D 212 -5.14 14.28 -16.12
C LYS D 212 -4.52 14.57 -17.48
N GLU D 213 -4.31 13.52 -18.29
CA GLU D 213 -3.72 13.67 -19.61
C GLU D 213 -4.58 14.55 -20.52
N LYS D 214 -5.88 14.66 -20.24
CA LYS D 214 -6.80 15.49 -21.03
C LYS D 214 -6.89 16.93 -20.53
N ILE D 215 -6.06 17.32 -19.57
CA ILE D 215 -5.93 18.71 -19.12
C ILE D 215 -4.58 19.20 -19.64
N LYS D 216 -4.60 20.06 -20.65
CA LYS D 216 -3.37 20.58 -21.22
C LYS D 216 -2.86 21.79 -20.44
N ASN D 217 -1.56 21.81 -20.18
CA ASN D 217 -0.90 22.91 -19.49
C ASN D 217 -0.16 23.76 -20.50
N LEU D 218 -0.50 25.04 -20.57
CA LEU D 218 0.17 26.01 -21.43
C LEU D 218 1.07 26.86 -20.55
N LEU D 219 2.34 26.50 -20.48
CA LEU D 219 3.23 27.13 -19.50
C LEU D 219 3.71 28.49 -20.04
N LEU D 220 2.81 29.48 -19.95
CA LEU D 220 3.11 30.86 -20.31
C LEU D 220 2.47 31.80 -19.29
N PRO D 221 3.17 32.90 -18.87
CA PRO D 221 2.56 33.81 -17.89
C PRO D 221 1.57 34.77 -18.52
N LEU D 222 0.30 34.39 -18.55
CA LEU D 222 -0.75 35.15 -19.21
C LEU D 222 -1.79 35.72 -18.25
N TYR D 223 -1.69 35.41 -16.96
CA TYR D 223 -2.62 35.89 -15.95
C TYR D 223 -1.83 36.55 -14.85
N TYR D 224 -2.31 37.69 -14.35
CA TYR D 224 -1.55 38.53 -13.44
C TYR D 224 -2.39 38.79 -12.20
N ASN D 225 -2.04 38.12 -11.11
CA ASN D 225 -2.81 38.18 -9.88
C ASN D 225 -2.39 39.40 -9.07
N THR D 226 -3.33 40.29 -8.79
CA THR D 226 -3.04 41.41 -7.91
C THR D 226 -2.85 40.90 -6.50
N MET D 227 -1.84 41.45 -5.83
CA MET D 227 -1.52 41.11 -4.46
C MET D 227 -2.14 42.18 -3.55
N ARG D 228 -3.10 41.78 -2.73
CA ARG D 228 -3.75 42.71 -1.82
C ARG D 228 -4.00 42.03 -0.49
N GLU D 229 -3.83 42.78 0.59
CA GLU D 229 -3.80 42.20 1.92
C GLU D 229 -5.19 41.72 2.29
N ASN D 230 -5.23 40.72 3.16
CA ASN D 230 -6.47 40.10 3.62
C ASN D 230 -7.28 39.48 2.48
N SER D 231 -6.64 39.13 1.36
CA SER D 231 -7.38 38.45 0.29
C SER D 231 -7.52 36.98 0.65
N LEU D 232 -8.13 36.19 -0.25
CA LEU D 232 -8.48 34.82 0.10
C LEU D 232 -7.25 33.94 0.31
N PHE D 233 -6.18 34.17 -0.44
CA PHE D 233 -4.99 33.33 -0.39
C PHE D 233 -3.97 33.81 0.64
N THR D 234 -4.20 34.95 1.31
CA THR D 234 -3.32 35.36 2.42
C THR D 234 -3.33 34.33 3.55
N ASP D 235 -4.37 33.50 3.62
CA ASP D 235 -4.39 32.31 4.49
C ASP D 235 -3.14 31.44 4.34
N MET D 236 -2.49 31.45 3.17
CA MET D 236 -1.39 30.55 2.84
C MET D 236 -0.03 31.25 2.70
N VAL D 237 0.08 32.53 3.05
CA VAL D 237 1.23 33.36 2.67
C VAL D 237 2.24 33.41 3.81
N GLU D 238 3.54 33.46 3.46
CA GLU D 238 4.61 33.81 4.38
C GLU D 238 5.54 34.76 3.67
N TRP D 239 5.64 35.99 4.18
CA TRP D 239 6.49 37.00 3.55
C TRP D 239 7.95 36.77 3.91
N ILE D 240 8.81 36.84 2.89
CA ILE D 240 10.25 36.86 3.08
C ILE D 240 10.72 38.31 2.92
N ASP D 241 10.69 38.80 1.69
CA ASP D 241 11.12 40.16 1.36
C ASP D 241 10.00 40.79 0.52
N ASN D 242 10.31 41.88 -0.16
CA ASN D 242 9.32 42.52 -1.03
C ASN D 242 9.20 41.87 -2.40
N HIS D 243 9.90 40.74 -2.64
CA HIS D 243 9.88 40.09 -3.94
C HIS D 243 9.70 38.58 -3.84
N ASN D 244 9.47 38.05 -2.63
CA ASN D 244 9.33 36.61 -2.44
C ASN D 244 8.32 36.32 -1.35
N ILE D 245 7.57 35.22 -1.52
CA ILE D 245 6.72 34.66 -0.48
C ILE D 245 6.80 33.14 -0.56
N ILE D 246 6.34 32.50 0.51
CA ILE D 246 6.22 31.05 0.56
C ILE D 246 4.74 30.73 0.67
N GLN D 247 4.26 29.88 -0.24
CA GLN D 247 2.90 29.40 -0.26
C GLN D 247 2.84 28.01 0.36
N LYS D 248 2.09 27.89 1.46
CA LYS D 248 1.92 26.63 2.19
C LYS D 248 0.50 26.60 2.74
N MET D 249 -0.19 25.49 2.51
CA MET D 249 -1.60 25.37 2.90
C MET D 249 -1.78 25.53 4.41
N SER D 250 -2.89 26.15 4.81
CA SER D 250 -3.21 26.23 6.22
C SER D 250 -3.79 24.90 6.70
N ASP D 251 -4.07 24.81 8.00
CA ASP D 251 -4.63 23.57 8.53
C ASP D 251 -6.04 23.34 8.01
N THR D 252 -6.92 24.36 8.10
CA THR D 252 -8.29 24.16 7.64
C THR D 252 -8.33 23.92 6.14
N ARG D 253 -7.37 24.48 5.40
CA ARG D 253 -7.28 24.20 3.97
C ARG D 253 -6.79 22.79 3.69
N GLN D 254 -5.90 22.28 4.54
CA GLN D 254 -5.34 20.94 4.32
C GLN D 254 -6.36 19.87 4.66
N HIS D 255 -7.17 20.10 5.70
CA HIS D 255 -8.21 19.13 6.02
C HIS D 255 -9.21 19.00 4.88
N TYR D 256 -9.46 20.10 4.16
CA TYR D 256 -10.35 20.06 3.00
C TYR D 256 -9.69 19.36 1.83
N ALA D 257 -8.38 19.56 1.64
CA ALA D 257 -7.67 18.87 0.58
C ALA D 257 -7.70 17.37 0.81
N THR D 258 -7.37 16.95 2.03
CA THR D 258 -7.46 15.53 2.35
C THR D 258 -8.88 15.02 2.19
N LEU D 259 -9.87 15.86 2.48
CA LEU D 259 -11.26 15.41 2.46
C LEU D 259 -11.73 15.11 1.04
N PHE D 260 -11.52 16.04 0.10
CA PHE D 260 -12.06 15.78 -1.23
C PHE D 260 -11.21 14.78 -1.99
N GLN D 261 -9.93 14.65 -1.64
CA GLN D 261 -9.12 13.58 -2.22
C GLN D 261 -9.74 12.22 -1.94
N ALA D 262 -10.02 11.95 -0.66
CA ALA D 262 -10.73 10.72 -0.32
C ALA D 262 -12.06 10.64 -1.02
N MET D 263 -12.77 11.77 -1.11
CA MET D 263 -14.08 11.79 -1.75
C MET D 263 -13.98 11.44 -3.22
N HIS D 264 -12.92 11.90 -3.89
CA HIS D 264 -12.76 11.57 -5.31
C HIS D 264 -12.56 10.08 -5.50
N ASN D 265 -11.85 9.44 -4.56
CA ASN D 265 -11.56 8.01 -4.68
C ASN D 265 -12.79 7.16 -4.36
N GLU D 266 -13.58 7.59 -3.38
CA GLU D 266 -14.66 6.78 -2.84
C GLU D 266 -16.01 7.09 -3.47
N THR D 267 -16.13 8.13 -4.28
CA THR D 267 -17.41 8.55 -4.86
C THR D 267 -17.53 8.02 -6.29
N ALA D 268 -18.63 7.33 -6.56
CA ALA D 268 -18.92 6.87 -7.91
C ALA D 268 -19.02 8.07 -8.85
N SER D 269 -18.34 7.98 -10.00
CA SER D 269 -18.22 9.15 -10.86
C SER D 269 -19.54 9.57 -11.48
N HIS D 270 -20.52 8.66 -11.55
CA HIS D 270 -21.84 9.02 -12.02
C HIS D 270 -22.58 9.92 -11.03
N ASP D 271 -22.15 9.94 -9.76
CA ASP D 271 -22.82 10.70 -8.71
C ASP D 271 -22.26 12.12 -8.50
N PHE D 272 -21.06 12.43 -9.01
CA PHE D 272 -20.56 13.81 -8.93
C PHE D 272 -21.60 14.79 -9.43
N LYS D 273 -22.23 14.45 -10.55
CA LYS D 273 -23.33 15.23 -11.11
C LYS D 273 -24.38 15.58 -10.06
N ASN D 274 -24.74 14.62 -9.20
N ASN D 274 -24.72 14.61 -9.20
CA ASN D 274 -25.79 14.82 -8.21
CA ASN D 274 -25.76 14.68 -8.19
C ASN D 274 -25.26 15.27 -6.86
C ASN D 274 -25.26 15.24 -6.86
N LEU D 275 -24.03 14.90 -6.49
CA LEU D 275 -23.48 15.38 -5.22
C LEU D 275 -23.30 16.89 -5.24
N PHE D 276 -22.79 17.43 -6.35
CA PHE D 276 -22.47 18.85 -6.53
C PHE D 276 -23.46 19.51 -7.46
N GLN D 277 -24.75 19.44 -7.15
CA GLN D 277 -25.71 20.21 -7.93
C GLN D 277 -25.66 21.67 -7.52
N PHE D 278 -26.30 22.50 -8.33
CA PHE D 278 -26.39 23.92 -8.07
C PHE D 278 -27.72 24.46 -8.59
N PRO D 279 -28.41 25.34 -7.85
CA PRO D 279 -28.15 25.89 -6.51
C PRO D 279 -28.24 24.87 -5.40
N ARG D 280 -27.97 25.31 -4.19
CA ARG D 280 -27.95 24.44 -3.03
C ARG D 280 -28.00 25.32 -1.79
N ILE D 281 -28.38 24.71 -0.66
CA ILE D 281 -28.48 25.41 0.62
C ILE D 281 -27.73 24.66 1.72
N TYR D 282 -27.31 23.43 1.45
CA TYR D 282 -26.52 22.63 2.38
C TYR D 282 -25.16 22.32 1.77
N ASP D 283 -24.14 22.22 2.63
CA ASP D 283 -22.81 21.86 2.16
C ASP D 283 -22.81 20.48 1.51
N ALA D 284 -22.16 20.37 0.35
CA ALA D 284 -21.97 19.06 -0.26
C ALA D 284 -21.01 18.21 0.56
N LEU D 285 -19.97 18.83 1.11
CA LEU D 285 -18.96 18.17 1.94
C LEU D 285 -18.91 18.82 3.31
N PRO D 286 -18.65 18.06 4.39
CA PRO D 286 -18.59 18.69 5.72
C PRO D 286 -17.40 19.61 5.84
N VAL D 287 -17.67 20.88 6.17
CA VAL D 287 -16.63 21.90 6.27
C VAL D 287 -16.89 22.77 7.49
N PRO D 288 -15.83 23.32 8.09
CA PRO D 288 -16.04 24.27 9.20
C PRO D 288 -16.80 25.51 8.74
N GLN D 289 -17.28 26.25 9.73
CA GLN D 289 -18.02 27.48 9.44
C GLN D 289 -17.13 28.50 8.73
N GLU D 290 -15.82 28.43 8.95
CA GLU D 290 -14.88 29.30 8.23
C GLU D 290 -14.95 29.07 6.72
N MET D 291 -15.34 27.88 6.30
CA MET D 291 -15.23 27.44 4.92
C MET D 291 -16.53 27.53 4.13
N SER D 292 -17.64 27.94 4.75
CA SER D 292 -18.91 27.97 4.04
C SER D 292 -19.71 29.17 4.49
N LYS D 293 -20.30 29.85 3.51
CA LYS D 293 -21.28 30.90 3.74
C LYS D 293 -22.68 30.44 3.37
N LEU D 294 -22.90 29.15 3.24
CA LEU D 294 -24.24 28.69 2.90
C LEU D 294 -25.14 28.81 4.12
N SER D 295 -26.43 28.98 3.85
CA SER D 295 -27.39 29.16 4.93
C SER D 295 -27.36 28.01 5.93
N ASN D 296 -27.15 26.79 5.43
CA ASN D 296 -27.10 25.55 6.21
C ASN D 296 -28.19 25.49 7.29
N PRO D 297 -29.47 25.57 6.91
CA PRO D 297 -30.53 25.58 7.91
C PRO D 297 -30.51 24.33 8.77
N LYS D 298 -30.54 24.53 10.09
CA LYS D 298 -30.62 23.43 11.04
C LYS D 298 -32.05 22.93 11.25
N ILE D 299 -33.00 23.42 10.45
CA ILE D 299 -34.36 22.86 10.38
C ILE D 299 -34.72 22.72 8.91
N PRO D 300 -35.74 21.93 8.59
CA PRO D 300 -36.08 21.74 7.17
C PRO D 300 -36.60 23.01 6.52
N VAL D 301 -36.58 23.02 5.20
CA VAL D 301 -37.02 24.16 4.39
C VAL D 301 -38.18 23.67 3.54
N TYR D 302 -39.35 24.27 3.71
CA TYR D 302 -40.55 23.90 2.97
C TYR D 302 -40.91 25.05 2.05
N ILE D 303 -40.96 24.76 0.75
CA ILE D 303 -41.42 25.71 -0.27
C ILE D 303 -42.85 25.36 -0.62
N ASN D 304 -43.73 26.36 -0.54
CA ASN D 304 -45.15 26.21 -0.77
C ASN D 304 -45.54 27.09 -1.93
N ILE D 305 -46.24 26.54 -2.90
CA ILE D 305 -46.59 27.29 -4.10
C ILE D 305 -47.95 26.83 -4.57
N CYS D 306 -48.75 27.78 -5.04
CA CYS D 306 -49.99 27.53 -5.74
C CYS D 306 -49.77 27.86 -7.22
N SER D 307 -50.53 27.20 -8.09
CA SER D 307 -50.35 27.39 -9.52
C SER D 307 -51.69 27.22 -10.24
N ILE D 308 -51.74 27.79 -11.44
CA ILE D 308 -52.89 27.69 -12.33
C ILE D 308 -52.35 27.18 -13.67
N PRO D 309 -53.18 26.48 -14.47
CA PRO D 309 -52.63 25.87 -15.71
C PRO D 309 -52.21 26.88 -16.74
N SER D 310 -52.70 28.13 -16.63
CA SER D 310 -52.25 29.19 -17.53
C SER D 310 -50.76 29.47 -17.38
N ARG D 311 -50.14 29.02 -16.28
CA ARG D 311 -48.76 29.36 -15.96
C ARG D 311 -47.94 28.09 -15.73
N ILE D 312 -48.21 27.04 -16.52
CA ILE D 312 -47.43 25.81 -16.35
C ILE D 312 -46.01 26.01 -16.87
N ALA D 313 -45.84 26.83 -17.92
CA ALA D 313 -44.50 27.13 -18.40
C ALA D 313 -43.68 27.84 -17.34
N GLN D 314 -44.31 28.67 -16.51
CA GLN D 314 -43.61 29.34 -15.43
C GLN D 314 -43.32 28.39 -14.28
N LEU D 315 -44.28 27.52 -13.93
CA LEU D 315 -44.07 26.60 -12.82
C LEU D 315 -42.95 25.62 -13.13
N ARG D 316 -42.77 25.28 -14.41
CA ARG D 316 -41.68 24.40 -14.82
C ARG D 316 -40.32 25.00 -14.50
N ARG D 317 -40.09 26.24 -14.95
CA ARG D 317 -38.83 26.92 -14.67
C ARG D 317 -38.63 27.14 -13.17
N ILE D 318 -39.71 27.40 -12.44
CA ILE D 318 -39.58 27.73 -11.03
C ILE D 318 -39.23 26.51 -10.21
N ILE D 319 -39.81 25.34 -10.54
CA ILE D 319 -39.43 24.14 -9.80
C ILE D 319 -38.01 23.73 -10.15
N GLY D 320 -37.57 24.00 -11.38
CA GLY D 320 -36.22 23.64 -11.74
C GLY D 320 -35.19 24.38 -10.91
N ILE D 321 -35.38 25.69 -10.73
CA ILE D 321 -34.42 26.48 -9.95
C ILE D 321 -34.50 26.13 -8.46
N LEU D 322 -35.70 25.96 -7.91
CA LEU D 322 -35.87 25.82 -6.45
C LEU D 322 -35.79 24.39 -5.94
N LYS D 323 -35.67 23.37 -6.80
CA LYS D 323 -35.82 22.00 -6.31
C LYS D 323 -34.71 21.62 -5.33
N ASN D 324 -33.49 22.08 -5.57
CA ASN D 324 -32.39 21.86 -4.63
C ASN D 324 -32.26 22.98 -3.60
N GLN D 325 -33.12 24.00 -3.66
CA GLN D 325 -33.13 25.03 -2.64
C GLN D 325 -34.09 24.73 -1.49
N CYS D 326 -34.54 23.48 -1.36
CA CYS D 326 -35.45 23.14 -0.27
C CYS D 326 -35.43 21.65 -0.05
N ASP D 327 -36.00 21.25 1.08
CA ASP D 327 -36.15 19.85 1.44
C ASP D 327 -37.48 19.27 1.00
N HIS D 328 -38.50 20.10 0.81
CA HIS D 328 -39.82 19.59 0.50
C HIS D 328 -40.67 20.67 -0.13
N PHE D 329 -41.53 20.25 -1.06
CA PHE D 329 -42.50 21.14 -1.70
C PHE D 329 -43.90 20.79 -1.20
N HIS D 330 -44.76 21.80 -1.21
CA HIS D 330 -46.19 21.60 -1.09
C HIS D 330 -46.82 22.39 -2.23
N ILE D 331 -47.36 21.67 -3.20
CA ILE D 331 -47.82 22.25 -4.45
C ILE D 331 -49.33 22.17 -4.43
N TYR D 332 -49.98 23.29 -4.75
CA TYR D 332 -51.44 23.39 -4.77
C TYR D 332 -51.82 23.69 -6.22
N LEU D 333 -52.19 22.65 -6.97
CA LEU D 333 -52.62 22.83 -8.35
C LEU D 333 -54.11 23.12 -8.34
N ASP D 334 -54.48 24.32 -8.78
CA ASP D 334 -55.87 24.80 -8.74
C ASP D 334 -56.38 24.84 -10.17
N GLY D 335 -57.03 23.76 -10.60
CA GLY D 335 -57.62 23.70 -11.92
C GLY D 335 -56.76 23.06 -12.98
N TYR D 336 -55.71 22.33 -12.61
CA TYR D 336 -54.97 21.56 -13.59
C TYR D 336 -55.81 20.38 -14.05
N VAL D 337 -55.66 20.01 -15.31
CA VAL D 337 -56.36 18.83 -15.81
C VAL D 337 -55.80 17.59 -15.15
N GLU D 338 -54.48 17.44 -15.17
CA GLU D 338 -53.80 16.37 -14.43
C GLU D 338 -52.46 16.90 -13.92
N ILE D 339 -51.86 16.13 -13.02
CA ILE D 339 -50.56 16.53 -12.44
C ILE D 339 -49.51 16.53 -13.54
N PRO D 340 -48.75 17.62 -13.74
CA PRO D 340 -47.71 17.61 -14.78
C PRO D 340 -46.67 16.52 -14.57
N ASP D 341 -46.00 16.17 -15.68
CA ASP D 341 -44.95 15.17 -15.66
C ASP D 341 -43.87 15.54 -14.64
N PHE D 342 -43.42 16.79 -14.68
CA PHE D 342 -42.28 17.19 -13.87
C PHE D 342 -42.58 17.32 -12.38
N ILE D 343 -43.85 17.41 -11.98
CA ILE D 343 -44.17 17.46 -10.56
C ILE D 343 -44.20 16.06 -9.96
N LYS D 344 -44.82 15.11 -10.66
CA LYS D 344 -44.80 13.74 -10.16
C LYS D 344 -43.38 13.17 -10.22
N ASN D 345 -42.50 13.74 -11.04
CA ASN D 345 -41.09 13.36 -11.01
C ASN D 345 -40.48 13.58 -9.62
N LEU D 346 -40.92 14.63 -8.91
CA LEU D 346 -40.37 14.91 -7.59
C LEU D 346 -40.66 13.79 -6.62
N GLY D 347 -41.78 13.10 -6.78
CA GLY D 347 -42.09 11.98 -5.91
C GLY D 347 -42.35 12.48 -4.51
N ASN D 348 -41.70 11.86 -3.53
CA ASN D 348 -41.97 12.19 -2.15
C ASN D 348 -41.46 13.58 -1.75
N LYS D 349 -40.64 14.23 -2.59
CA LYS D 349 -40.22 15.59 -2.26
C LYS D 349 -41.35 16.60 -2.38
N ALA D 350 -42.44 16.26 -3.07
CA ALA D 350 -43.57 17.15 -3.25
C ALA D 350 -44.83 16.53 -2.65
N THR D 351 -45.59 17.33 -1.92
CA THR D 351 -46.93 17.00 -1.45
C THR D 351 -47.90 17.79 -2.31
N VAL D 352 -48.46 17.16 -3.32
CA VAL D 352 -49.34 17.82 -4.26
C VAL D 352 -50.77 17.77 -3.73
N VAL D 353 -51.50 18.86 -3.93
CA VAL D 353 -52.93 18.94 -3.61
C VAL D 353 -53.62 19.44 -4.87
N HIS D 354 -54.34 18.56 -5.55
CA HIS D 354 -55.02 18.87 -6.80
C HIS D 354 -56.46 19.25 -6.50
N CYS D 355 -56.95 20.30 -7.17
CA CYS D 355 -58.32 20.80 -7.00
C CYS D 355 -58.95 21.04 -8.36
N LYS D 356 -59.85 20.11 -8.76
CA LYS D 356 -60.51 20.15 -10.06
C LYS D 356 -61.84 20.90 -10.03
N ASP D 357 -62.51 20.93 -8.88
CA ASP D 357 -63.79 21.60 -8.74
C ASP D 357 -63.53 23.06 -8.36
N LYS D 358 -63.95 23.98 -9.23
CA LYS D 358 -63.72 25.41 -9.00
C LYS D 358 -64.41 25.91 -7.74
N ASP D 359 -65.47 25.23 -7.29
CA ASP D 359 -66.18 25.63 -6.07
C ASP D 359 -65.43 25.24 -4.80
N ASN D 360 -64.55 24.23 -4.87
CA ASN D 360 -63.76 23.78 -3.73
C ASN D 360 -62.38 24.46 -3.67
N SER D 361 -62.23 25.66 -4.22
CA SER D 361 -60.92 26.28 -4.39
C SER D 361 -60.75 27.44 -3.41
N ILE D 362 -59.65 27.39 -2.66
CA ILE D 362 -59.25 28.47 -1.78
C ILE D 362 -58.19 29.37 -2.42
N ARG D 363 -57.71 29.04 -3.62
CA ARG D 363 -56.82 29.87 -4.42
C ARG D 363 -55.53 30.13 -3.62
N ASP D 364 -55.05 31.38 -3.52
CA ASP D 364 -53.74 31.65 -2.96
C ASP D 364 -53.63 31.24 -1.49
N ASN D 365 -54.75 30.95 -0.83
CA ASN D 365 -54.70 30.39 0.51
C ASN D 365 -54.07 29.00 0.55
N GLY D 366 -53.84 28.36 -0.61
CA GLY D 366 -53.18 27.07 -0.64
C GLY D 366 -51.73 27.09 -0.22
N LYS D 367 -51.12 28.28 -0.18
CA LYS D 367 -49.76 28.42 0.32
C LYS D 367 -49.64 28.04 1.79
N PHE D 368 -50.74 28.12 2.54
CA PHE D 368 -50.74 27.94 3.99
C PHE D 368 -51.47 26.66 4.42
N ILE D 369 -51.71 25.74 3.47
CA ILE D 369 -52.24 24.42 3.83
C ILE D 369 -51.26 23.71 4.77
N LEU D 370 -49.98 23.72 4.40
CA LEU D 370 -48.98 22.98 5.17
C LEU D 370 -48.64 23.66 6.48
N LEU D 371 -48.96 24.94 6.66
CA LEU D 371 -48.63 25.58 7.93
C LEU D 371 -49.46 25.00 9.05
N GLU D 372 -50.75 24.71 8.80
CA GLU D 372 -51.57 24.08 9.83
C GLU D 372 -51.04 22.70 10.17
N GLU D 373 -50.69 21.92 9.16
CA GLU D 373 -50.24 20.56 9.40
C GLU D 373 -48.94 20.52 10.23
N LEU D 374 -48.05 21.48 9.99
CA LEU D 374 -46.77 21.48 10.69
C LEU D 374 -46.92 21.87 12.15
N ILE D 375 -47.89 22.72 12.46
CA ILE D 375 -48.05 23.18 13.84
C ILE D 375 -48.62 22.07 14.70
N GLU D 376 -49.66 21.39 14.20
CA GLU D 376 -50.31 20.33 14.96
C GLU D 376 -49.32 19.23 15.32
N LYS D 377 -48.40 18.91 14.41
CA LYS D 377 -47.37 17.93 14.67
C LYS D 377 -46.18 18.48 15.44
N ASN D 378 -46.16 19.78 15.73
CA ASN D 378 -45.04 20.42 16.42
C ASN D 378 -43.71 20.22 15.68
N GLN D 379 -43.78 20.21 14.33
CA GLN D 379 -42.60 20.17 13.47
C GLN D 379 -42.23 21.58 13.05
N ASP D 380 -40.97 21.95 13.25
CA ASP D 380 -40.50 23.27 12.84
C ASP D 380 -39.96 23.22 11.41
N GLY D 381 -39.62 24.39 10.91
CA GLY D 381 -39.00 24.49 9.61
C GLY D 381 -38.99 25.92 9.14
N TYR D 382 -38.23 26.17 8.08
CA TYR D 382 -38.28 27.44 7.37
C TYR D 382 -39.37 27.34 6.31
N TYR D 383 -40.43 28.11 6.50
CA TYR D 383 -41.61 28.07 5.65
C TYR D 383 -41.48 29.16 4.60
N ILE D 384 -41.42 28.75 3.33
CA ILE D 384 -41.27 29.65 2.21
C ILE D 384 -42.53 29.54 1.37
N THR D 385 -43.04 30.67 0.90
CA THR D 385 -44.21 30.68 0.02
C THR D 385 -43.88 31.45 -1.24
N CYS D 386 -44.34 30.92 -2.38
CA CYS D 386 -43.97 31.43 -3.69
C CYS D 386 -45.18 31.46 -4.62
N ASP D 387 -45.12 32.37 -5.57
CA ASP D 387 -46.08 32.42 -6.67
C ASP D 387 -45.49 31.74 -7.90
N ASP D 388 -46.33 31.58 -8.92
CA ASP D 388 -45.94 30.92 -10.16
C ASP D 388 -45.80 31.91 -11.33
N ASP D 389 -45.59 33.19 -11.05
CA ASP D 389 -45.31 34.21 -12.06
C ASP D 389 -44.08 35.04 -11.70
N ILE D 390 -43.13 34.45 -10.98
CA ILE D 390 -41.97 35.15 -10.46
C ILE D 390 -40.72 34.34 -10.79
N ILE D 391 -39.66 35.03 -11.20
CA ILE D 391 -38.39 34.42 -11.53
C ILE D 391 -37.49 34.57 -10.31
N TYR D 392 -37.27 33.47 -9.60
CA TYR D 392 -36.47 33.49 -8.39
C TYR D 392 -34.99 33.23 -8.72
N PRO D 393 -34.05 33.99 -8.17
CA PRO D 393 -32.64 33.75 -8.49
C PRO D 393 -32.10 32.53 -7.74
N SER D 394 -30.88 32.14 -8.11
CA SER D 394 -30.27 30.95 -7.56
C SER D 394 -29.83 31.10 -6.10
N ASP D 395 -29.70 32.33 -5.61
CA ASP D 395 -29.32 32.59 -4.23
C ASP D 395 -30.54 32.91 -3.36
N TYR D 396 -31.74 32.63 -3.85
CA TYR D 396 -32.95 33.09 -3.17
C TYR D 396 -33.07 32.52 -1.77
N ILE D 397 -33.16 31.20 -1.65
CA ILE D 397 -33.43 30.64 -0.33
C ILE D 397 -32.26 30.87 0.61
N ASN D 398 -31.03 30.90 0.10
CA ASN D 398 -29.92 31.19 0.99
C ASN D 398 -30.02 32.61 1.52
N THR D 399 -30.47 33.53 0.68
CA THR D 399 -30.56 34.92 1.10
C THR D 399 -31.68 35.10 2.12
N MET D 400 -32.81 34.44 1.91
CA MET D 400 -33.95 34.59 2.82
C MET D 400 -33.66 33.97 4.19
N ILE D 401 -33.10 32.77 4.21
CA ILE D 401 -32.80 32.15 5.49
C ILE D 401 -31.70 32.94 6.20
N LYS D 402 -30.76 33.50 5.43
CA LYS D 402 -29.69 34.29 6.02
C LYS D 402 -30.19 35.60 6.60
N LYS D 403 -31.21 36.21 5.98
CA LYS D 403 -31.81 37.41 6.56
C LYS D 403 -32.64 37.07 7.80
N LEU D 404 -33.38 35.95 7.77
CA LEU D 404 -34.10 35.53 8.96
C LEU D 404 -33.15 35.32 10.13
N ASN D 405 -31.96 34.78 9.85
CA ASN D 405 -31.01 34.56 10.93
C ASN D 405 -30.50 35.86 11.52
N GLU D 406 -30.45 36.94 10.72
CA GLU D 406 -29.97 38.22 11.23
C GLU D 406 -30.86 38.72 12.35
N TYR D 407 -32.17 38.55 12.20
CA TYR D 407 -33.14 38.88 13.24
C TYR D 407 -33.49 37.67 14.11
N ASP D 408 -32.60 36.68 14.18
CA ASP D 408 -32.73 35.53 15.08
C ASP D 408 -34.05 34.80 14.89
N ASP D 409 -34.54 34.76 13.65
CA ASP D 409 -35.75 34.04 13.27
C ASP D 409 -36.98 34.53 14.01
N LYS D 410 -36.93 35.76 14.52
CA LYS D 410 -38.04 36.32 15.30
C LYS D 410 -39.04 37.10 14.44
N ALA D 411 -38.71 37.36 13.18
CA ALA D 411 -39.54 38.15 12.28
C ALA D 411 -39.92 37.36 11.04
N VAL D 412 -40.83 37.94 10.26
CA VAL D 412 -41.18 37.49 8.93
C VAL D 412 -40.55 38.46 7.94
N ILE D 413 -39.89 37.93 6.92
CA ILE D 413 -39.27 38.76 5.90
C ILE D 413 -40.00 38.55 4.57
N GLY D 414 -39.92 39.56 3.73
CA GLY D 414 -40.47 39.46 2.40
C GLY D 414 -39.84 40.49 1.50
N LEU D 415 -40.38 40.58 0.29
CA LEU D 415 -39.88 41.51 -0.73
C LEU D 415 -40.95 42.44 -1.27
N HIS D 416 -42.16 41.94 -1.53
CA HIS D 416 -43.26 42.80 -1.95
C HIS D 416 -43.93 43.35 -0.70
N GLY D 417 -43.59 44.58 -0.34
CA GLY D 417 -44.05 45.20 0.90
C GLY D 417 -45.03 46.34 0.63
N ILE D 418 -46.04 46.45 1.47
CA ILE D 418 -47.04 47.51 1.39
C ILE D 418 -47.10 48.18 2.75
N LEU D 419 -47.03 49.50 2.76
CA LEU D 419 -47.13 50.29 3.98
C LEU D 419 -48.33 51.22 3.88
N PHE D 420 -49.18 51.17 4.91
CA PHE D 420 -50.39 51.99 4.99
C PHE D 420 -50.14 53.22 5.85
N PRO D 421 -50.90 54.31 5.67
CA PRO D 421 -50.85 55.39 6.66
C PRO D 421 -51.57 54.97 7.93
N SER D 422 -51.08 55.46 9.07
CA SER D 422 -51.61 55.00 10.34
C SER D 422 -53.06 55.42 10.53
N ARG D 423 -53.37 56.69 10.28
CA ARG D 423 -54.75 57.13 10.41
C ARG D 423 -55.56 56.57 9.25
N MET D 424 -56.80 56.16 9.55
CA MET D 424 -57.65 55.51 8.56
C MET D 424 -58.77 56.40 8.06
CA ALA D 430 -55.60 55.35 -0.26
C ALA D 430 -54.19 55.65 -0.73
N ASP D 431 -53.51 56.56 -0.03
CA ASP D 431 -52.12 56.94 -0.35
C ASP D 431 -51.14 55.99 0.33
N ARG D 432 -51.15 54.73 -0.14
CA ARG D 432 -50.23 53.71 0.38
C ARG D 432 -48.94 53.69 -0.43
N LEU D 433 -47.82 53.44 0.27
CA LEU D 433 -46.52 53.27 -0.35
C LEU D 433 -46.24 51.78 -0.54
N VAL D 434 -45.86 51.40 -1.76
CA VAL D 434 -45.68 50.01 -2.17
C VAL D 434 -44.23 49.79 -2.57
N TYR D 435 -43.52 48.97 -1.80
CA TYR D 435 -42.20 48.50 -2.18
C TYR D 435 -42.33 47.25 -3.05
N SER D 436 -42.36 47.44 -4.36
CA SER D 436 -42.50 46.33 -5.28
C SER D 436 -41.26 45.43 -5.27
N PHE D 437 -41.49 44.12 -5.48
CA PHE D 437 -40.42 43.14 -5.30
C PHE D 437 -39.31 43.26 -6.34
N TYR D 438 -39.64 43.69 -7.56
CA TYR D 438 -38.65 43.84 -8.62
C TYR D 438 -37.92 45.19 -8.56
N LYS D 439 -38.38 46.12 -7.75
CA LYS D 439 -37.69 47.39 -7.57
C LYS D 439 -36.67 47.27 -6.45
N PRO D 440 -35.70 48.17 -6.37
CA PRO D 440 -34.70 48.07 -5.31
C PRO D 440 -35.19 48.65 -3.99
N LEU D 441 -34.53 48.22 -2.93
CA LEU D 441 -34.73 48.79 -1.60
C LEU D 441 -33.39 48.70 -0.91
N GLU D 442 -32.86 49.84 -0.46
CA GLU D 442 -31.46 49.87 -0.05
C GLU D 442 -31.26 49.22 1.31
N LYS D 443 -32.22 49.40 2.23
CA LYS D 443 -32.10 48.85 3.58
C LYS D 443 -33.45 48.34 4.04
N ASP D 444 -33.41 47.46 5.02
CA ASP D 444 -34.62 46.79 5.49
C ASP D 444 -35.62 47.80 6.05
N LYS D 445 -36.87 47.68 5.62
CA LYS D 445 -37.98 48.49 6.08
C LYS D 445 -39.06 47.59 6.65
N ALA D 446 -39.55 47.92 7.84
CA ALA D 446 -40.77 47.29 8.32
C ALA D 446 -41.97 47.83 7.54
N VAL D 447 -42.95 46.95 7.33
CA VAL D 447 -44.16 47.24 6.55
C VAL D 447 -45.35 46.56 7.24
N ASN D 448 -46.54 46.77 6.67
CA ASN D 448 -47.79 46.23 7.20
C ASN D 448 -48.23 44.95 6.52
N VAL D 449 -48.00 44.83 5.22
CA VAL D 449 -48.39 43.67 4.44
C VAL D 449 -47.23 43.27 3.55
N LEU D 450 -46.94 41.98 3.52
CA LEU D 450 -45.96 41.39 2.62
C LEU D 450 -46.68 40.48 1.63
N GLY D 451 -46.26 40.54 0.37
CA GLY D 451 -46.82 39.66 -0.64
C GLY D 451 -46.35 38.22 -0.43
N THR D 452 -47.30 37.30 -0.22
CA THR D 452 -46.98 35.90 0.09
C THR D 452 -46.37 35.14 -1.06
N GLY D 453 -46.18 35.76 -2.22
CA GLY D 453 -45.32 35.18 -3.24
C GLY D 453 -43.85 35.33 -2.96
N THR D 454 -43.50 35.97 -1.84
CA THR D 454 -42.11 36.34 -1.57
C THR D 454 -41.74 36.32 -0.08
N VAL D 455 -42.46 35.62 0.79
CA VAL D 455 -42.21 35.69 2.24
C VAL D 455 -41.41 34.48 2.70
N SER D 456 -40.94 34.55 3.94
CA SER D 456 -40.18 33.50 4.61
C SER D 456 -40.31 33.73 6.10
N PHE D 457 -40.36 32.65 6.87
CA PHE D 457 -40.47 32.78 8.31
C PHE D 457 -40.24 31.41 8.92
N ARG D 458 -39.90 31.41 10.20
CA ARG D 458 -39.79 30.16 10.93
C ARG D 458 -41.18 29.74 11.42
N VAL D 459 -41.48 28.45 11.28
CA VAL D 459 -42.83 27.95 11.58
C VAL D 459 -43.17 28.16 13.05
N SER D 460 -42.18 28.02 13.93
CA SER D 460 -42.38 28.12 15.38
C SER D 460 -42.68 29.54 15.86
N LEU D 461 -42.73 30.55 14.99
CA LEU D 461 -43.25 31.84 15.40
C LEU D 461 -44.70 31.75 15.84
N PHE D 462 -45.44 30.76 15.34
CA PHE D 462 -46.88 30.65 15.53
C PHE D 462 -47.16 29.37 16.31
N ASN D 463 -47.96 29.49 17.38
CA ASN D 463 -48.28 28.36 18.24
C ASN D 463 -49.52 27.60 17.79
N GLN D 464 -50.42 28.26 17.07
CA GLN D 464 -51.64 27.62 16.60
C GLN D 464 -52.09 28.36 15.35
N PHE D 465 -52.71 27.63 14.45
CA PHE D 465 -53.16 28.17 13.18
C PHE D 465 -54.17 27.22 12.57
N SER D 466 -55.25 27.78 12.03
CA SER D 466 -56.22 26.98 11.28
C SER D 466 -56.57 27.73 10.01
N LEU D 467 -56.42 27.05 8.87
CA LEU D 467 -56.66 27.65 7.57
C LEU D 467 -58.13 27.98 7.34
N SER D 468 -59.04 27.38 8.13
CA SER D 468 -60.44 27.77 8.04
C SER D 468 -60.63 29.25 8.39
N ASP D 469 -59.77 29.79 9.27
CA ASP D 469 -59.83 31.21 9.60
C ASP D 469 -59.67 32.07 8.35
N PHE D 470 -58.85 31.63 7.39
CA PHE D 470 -58.74 32.32 6.11
C PHE D 470 -60.06 32.08 5.38
N THR D 471 -61.07 32.85 5.77
CA THR D 471 -62.45 32.67 5.29
C THR D 471 -62.49 32.86 3.78
N HIS D 472 -62.29 34.09 3.32
CA HIS D 472 -62.40 34.37 1.91
C HIS D 472 -61.10 34.01 1.20
N SER D 473 -61.23 33.55 -0.04
CA SER D 473 -60.08 33.28 -0.86
C SER D 473 -59.67 34.56 -1.59
N GLY D 474 -58.43 34.60 -2.06
CA GLY D 474 -57.96 35.74 -2.80
C GLY D 474 -57.36 36.86 -1.97
N MET D 475 -57.12 36.64 -0.68
CA MET D 475 -56.60 37.66 0.23
C MET D 475 -55.59 37.04 1.18
N ALA D 476 -54.71 36.18 0.64
CA ALA D 476 -53.74 35.52 1.50
C ALA D 476 -52.78 36.51 2.13
N ASP D 477 -52.45 37.60 1.42
CA ASP D 477 -51.57 38.62 1.97
C ASP D 477 -52.15 39.25 3.22
N ILE D 478 -53.45 39.59 3.19
CA ILE D 478 -54.05 40.31 4.29
C ILE D 478 -54.22 39.38 5.49
N TYR D 479 -54.79 38.19 5.26
CA TYR D 479 -54.99 37.26 6.35
C TYR D 479 -53.67 36.85 6.98
N PHE D 480 -52.60 36.77 6.18
CA PHE D 480 -51.29 36.47 6.75
C PHE D 480 -50.73 37.66 7.50
N SER D 481 -51.06 38.88 7.06
CA SER D 481 -50.67 40.05 7.83
C SER D 481 -51.37 40.07 9.18
N LEU D 482 -52.69 39.83 9.17
CA LEU D 482 -53.44 39.81 10.42
C LEU D 482 -52.98 38.67 11.34
N LEU D 483 -52.59 37.53 10.77
CA LEU D 483 -51.99 36.47 11.58
C LEU D 483 -50.72 36.96 12.26
N CYS D 484 -49.88 37.69 11.53
CA CYS D 484 -48.67 38.23 12.11
C CYS D 484 -48.99 39.25 13.18
N LYS D 485 -50.00 40.08 12.94
CA LYS D 485 -50.33 41.15 13.86
C LYS D 485 -50.84 40.60 15.19
N LYS D 486 -51.79 39.66 15.15
CA LYS D 486 -52.34 39.13 16.40
C LYS D 486 -51.33 38.33 17.20
N ASN D 487 -50.26 37.84 16.57
CA ASN D 487 -49.22 37.10 17.27
C ASN D 487 -48.05 37.99 17.65
N ASN D 488 -48.18 39.30 17.45
CA ASN D 488 -47.12 40.26 17.76
C ASN D 488 -45.84 39.92 17.00
N ILE D 489 -45.99 39.73 15.69
CA ILE D 489 -44.90 39.38 14.79
C ILE D 489 -44.72 40.51 13.79
N LEU D 490 -43.47 40.91 13.58
CA LEU D 490 -43.14 42.03 12.71
C LEU D 490 -42.86 41.52 11.30
N GLN D 491 -43.28 42.31 10.30
CA GLN D 491 -43.05 42.00 8.89
C GLN D 491 -42.01 42.97 8.34
N ILE D 492 -40.90 42.43 7.85
CA ILE D 492 -39.73 43.20 7.42
C ILE D 492 -39.60 43.04 5.91
N CYS D 493 -39.53 44.17 5.21
CA CYS D 493 -39.27 44.18 3.77
C CYS D 493 -37.76 44.31 3.57
N ILE D 494 -37.12 43.24 3.08
CA ILE D 494 -35.67 43.22 3.08
C ILE D 494 -35.12 43.97 1.87
N SER D 495 -33.85 44.35 1.97
CA SER D 495 -33.18 45.05 0.89
C SER D 495 -32.81 44.09 -0.22
N ARG D 496 -32.73 44.63 -1.43
CA ARG D 496 -32.47 43.84 -2.63
C ARG D 496 -32.17 44.78 -3.79
N PRO D 497 -31.33 44.39 -4.74
CA PRO D 497 -31.13 45.22 -5.93
C PRO D 497 -32.33 45.16 -6.86
N ALA D 498 -32.31 46.04 -7.85
CA ALA D 498 -33.38 46.07 -8.85
C ALA D 498 -33.35 44.79 -9.66
N ASN D 499 -34.52 44.19 -9.85
CA ASN D 499 -34.69 42.99 -10.67
C ASN D 499 -33.97 41.79 -10.08
N TRP D 500 -33.77 41.76 -8.77
CA TRP D 500 -33.32 40.53 -8.13
C TRP D 500 -34.35 39.43 -8.34
N LEU D 501 -35.61 39.73 -8.06
CA LEU D 501 -36.76 39.00 -8.55
C LEU D 501 -37.39 39.81 -9.67
N THR D 502 -38.07 39.12 -10.57
CA THR D 502 -38.70 39.76 -11.71
C THR D 502 -40.01 39.06 -12.05
N GLU D 503 -40.77 39.70 -12.93
CA GLU D 503 -42.05 39.19 -13.40
C GLU D 503 -41.87 38.28 -14.60
N ASP D 504 -42.78 37.29 -14.74
CA ASP D 504 -42.78 36.36 -15.88
C ASP D 504 -44.23 36.14 -16.32
N ASN D 505 -44.73 37.06 -17.15
CA ASN D 505 -46.09 36.96 -17.69
C ASN D 505 -46.04 36.73 -19.21
N ASN D 518 -63.30 44.00 -7.62
CA ASN D 518 -63.22 42.77 -6.85
C ASN D 518 -62.40 42.92 -5.56
N ASP D 519 -61.82 44.10 -5.33
CA ASP D 519 -61.04 44.38 -4.14
C ASP D 519 -61.91 44.93 -2.99
N GLU D 520 -63.22 44.71 -3.05
CA GLU D 520 -64.12 45.30 -2.04
C GLU D 520 -63.95 44.62 -0.69
N GLN D 521 -63.91 43.28 -0.68
CA GLN D 521 -63.78 42.56 0.59
C GLN D 521 -62.44 42.84 1.27
N GLN D 522 -61.40 43.17 0.49
CA GLN D 522 -60.09 43.51 1.06
C GLN D 522 -60.17 44.74 1.94
N THR D 523 -60.68 45.85 1.39
CA THR D 523 -60.74 47.09 2.15
C THR D 523 -61.61 46.93 3.40
N GLN D 524 -62.63 46.08 3.34
CA GLN D 524 -63.44 45.81 4.52
C GLN D 524 -62.56 45.25 5.64
N LEU D 525 -61.80 44.20 5.34
CA LEU D 525 -61.01 43.56 6.37
C LEU D 525 -59.88 44.47 6.86
N ILE D 526 -59.29 45.25 5.95
CA ILE D 526 -58.29 46.23 6.34
C ILE D 526 -58.88 47.17 7.38
N MET D 527 -60.03 47.76 7.07
CA MET D 527 -60.58 48.75 7.97
C MET D 527 -61.09 48.12 9.26
N GLU D 528 -61.59 46.89 9.17
CA GLU D 528 -62.07 46.21 10.36
C GLU D 528 -60.94 45.92 11.35
N ASN D 529 -59.71 45.76 10.87
CA ASN D 529 -58.61 45.29 11.70
C ASN D 529 -57.51 46.32 11.85
N GLY D 530 -57.90 47.59 11.96
CA GLY D 530 -56.95 48.65 12.24
C GLY D 530 -56.35 48.50 13.63
N PRO D 531 -55.35 49.34 13.96
CA PRO D 531 -54.73 50.38 13.15
C PRO D 531 -53.59 49.81 12.31
N TRP D 532 -53.06 50.58 11.37
CA TRP D 532 -52.00 50.13 10.49
C TRP D 532 -50.90 51.20 10.54
N GLY D 533 -50.08 51.28 9.50
CA GLY D 533 -49.02 52.26 9.52
C GLY D 533 -48.00 52.01 10.61
N TYR D 534 -47.26 53.06 10.95
CA TYR D 534 -46.24 52.94 11.97
C TYR D 534 -46.82 52.71 13.37
N SER D 535 -48.12 52.94 13.57
CA SER D 535 -48.73 52.59 14.85
C SER D 535 -48.84 51.09 15.01
N SER D 536 -49.04 50.36 13.91
CA SER D 536 -49.04 48.90 13.95
C SER D 536 -47.63 48.36 14.14
N ILE D 537 -46.61 49.10 13.69
CA ILE D 537 -45.23 48.61 13.67
C ILE D 537 -44.48 48.99 14.94
N TYR D 538 -44.67 50.22 15.43
CA TYR D 538 -43.82 50.73 16.51
C TYR D 538 -43.84 49.88 17.79
N PRO D 539 -44.95 49.30 18.23
CA PRO D 539 -44.89 48.45 19.43
C PRO D 539 -43.91 47.29 19.33
N LEU D 540 -43.69 46.79 18.13
CA LEU D 540 -42.82 45.65 17.90
C LEU D 540 -41.37 46.06 17.72
N VAL D 541 -41.13 47.25 17.15
CA VAL D 541 -39.80 47.83 17.07
C VAL D 541 -39.29 48.38 18.41
N LYS D 542 -40.20 48.50 19.39
CA LYS D 542 -40.07 49.44 20.50
C LYS D 542 -38.78 49.24 21.29
N ASN D 543 -38.61 48.08 21.93
CA ASN D 543 -37.52 47.84 22.86
C ASN D 543 -36.49 46.86 22.33
N HIS D 544 -36.56 46.54 21.04
CA HIS D 544 -35.64 45.60 20.42
C HIS D 544 -34.62 46.38 19.62
N PRO D 545 -33.33 46.38 20.00
CA PRO D 545 -32.38 47.24 19.27
C PRO D 545 -32.05 46.74 17.87
N LYS D 546 -32.37 45.49 17.52
CA LYS D 546 -32.13 45.02 16.16
C LYS D 546 -33.14 45.63 15.19
N PHE D 547 -34.35 45.93 15.67
CA PHE D 547 -35.40 46.52 14.86
C PHE D 547 -35.33 48.04 14.80
N THR D 548 -34.39 48.67 15.52
CA THR D 548 -34.47 50.12 15.73
C THR D 548 -34.45 50.90 14.42
N ASP D 549 -33.77 50.39 13.39
CA ASP D 549 -33.58 51.10 12.14
C ASP D 549 -34.57 50.67 11.05
N LEU D 550 -35.55 49.84 11.38
CA LEU D 550 -36.52 49.37 10.39
C LEU D 550 -37.57 50.41 10.01
N ILE D 551 -37.45 51.64 10.47
CA ILE D 551 -38.54 52.60 10.37
C ILE D 551 -37.96 54.01 10.22
N PRO D 552 -38.40 54.79 9.21
CA PRO D 552 -37.93 56.18 9.10
C PRO D 552 -38.12 57.01 10.37
MN MN E . 28.98 8.69 52.48
N1 UDP F . 35.88 11.47 48.19
C2 UDP F . 36.88 11.94 47.34
N3 UDP F . 38.15 11.84 47.82
C4 UDP F . 38.53 11.32 49.03
C5 UDP F . 37.46 10.85 49.86
C6 UDP F . 36.20 10.94 49.41
O2 UDP F . 36.67 12.42 46.23
O4 UDP F . 39.73 11.29 49.33
C1' UDP F . 34.46 11.53 47.76
C2' UDP F . 33.77 10.18 47.60
O2' UDP F . 34.23 9.50 46.45
C3' UDP F . 32.34 10.71 47.45
C4' UDP F . 32.29 11.78 48.53
O4' UDP F . 33.68 12.17 48.74
O3' UDP F . 32.07 11.25 46.17
C5' UDP F . 31.68 11.37 49.85
O5' UDP F . 32.59 10.58 50.63
PA UDP F . 32.04 9.97 52.01
O1A UDP F . 33.19 9.55 52.86
O2A UDP F . 30.98 8.97 51.73
O3A UDP F . 31.34 11.25 52.69
PB UDP F . 30.30 11.37 53.94
O1B UDP F . 29.06 10.61 53.51
O2B UDP F . 30.06 12.85 54.03
O3B UDP F . 31.00 10.75 55.13
HN3 UDP F . 38.92 12.19 47.19
H5 UDP F . 37.67 10.43 50.83
H6 UDP F . 35.41 10.59 50.05
H1' UDP F . 34.48 12.09 46.81
H2' UDP F . 33.90 9.52 48.47
HO2' UDP F . 33.47 9.25 45.92
H3' UDP F . 31.64 9.89 47.66
H4' UDP F . 31.74 12.64 48.14
HO3' UDP F . 31.45 10.67 45.71
H5'1 UDP F . 30.78 10.77 49.65
H5'2 UDP F . 31.41 12.26 50.40
MN MN G . -7.03 -3.02 35.57
N1 UDP H . -1.08 1.85 37.10
C2 UDP H . 0.14 2.26 37.56
N3 UDP H . 0.40 3.59 37.41
C4 UDP H . -0.41 4.55 36.84
C5 UDP H . -1.66 4.06 36.38
C6 UDP H . -1.94 2.77 36.51
O2 UDP H . 0.96 1.53 38.10
O4 UDP H . -0.02 5.71 36.78
C1' UDP H . -1.45 0.43 37.23
C2' UDP H . -2.78 0.16 37.94
O2' UDP H . -2.58 0.29 39.35
C3' UDP H . -3.04 -1.27 37.49
C4' UDP H . -2.38 -1.33 36.12
O4' UDP H . -1.61 -0.13 35.96
O3' UDP H . -2.53 -2.27 38.36
C5' UDP H . -3.36 -1.37 34.99
O5' UDP H . -4.03 -0.10 34.99
PA UDP H . -5.62 -0.06 34.87
O1A UDP H . -5.95 1.39 34.91
O2A UDP H . -6.18 -0.94 35.93
O3A UDP H . -5.85 -0.76 33.45
PB UDP H . -7.24 -1.30 32.82
O1B UDP H . -6.83 -2.13 31.62
O2B UDP H . -7.97 -0.03 32.45
O3B UDP H . -7.96 -2.08 33.92
HN3 UDP H . 1.31 3.90 37.77
H5 UDP H . -2.38 4.73 35.91
H6 UDP H . -2.89 2.40 36.14
H1' UDP H . -0.64 -0.07 37.78
H2' UDP H . -3.59 0.83 37.63
HO2' UDP H . -3.13 -0.35 39.81
H3' UDP H . -4.12 -1.39 37.38
H4' UDP H . -1.69 -2.18 36.12
HO3' UDP H . -1.70 -1.95 38.68
H5'1 UDP H . -4.08 -2.18 35.13
H5'2 UDP H . -2.84 -1.51 34.04
NA NA I . 9.90 -10.62 51.37
CL CL J . -2.51 0.20 28.41
CL CL K . 11.63 1.37 47.70
CL CL L . 20.34 10.29 27.24
MN MN M . -22.23 -2.71 -56.15
N1 UDP N . -17.34 4.04 -57.79
C2 UDP N . -16.54 5.17 -57.91
N3 UDP N . -16.87 6.01 -58.95
C4 UDP N . -17.90 5.84 -59.85
C5 UDP N . -18.69 4.66 -59.66
C6 UDP N . -18.38 3.83 -58.67
O2 UDP N . -15.59 5.44 -57.19
O4 UDP N . -18.08 6.68 -60.72
C1' UDP N . -17.04 3.07 -56.71
C2' UDP N . -18.18 2.67 -55.77
O2' UDP N . -18.27 3.63 -54.73
C3' UDP N . -17.62 1.32 -55.29
C4' UDP N . -17.05 0.74 -56.58
O4' UDP N . -16.61 1.88 -57.33
O3' UDP N . -16.64 1.44 -54.27
C5' UDP N . -17.98 -0.10 -57.43
O5' UDP N . -19.31 0.43 -57.42
PA UDP N . -20.58 -0.41 -57.92
O1A UDP N . -21.20 0.30 -59.08
O2A UDP N . -21.46 -0.72 -56.76
O3A UDP N . -19.87 -1.73 -58.48
PB UDP N . -20.52 -3.12 -59.01
O1B UDP N . -21.44 -3.51 -57.87
O2B UDP N . -19.32 -4.04 -59.12
O3B UDP N . -21.21 -2.80 -60.31
HN3 UDP N . -16.28 6.86 -59.07
H5 UDP N . -19.51 4.45 -60.32
H6 UDP N . -18.97 2.93 -58.54
H1' UDP N . -16.27 3.53 -56.08
H2' UDP N . -19.15 2.56 -56.27
HO2' UDP N . -18.33 3.18 -53.89
H3' UDP N . -18.45 0.69 -54.92
H4' UDP N . -16.19 0.11 -56.31
HO3' UDP N . -16.17 0.61 -54.14
H5'1 UDP N . -18.00 -1.12 -57.05
H5'2 UDP N . -17.62 -0.10 -58.46
MN MN O . -23.21 -22.84 -20.08
N1 UDP P . -19.84 -19.76 -26.29
C2 UDP P . -19.72 -19.03 -27.45
N3 UDP P . -18.50 -19.09 -28.05
C4 UDP P . -17.39 -19.78 -27.63
C5 UDP P . -17.58 -20.51 -26.42
C6 UDP P . -18.76 -20.47 -25.81
O2 UDP P . -20.60 -18.35 -27.97
O4 UDP P . -16.35 -19.73 -28.28
C1' UDP P . -21.15 -19.73 -25.60
C2' UDP P . -21.73 -21.09 -25.21
O2' UDP P . -22.28 -21.75 -26.35
C3' UDP P . -22.79 -20.59 -24.22
C4' UDP P . -22.02 -19.50 -23.49
O4' UDP P . -20.96 -19.08 -24.37
O3' UDP P . -23.99 -20.14 -24.84
C5' UDP P . -21.45 -19.90 -22.17
O5' UDP P . -20.41 -20.84 -22.38
PA UDP P . -20.34 -22.13 -21.44
O1A UDP P . -19.09 -22.85 -21.80
O2A UDP P . -21.68 -22.76 -21.61
O3A UDP P . -20.22 -21.48 -19.97
PB UDP P . -20.44 -22.28 -18.57
O1B UDP P . -20.76 -21.22 -17.55
O2B UDP P . -19.14 -22.99 -18.28
O3B UDP P . -21.54 -23.27 -18.85
HN3 UDP P . -18.42 -18.56 -28.91
H5 UDP P . -16.77 -21.10 -26.00
H6 UDP P . -18.89 -21.02 -24.89
H1' UDP P . -21.86 -19.22 -26.26
H2' UDP P . -21.01 -21.78 -24.74
HO2' UDP P . -21.83 -22.61 -26.44
H3' UDP P . -23.05 -21.39 -23.51
H4' UDP P . -22.70 -18.64 -23.37
HO3' UDP P . -23.91 -19.21 -25.08
H5'1 UDP P . -22.22 -20.35 -21.55
H5'2 UDP P . -21.04 -19.02 -21.66
NA NA Q . -37.85 -13.10 -36.77
C1 EDO R . -36.97 -25.44 -16.42
O1 EDO R . -37.17 -26.77 -16.96
C2 EDO R . -37.65 -24.40 -17.31
O2 EDO R . -37.37 -24.61 -18.69
H11 EDO R . -35.91 -25.23 -16.36
H12 EDO R . -37.38 -25.38 -15.42
HO1 EDO R . -36.74 -27.41 -16.38
H21 EDO R . -37.31 -23.40 -17.02
H22 EDO R . -38.73 -24.44 -17.16
HO2 EDO R . -37.80 -23.94 -19.22
CL CL S . -21.34 16.14 -51.41
CA CA T . -47.74 -13.06 -12.38
CL CL U . -16.76 -17.11 -18.42
CL CL V . -25.78 -13.68 -40.28
CL CL W . -28.76 -21.46 -1.08
C1 EDO X . -25.94 0.38 -29.42
O1 EDO X . -27.04 -0.20 -30.13
C2 EDO X . -26.01 0.04 -27.93
O2 EDO X . -24.97 0.73 -27.23
H11 EDO X . -25.00 0.03 -29.83
H12 EDO X . -25.96 1.47 -29.54
HO1 EDO X . -27.01 0.07 -31.05
H21 EDO X . -26.99 0.32 -27.53
H22 EDO X . -25.89 -1.04 -27.80
HO2 EDO X . -25.12 0.64 -26.28
MN MN Y . 40.53 -45.21 14.11
N1 UDP Z . 34.28 -48.67 18.45
C2 UDP Z . 33.12 -49.16 19.04
N3 UDP Z . 33.30 -50.02 20.09
C4 UDP Z . 34.51 -50.43 20.62
C5 UDP Z . 35.67 -49.89 19.96
C6 UDP Z . 35.51 -49.06 18.93
O2 UDP Z . 31.99 -48.88 18.68
O4 UDP Z . 34.52 -51.20 21.57
C1' UDP Z . 34.18 -47.74 17.29
C2' UDP Z . 34.96 -46.42 17.37
O2' UDP Z . 34.21 -45.45 18.09
C3' UDP Z . 35.05 -46.06 15.90
C4' UDP Z . 35.21 -47.42 15.21
O4' UDP Z . 34.69 -48.39 16.16
O3' UDP Z . 33.93 -45.35 15.41
C5' UDP Z . 36.61 -47.79 14.85
O5' UDP Z . 37.44 -47.76 16.02
PA UDP Z . 39.03 -47.72 15.83
O1A UDP Z . 39.66 -48.55 16.90
O2A UDP Z . 39.53 -46.32 15.67
O3A UDP Z . 39.21 -48.49 14.42
PB UDP Z . 40.48 -48.55 13.39
O1B UDP Z . 40.58 -47.16 12.79
O2B UDP Z . 40.04 -49.60 12.39
O3B UDP Z . 41.65 -48.95 14.26
HN3 UDP Z . 32.44 -50.39 20.55
H5 UDP Z . 36.65 -50.16 20.30
H6 UDP Z . 36.40 -48.67 18.45
H1' UDP Z . 33.11 -47.49 17.20
H2' UDP Z . 35.94 -46.56 17.84
HO2' UDP Z . 34.65 -45.27 18.93
H3' UDP Z . 35.96 -45.47 15.73
H4' UDP Z . 34.56 -47.44 14.33
HO3' UDP Z . 33.95 -44.45 15.75
H5'1 UDP Z . 37.00 -47.08 14.12
H5'2 UDP Z . 36.63 -48.79 14.42
MN MN AA . 38.80 -11.22 -8.89
N1 UDP BA . 36.64 -18.40 -6.71
C2 UDP BA . 36.56 -19.58 -6.00
N3 UDP BA . 35.80 -20.54 -6.59
C4 UDP BA . 35.11 -20.48 -7.78
C5 UDP BA . 35.22 -19.23 -8.45
C6 UDP BA . 35.96 -18.27 -7.91
O2 UDP BA . 37.12 -19.81 -4.94
O4 UDP BA . 34.47 -21.46 -8.15
C1' UDP BA . 37.46 -17.30 -6.15
C2' UDP BA . 38.47 -16.69 -7.11
O2' UDP BA . 39.62 -17.53 -7.17
C3' UDP BA . 38.72 -15.39 -6.38
C4' UDP BA . 37.33 -15.03 -5.82
O4' UDP BA . 36.60 -16.27 -5.77
O3' UDP BA . 39.71 -15.52 -5.38
C5' UDP BA . 36.54 -14.05 -6.63
O5' UDP BA . 36.29 -14.61 -7.91
PA UDP BA . 36.64 -13.72 -9.19
O1A UDP BA . 36.06 -14.45 -10.34
O2A UDP BA . 38.09 -13.41 -9.12
O3A UDP BA . 35.76 -12.40 -8.96
PB UDP BA . 35.72 -11.13 -9.97
O1B UDP BA . 34.82 -10.16 -9.23
O2B UDP BA . 35.10 -11.61 -11.25
O3B UDP BA . 37.16 -10.69 -10.15
HN3 UDP BA . 35.75 -21.43 -6.08
H5 UDP BA . 34.71 -19.07 -9.40
H6 UDP BA . 36.03 -17.32 -8.42
H1' UDP BA . 38.00 -17.70 -5.27
H2' UDP BA . 38.09 -16.53 -8.13
HO2' UDP BA . 39.75 -17.80 -8.09
H3' UDP BA . 39.00 -14.59 -7.08
H4' UDP BA . 37.48 -14.67 -4.80
HO3' UDP BA . 39.30 -15.85 -4.58
H5'1 UDP BA . 37.11 -13.12 -6.74
H5'2 UDP BA . 35.59 -13.84 -6.13
NA NA CA . 52.08 -21.04 9.07
C1 EDO DA . 33.48 -11.24 0.68
O1 EDO DA . 33.54 -10.66 -0.64
C2 EDO DA . 33.18 -10.12 1.68
O2 EDO DA . 32.03 -9.40 1.28
H11 EDO DA . 34.43 -11.71 0.92
H12 EDO DA . 32.69 -11.99 0.71
HO1 EDO DA . 33.71 -11.36 -1.29
H21 EDO DA . 34.04 -9.45 1.75
H22 EDO DA . 33.02 -10.57 2.67
HO2 EDO DA . 31.84 -8.70 1.92
CL CL EA . 30.25 -12.42 -7.14
CL CL FA . 32.62 -17.64 13.96
CL CL GA . 43.22 -29.29 3.79
CL CL HA . 59.66 -16.57 -3.90
CL CL IA . 35.98 8.70 -8.58
CL CL JA . 19.74 -30.18 7.47
CL CL KA . 27.14 -29.33 -8.59
MN MN LA . -48.80 37.92 -9.63
N1 UDP MA . -53.72 31.40 -7.83
C2 UDP MA . -54.42 30.28 -7.40
N3 UDP MA . -55.72 30.19 -7.83
C4 UDP MA . -56.38 31.09 -8.65
C5 UDP MA . -55.60 32.21 -9.05
C6 UDP MA . -54.34 32.33 -8.64
O2 UDP MA . -53.96 29.42 -6.68
O4 UDP MA . -57.56 30.86 -8.94
C1' UDP MA . -52.31 31.58 -7.40
C2' UDP MA . -51.26 31.81 -8.49
O2' UDP MA . -50.87 30.59 -9.07
C3' UDP MA . -50.15 32.41 -7.63
C4' UDP MA . -50.92 33.29 -6.65
O4' UDP MA . -52.24 32.72 -6.58
O3' UDP MA . -49.36 31.44 -6.98
C5' UDP MA . -51.06 34.73 -7.06
O5' UDP MA . -51.91 34.82 -8.19
PA UDP MA . -51.82 36.17 -9.05
O1A UDP MA . -53.02 36.22 -9.92
O2A UDP MA . -50.48 36.26 -9.68
O3A UDP MA . -51.91 37.26 -7.87
PB UDP MA . -51.49 38.83 -7.82
O1B UDP MA . -50.03 38.91 -8.21
O2B UDP MA . -51.76 39.22 -6.38
O3B UDP MA . -52.41 39.51 -8.80
HN3 UDP MA . -56.25 29.36 -7.52
H5 UDP MA . -56.04 32.97 -9.70
H6 UDP MA . -53.77 33.20 -8.95
H1' UDP MA . -52.03 30.65 -6.87
H2' UDP MA . -51.62 32.49 -9.28
HO2' UDP MA . -51.65 30.08 -9.31
H3' UDP MA . -49.51 33.04 -8.26
H4' UDP MA . -50.44 33.21 -5.67
HO3' UDP MA . -48.68 31.14 -7.59
H5'1 UDP MA . -50.08 35.13 -7.30
H5'2 UDP MA . -51.49 35.30 -6.23
MN MN NA . -7.41 37.97 -6.24
N1 UDP OA . -14.77 36.98 -3.90
C2 UDP OA . -16.14 36.87 -3.98
N3 UDP OA . -16.78 36.74 -2.79
C4 UDP OA . -16.21 36.69 -1.53
C5 UDP OA . -14.79 36.80 -1.51
C6 UDP OA . -14.14 36.94 -2.67
O2 UDP OA . -16.78 36.89 -5.02
O4 UDP OA . -16.92 36.57 -0.54
C1' UDP OA . -14.01 37.13 -5.15
C2' UDP OA . -13.13 38.38 -5.19
O2' UDP OA . -13.90 39.53 -5.53
C3' UDP OA . -12.20 37.97 -6.32
C4' UDP OA . -12.13 36.45 -6.23
O4' UDP OA . -13.13 36.05 -5.28
O3' UDP OA . -12.66 38.44 -7.56
C5' UDP OA . -10.82 35.94 -5.75
O5' UDP OA . -10.71 36.37 -4.39
PA UDP OA . -9.33 36.97 -3.86
O1A UDP OA . -9.57 37.10 -2.41
O2A UDP OA . -8.99 38.18 -4.67
O3A UDP OA . -8.35 35.75 -4.18
PB UDP OA . -6.73 35.71 -4.06
O1B UDP OA . -6.37 34.42 -4.76
O2B UDP OA . -6.46 35.71 -2.57
O3B UDP OA . -6.28 36.99 -4.75
HN3 UDP OA . -17.80 36.66 -2.85
H5 UDP OA . -14.25 36.78 -0.58
H6 UDP OA . -13.06 37.01 -2.65
H1' UDP OA . -14.73 37.16 -5.98
H2' UDP OA . -12.61 38.57 -4.24
HO2' UDP OA . -13.37 40.30 -5.34
H3' UDP OA . -11.19 38.34 -6.11
H4' UDP OA . -12.42 36.03 -7.21
HO3' UDP OA . -12.22 39.28 -7.70
H5'1 UDP OA . -10.00 36.37 -6.35
H5'2 UDP OA . -10.78 34.86 -5.81
NA NA PA . -24.62 44.29 -22.05
C1 EDO QA . -22.21 32.10 7.47
O1 EDO QA . -22.32 33.36 6.82
C2 EDO QA . -23.56 31.36 7.54
O2 EDO QA . -24.53 31.96 6.69
H11 EDO QA . -21.83 32.24 8.49
H12 EDO QA . -21.49 31.47 6.94
HO1 EDO QA . -21.46 33.79 6.79
H21 EDO QA . -23.92 31.39 8.58
H22 EDO QA . -23.41 30.32 7.26
HO2 EDO QA . -25.37 31.48 6.76
CL CL RA . -53.30 20.32 -17.22
CL CL SA . -24.41 24.15 -17.67
CL CL TA . -9.32 30.09 -2.99
CL CL UA . -29.69 40.86 -10.30
#